data_5KLB
#
_entry.id   5KLB
#
_cell.length_a   124.900
_cell.length_b   125.700
_cell.length_c   191.485
_cell.angle_alpha   90.00
_cell.angle_beta   90.00
_cell.angle_gamma   90.00
#
_symmetry.space_group_name_H-M   'P 21 2 21'
#
loop_
_entity.id
_entity.type
_entity.pdbx_description
1 polymer 'Ion transport protein'
2 non-polymer 1,2-DIMYRISTOYL-RAC-GLYCERO-3-PHOSPHOCHOLINE
3 non-polymer 'CALCIUM ION'
4 non-polymer 3-[(3-CHOLAMIDOPROPYL)DIMETHYLAMMONIO]-1-PROPANESULFONATE
5 water water
#
_entity_poly.entity_id   1
_entity_poly.type   'polypeptide(L)'
_entity_poly.pdbx_seq_one_letter_code
;MDYKDDDDKGSLVPRGSHMYLRITNIVESSFFTKFIIYLIVLNGITMGLETSKTFMQSFGVYTTLFNQIVITIFTIEIIL
RIYVHRISFFKDPWSLFDFFVVAISLVPTSSGFEILRVLRVLRLFRLVTAVPQMRKIVSALISVIPGMLSVIALMTLFFY
IFAIMATQLFGERFPEWFGTLGESFYTLFQVMTLDDWSNGIVRPLMEVYPYAWVFFIPFIFVVTFVMINLVVAIIVDAMA
ILNQKEEQHIIDEVQSHEDNINNEIIKLREEIVELKELIKTSLKN
;
_entity_poly.pdbx_strand_id   A,B,C,D
#
loop_
_chem_comp.id
_chem_comp.type
_chem_comp.name
_chem_comp.formula
CA non-polymer 'CALCIUM ION' 'Ca 2'
CPS non-polymer 3-[(3-CHOLAMIDOPROPYL)DIMETHYLAMMONIO]-1-PROPANESULFONATE 'C32 H58 N2 O7 S'
MC3 non-polymer 1,2-DIMYRISTOYL-RAC-GLYCERO-3-PHOSPHOCHOLINE 'C36 H72 N O8 P'
#
# COMPACT_ATOMS: atom_id res chain seq x y z
N MET A 19 -4.34 30.55 45.95
CA MET A 19 -2.87 30.52 45.86
C MET A 19 -2.35 29.51 44.79
N TYR A 20 -3.19 28.55 44.38
CA TYR A 20 -2.81 27.79 43.21
C TYR A 20 -2.47 28.86 42.16
N LEU A 21 -3.38 29.80 41.99
CA LEU A 21 -3.38 30.74 40.86
C LEU A 21 -2.09 31.55 40.71
N ARG A 22 -1.40 31.80 41.82
CA ARG A 22 -0.19 32.61 41.78
C ARG A 22 0.85 31.92 40.89
N ILE A 23 1.09 30.66 41.20
CA ILE A 23 1.98 29.82 40.42
C ILE A 23 1.33 29.35 39.12
N THR A 24 0.04 29.01 39.18
CA THR A 24 -0.73 28.54 38.02
C THR A 24 -0.59 29.48 36.81
N ASN A 25 -0.44 30.77 37.02
CA ASN A 25 -0.31 31.60 35.84
C ASN A 25 1.09 31.45 35.25
N ILE A 26 2.08 31.13 36.08
CA ILE A 26 3.45 30.94 35.59
C ILE A 26 3.61 29.66 34.73
N VAL A 27 3.08 28.55 35.24
CA VAL A 27 3.08 27.27 34.55
C VAL A 27 2.39 27.27 33.17
N GLU A 28 1.22 27.94 33.10
CA GLU A 28 0.42 27.98 31.88
C GLU A 28 0.93 28.99 30.85
N SER A 29 1.98 29.72 31.23
CA SER A 29 2.44 30.81 30.40
C SER A 29 3.13 30.35 29.15
N SER A 30 3.05 31.18 28.12
CA SER A 30 3.84 30.99 26.93
C SER A 30 5.34 30.86 27.25
N PHE A 31 5.79 31.49 28.34
CA PHE A 31 7.22 31.52 28.65
C PHE A 31 7.70 30.25 29.33
N PHE A 32 6.86 29.65 30.16
CA PHE A 32 7.22 28.41 30.84
C PHE A 32 7.48 27.30 29.81
N THR A 33 6.52 27.08 28.92
CA THR A 33 6.61 26.04 27.90
C THR A 33 7.77 26.32 26.97
N LYS A 34 7.86 27.52 26.41
CA LYS A 34 8.95 27.80 25.48
C LYS A 34 10.32 27.67 26.15
N PHE A 35 10.37 27.96 27.44
CA PHE A 35 11.62 27.82 28.21
C PHE A 35 12.02 26.35 28.27
N ILE A 36 11.05 25.47 28.45
CA ILE A 36 11.33 24.04 28.58
C ILE A 36 11.73 23.44 27.23
N ILE A 37 11.00 23.80 26.18
CA ILE A 37 11.34 23.34 24.84
C ILE A 37 12.76 23.76 24.44
N TYR A 38 13.13 24.97 24.83
CA TYR A 38 14.47 25.50 24.57
C TYR A 38 15.52 24.69 25.33
N LEU A 39 15.15 24.24 26.51
CA LEU A 39 16.05 23.43 27.32
C LEU A 39 16.25 22.06 26.70
N ILE A 40 15.14 21.42 26.36
CA ILE A 40 15.16 20.10 25.74
C ILE A 40 16.04 20.09 24.48
N VAL A 41 15.78 21.02 23.57
CA VAL A 41 16.54 21.07 22.33
C VAL A 41 18.03 21.32 22.62
N LEU A 42 18.31 22.01 23.71
CA LEU A 42 19.70 22.26 24.08
C LEU A 42 20.33 21.02 24.68
N ASN A 43 19.64 20.39 25.62
CA ASN A 43 20.13 19.18 26.26
C ASN A 43 20.26 18.07 25.23
N GLY A 44 19.46 18.17 24.17
CA GLY A 44 19.48 17.19 23.10
C GLY A 44 20.70 17.36 22.24
N ILE A 45 21.09 18.61 22.01
CA ILE A 45 22.36 18.89 21.32
C ILE A 45 23.53 18.45 22.18
N THR A 46 23.37 18.69 23.49
CA THR A 46 24.36 18.28 24.46
C THR A 46 24.62 16.78 24.41
N MET A 47 23.55 15.97 24.46
CA MET A 47 23.67 14.52 24.56
C MET A 47 24.38 13.85 23.35
N GLY A 48 24.17 14.44 22.18
CA GLY A 48 24.87 14.03 21.00
C GLY A 48 26.36 14.13 21.21
N LEU A 49 26.83 15.34 21.47
CA LEU A 49 28.27 15.60 21.65
C LEU A 49 28.88 14.70 22.73
N GLU A 50 28.05 14.24 23.66
CA GLU A 50 28.50 13.34 24.70
C GLU A 50 28.85 11.97 24.15
N THR A 51 28.55 11.72 22.88
CA THR A 51 28.85 10.42 22.30
C THR A 51 30.24 10.44 21.76
N SER A 52 30.70 11.62 21.35
CA SER A 52 32.07 11.84 20.92
C SER A 52 33.05 11.70 22.08
N LYS A 53 33.92 10.70 22.02
CA LYS A 53 34.87 10.50 23.13
C LYS A 53 35.88 11.62 23.21
N THR A 54 36.25 12.19 22.07
CA THR A 54 37.19 13.30 22.08
C THR A 54 36.52 14.52 22.72
N PHE A 55 35.24 14.78 22.41
CA PHE A 55 34.52 15.91 23.02
C PHE A 55 34.53 15.80 24.54
N MET A 56 34.23 14.60 25.06
CA MET A 56 34.16 14.37 26.50
C MET A 56 35.49 14.58 27.23
N GLN A 57 36.57 14.76 26.47
CA GLN A 57 37.83 15.17 27.07
C GLN A 57 37.83 16.70 27.13
N SER A 58 38.01 17.32 25.97
CA SER A 58 38.02 18.77 25.83
C SER A 58 36.88 19.52 26.55
N PHE A 59 35.73 18.89 26.82
CA PHE A 59 34.58 19.62 27.37
C PHE A 59 33.61 18.83 28.25
N GLY A 60 33.98 17.62 28.64
CA GLY A 60 33.09 16.75 29.41
C GLY A 60 32.53 17.33 30.70
N VAL A 61 33.33 18.15 31.38
CA VAL A 61 32.92 18.69 32.67
C VAL A 61 31.80 19.71 32.52
N TYR A 62 31.94 20.60 31.52
CA TYR A 62 30.92 21.59 31.22
C TYR A 62 29.55 20.91 30.98
N THR A 63 29.61 19.75 30.36
CA THR A 63 28.42 19.09 29.82
C THR A 63 27.73 18.24 30.87
N THR A 64 28.48 17.83 31.88
CA THR A 64 27.91 17.05 32.97
C THR A 64 27.16 18.00 33.86
N LEU A 65 27.71 19.21 33.96
CA LEU A 65 27.09 20.33 34.65
C LEU A 65 25.72 20.62 34.05
N PHE A 66 25.69 20.82 32.74
CA PHE A 66 24.47 21.17 32.05
C PHE A 66 23.40 20.11 32.26
N ASN A 67 23.79 18.86 32.19
CA ASN A 67 22.85 17.75 32.41
C ASN A 67 22.24 17.79 33.80
N GLN A 68 23.06 18.14 34.80
CA GLN A 68 22.59 18.18 36.17
C GLN A 68 21.72 19.40 36.43
N ILE A 69 22.08 20.52 35.80
CA ILE A 69 21.26 21.72 35.88
C ILE A 69 19.88 21.44 35.28
N VAL A 70 19.88 21.09 34.00
CA VAL A 70 18.66 20.72 33.29
C VAL A 70 17.81 19.71 34.07
N ILE A 71 18.45 18.72 34.69
CA ILE A 71 17.67 17.69 35.40
C ILE A 71 16.95 18.30 36.59
N THR A 72 17.51 19.37 37.12
CA THR A 72 16.95 20.04 38.30
C THR A 72 15.74 20.84 37.86
N ILE A 73 15.98 21.75 36.92
CA ILE A 73 14.95 22.53 36.26
C ILE A 73 13.77 21.67 35.88
N PHE A 74 14.03 20.55 35.22
CA PHE A 74 12.96 19.64 34.84
C PHE A 74 12.22 19.09 36.04
N THR A 75 12.94 18.85 37.14
CA THR A 75 12.30 18.24 38.30
C THR A 75 11.36 19.25 38.96
N ILE A 76 11.83 20.49 39.06
CA ILE A 76 11.00 21.58 39.53
C ILE A 76 9.73 21.68 38.69
N GLU A 77 9.88 21.78 37.36
CA GLU A 77 8.74 21.98 36.49
C GLU A 77 7.73 20.87 36.69
N ILE A 78 8.18 19.67 37.04
CA ILE A 78 7.23 18.60 37.22
C ILE A 78 6.48 18.84 38.52
N ILE A 79 7.19 19.37 39.52
CA ILE A 79 6.59 19.63 40.84
C ILE A 79 5.52 20.69 40.74
N LEU A 80 5.87 21.84 40.16
CA LEU A 80 4.91 22.89 39.89
C LEU A 80 3.69 22.35 39.16
N ARG A 81 3.94 21.58 38.10
CA ARG A 81 2.87 21.03 37.28
C ARG A 81 1.97 20.09 38.05
N ILE A 82 2.54 19.38 39.02
CA ILE A 82 1.71 18.54 39.86
C ILE A 82 0.93 19.43 40.82
N TYR A 83 1.58 20.47 41.33
CA TYR A 83 0.91 21.46 42.17
C TYR A 83 -0.28 22.09 41.43
N VAL A 84 -0.03 22.58 40.22
CA VAL A 84 -1.10 23.15 39.42
C VAL A 84 -2.14 22.12 39.04
N HIS A 85 -1.74 20.98 38.50
CA HIS A 85 -2.73 20.06 37.91
C HIS A 85 -3.29 19.05 38.89
N ARG A 86 -2.65 18.88 40.03
CA ARG A 86 -3.04 17.91 41.06
C ARG A 86 -3.31 16.53 40.44
N ILE A 87 -4.44 15.92 40.77
CA ILE A 87 -4.68 14.57 40.35
C ILE A 87 -4.86 14.45 38.85
N SER A 88 -5.22 15.55 38.20
CA SER A 88 -5.41 15.54 36.76
C SER A 88 -4.09 15.37 36.00
N PHE A 89 -2.99 15.46 36.75
CA PHE A 89 -1.66 15.28 36.21
C PHE A 89 -1.36 13.80 36.02
N PHE A 90 -1.87 12.98 36.93
CA PHE A 90 -1.55 11.56 36.92
C PHE A 90 -2.59 10.72 36.21
N LYS A 91 -3.39 11.35 35.37
CA LYS A 91 -4.25 10.64 34.43
C LYS A 91 -4.13 11.27 33.04
N ASP A 92 -3.09 12.08 32.90
CA ASP A 92 -2.65 12.61 31.61
C ASP A 92 -1.42 11.81 31.16
N PRO A 93 -1.53 11.04 30.06
CA PRO A 93 -0.45 10.17 29.61
C PRO A 93 0.79 10.96 29.26
N TRP A 94 0.58 12.13 28.67
CA TRP A 94 1.69 13.02 28.33
C TRP A 94 2.49 13.41 29.55
N SER A 95 1.80 13.62 30.65
CA SER A 95 2.43 14.05 31.86
C SER A 95 3.03 12.88 32.56
N LEU A 96 2.30 11.76 32.54
CA LEU A 96 2.81 10.51 33.11
C LEU A 96 4.15 10.18 32.47
N PHE A 97 4.21 10.27 31.14
CA PHE A 97 5.46 10.02 30.44
C PHE A 97 6.57 10.99 30.86
N ASP A 98 6.26 12.27 31.02
CA ASP A 98 7.24 13.26 31.44
C ASP A 98 7.76 12.96 32.83
N PHE A 99 6.86 12.43 33.66
CA PHE A 99 7.19 12.11 35.02
C PHE A 99 8.14 10.89 35.06
N PHE A 100 7.71 9.81 34.42
CA PHE A 100 8.45 8.55 34.44
C PHE A 100 9.81 8.70 33.74
N VAL A 101 9.90 9.62 32.81
CA VAL A 101 11.12 9.87 32.08
C VAL A 101 12.05 10.84 32.85
N VAL A 102 11.48 11.64 33.74
CA VAL A 102 12.29 12.56 34.54
C VAL A 102 12.75 11.84 35.80
N ALA A 103 11.88 11.04 36.40
CA ALA A 103 12.22 10.27 37.60
C ALA A 103 13.37 9.33 37.31
N ILE A 104 13.22 8.56 36.24
CA ILE A 104 14.27 7.63 35.79
C ILE A 104 15.62 8.34 35.76
N SER A 105 15.60 9.55 35.21
CA SER A 105 16.80 10.35 34.96
C SER A 105 17.46 10.88 36.25
N LEU A 106 16.94 10.46 37.39
CA LEU A 106 17.35 11.03 38.67
C LEU A 106 18.11 10.03 39.52
N VAL A 107 17.96 8.74 39.19
CA VAL A 107 18.71 7.70 39.88
C VAL A 107 20.22 7.84 39.59
N PRO A 108 21.05 7.58 40.60
CA PRO A 108 22.52 7.65 40.61
C PRO A 108 23.21 7.02 39.39
N THR A 109 24.13 7.77 38.77
CA THR A 109 24.81 7.40 37.53
C THR A 109 25.66 6.13 37.68
N SER A 110 26.00 5.81 38.92
CA SER A 110 26.69 4.57 39.25
C SER A 110 25.75 3.69 40.09
N SER A 111 25.46 2.48 39.61
CA SER A 111 24.53 1.57 40.28
C SER A 111 24.78 0.10 39.95
N GLY A 112 23.80 -0.75 40.26
CA GLY A 112 23.84 -2.16 39.92
C GLY A 112 23.37 -2.39 38.48
N PHE A 113 22.22 -1.80 38.15
CA PHE A 113 21.73 -1.80 36.77
C PHE A 113 21.97 -0.41 36.14
N GLU A 114 23.09 -0.25 35.44
CA GLU A 114 23.48 1.04 34.83
C GLU A 114 22.82 1.26 33.46
N ILE A 115 21.82 0.45 33.15
CA ILE A 115 21.04 0.61 31.93
C ILE A 115 20.23 1.91 32.01
N LEU A 116 19.77 2.23 33.22
CA LEU A 116 19.04 3.45 33.48
C LEU A 116 19.84 4.68 33.08
N ARG A 117 21.16 4.57 32.99
CA ARG A 117 21.96 5.70 32.54
C ARG A 117 21.67 5.97 31.08
N VAL A 118 21.32 4.91 30.36
CA VAL A 118 21.06 5.04 28.93
C VAL A 118 19.62 5.45 28.68
N LEU A 119 18.72 5.01 29.55
CA LEU A 119 17.30 5.35 29.45
C LEU A 119 17.04 6.86 29.54
N ARG A 120 17.93 7.59 30.20
CA ARG A 120 17.68 9.01 30.40
C ARG A 120 17.74 9.83 29.10
N VAL A 121 18.11 9.18 28.00
CA VAL A 121 18.05 9.85 26.71
C VAL A 121 16.59 9.87 26.26
N LEU A 122 15.76 8.99 26.84
CA LEU A 122 14.33 9.00 26.55
C LEU A 122 13.74 10.37 26.83
N ARG A 123 14.37 11.09 27.75
CA ARG A 123 13.98 12.45 28.10
C ARG A 123 13.88 13.38 26.90
N LEU A 124 14.57 13.05 25.81
CA LEU A 124 14.51 13.85 24.61
C LEU A 124 13.15 13.75 23.91
N PHE A 125 12.35 12.78 24.31
CA PHE A 125 11.04 12.61 23.74
C PHE A 125 10.06 13.63 24.35
N ARG A 126 10.54 14.43 25.29
CA ARG A 126 9.70 15.48 25.82
C ARG A 126 9.47 16.50 24.72
N LEU A 127 10.37 16.58 23.75
CA LEU A 127 10.15 17.45 22.59
C LEU A 127 8.82 17.08 21.92
N VAL A 128 8.58 15.78 21.76
CA VAL A 128 7.29 15.32 21.25
C VAL A 128 6.18 15.77 22.17
N THR A 129 6.43 15.59 23.45
CA THR A 129 5.46 15.76 24.52
C THR A 129 5.05 17.23 24.72
N ALA A 130 5.93 18.14 24.36
CA ALA A 130 5.79 19.54 24.71
C ALA A 130 5.40 20.38 23.51
N VAL A 131 5.49 19.80 22.33
CA VAL A 131 5.14 20.48 21.09
C VAL A 131 3.83 19.91 20.52
N PRO A 132 2.71 20.65 20.64
CA PRO A 132 1.40 20.13 20.22
C PRO A 132 1.35 19.58 18.78
N GLN A 133 2.17 20.13 17.90
CA GLN A 133 2.21 19.66 16.52
C GLN A 133 2.63 18.19 16.51
N MET A 134 3.70 17.89 17.24
CA MET A 134 4.19 16.53 17.37
C MET A 134 3.25 15.61 18.12
N ARG A 135 2.76 16.11 19.26
CA ARG A 135 1.68 15.53 20.02
C ARG A 135 0.56 14.96 19.16
N LYS A 136 0.18 15.72 18.12
CA LYS A 136 -0.96 15.34 17.31
C LYS A 136 -0.68 14.22 16.30
N ILE A 137 0.53 14.22 15.75
CA ILE A 137 1.08 13.08 14.99
C ILE A 137 1.04 11.78 15.79
N VAL A 138 1.66 11.83 16.97
CA VAL A 138 1.73 10.64 17.80
C VAL A 138 0.31 10.24 18.13
N SER A 139 -0.56 11.22 18.29
CA SER A 139 -1.94 10.90 18.64
C SER A 139 -2.67 10.23 17.52
N ALA A 140 -2.54 10.80 16.33
CA ALA A 140 -3.13 10.17 15.17
C ALA A 140 -2.64 8.73 15.04
N LEU A 141 -1.31 8.49 15.19
CA LEU A 141 -0.76 7.15 15.03
C LEU A 141 -1.31 6.14 16.04
N ILE A 142 -1.34 6.53 17.31
CA ILE A 142 -1.87 5.67 18.37
C ILE A 142 -3.33 5.24 18.16
N SER A 143 -4.08 6.07 17.45
CA SER A 143 -5.52 5.89 17.39
C SER A 143 -5.98 4.76 16.46
N VAL A 144 -5.09 4.23 15.63
CA VAL A 144 -5.49 3.07 14.84
C VAL A 144 -5.34 1.80 15.68
N ILE A 145 -4.64 1.88 16.81
CA ILE A 145 -4.33 0.69 17.56
C ILE A 145 -5.52 0.00 18.27
N PRO A 146 -6.42 0.77 18.93
CA PRO A 146 -7.49 0.05 19.64
C PRO A 146 -8.39 -0.81 18.75
N GLY A 147 -8.69 -0.31 17.57
CA GLY A 147 -9.42 -1.09 16.62
C GLY A 147 -8.71 -2.36 16.21
N MET A 148 -7.37 -2.35 16.29
CA MET A 148 -6.54 -3.48 15.84
C MET A 148 -6.29 -4.54 16.91
N LEU A 149 -6.47 -4.20 18.18
CA LEU A 149 -6.10 -5.11 19.26
C LEU A 149 -6.60 -6.54 19.06
N SER A 150 -7.76 -6.73 18.45
CA SER A 150 -8.25 -8.09 18.22
C SER A 150 -7.31 -8.86 17.25
N VAL A 151 -6.99 -8.25 16.11
CA VAL A 151 -6.16 -8.88 15.10
C VAL A 151 -4.71 -9.10 15.62
N ILE A 152 -4.20 -8.14 16.39
CA ILE A 152 -2.94 -8.31 17.05
C ILE A 152 -3.02 -9.52 17.99
N ALA A 153 -4.17 -9.75 18.59
CA ALA A 153 -4.30 -10.91 19.46
C ALA A 153 -4.35 -12.20 18.64
N LEU A 154 -5.09 -12.21 17.54
CA LEU A 154 -5.09 -13.36 16.68
C LEU A 154 -3.63 -13.74 16.28
N MET A 155 -2.85 -12.73 15.90
CA MET A 155 -1.52 -12.91 15.38
C MET A 155 -0.55 -13.45 16.42
N THR A 156 -0.61 -12.86 17.61
CA THR A 156 0.16 -13.33 18.74
C THR A 156 -0.17 -14.77 19.06
N LEU A 157 -1.44 -15.12 18.99
CA LEU A 157 -1.82 -16.48 19.24
C LEU A 157 -1.23 -17.37 18.18
N PHE A 158 -1.22 -16.86 16.96
CA PHE A 158 -0.69 -17.60 15.83
C PHE A 158 0.85 -17.86 15.99
N PHE A 159 1.60 -16.83 16.36
CA PHE A 159 3.00 -16.94 16.56
C PHE A 159 3.23 -17.95 17.65
N TYR A 160 2.48 -17.80 18.72
CA TYR A 160 2.63 -18.67 19.88
C TYR A 160 2.40 -20.15 19.56
N ILE A 161 1.38 -20.46 18.79
CA ILE A 161 1.15 -21.84 18.39
C ILE A 161 2.30 -22.34 17.52
N PHE A 162 2.74 -21.48 16.61
CA PHE A 162 3.82 -21.86 15.72
C PHE A 162 5.22 -21.90 16.43
N ALA A 163 5.43 -21.04 17.41
CA ALA A 163 6.63 -21.08 18.22
C ALA A 163 6.75 -22.44 18.92
N ILE A 164 5.64 -22.91 19.48
CA ILE A 164 5.62 -24.21 20.18
C ILE A 164 5.89 -25.34 19.21
N MET A 165 5.17 -25.37 18.10
CA MET A 165 5.42 -26.42 17.10
C MET A 165 6.91 -26.40 16.63
N ALA A 166 7.44 -25.20 16.43
CA ALA A 166 8.76 -25.08 15.86
C ALA A 166 9.84 -25.50 16.89
N THR A 167 9.62 -25.18 18.16
CA THR A 167 10.52 -25.65 19.20
C THR A 167 10.61 -27.17 19.23
N GLN A 168 9.49 -27.83 19.00
CA GLN A 168 9.40 -29.26 19.05
C GLN A 168 9.91 -29.94 17.83
N LEU A 169 9.76 -29.29 16.69
CA LEU A 169 10.12 -29.90 15.44
C LEU A 169 11.62 -29.75 15.18
N PHE A 170 12.19 -28.60 15.58
CA PHE A 170 13.53 -28.27 15.15
C PHE A 170 14.47 -27.82 16.27
N GLY A 171 13.98 -27.70 17.50
CA GLY A 171 14.85 -27.20 18.55
C GLY A 171 15.96 -28.13 18.98
N GLU A 172 15.82 -29.42 18.70
CA GLU A 172 16.86 -30.42 18.99
C GLU A 172 18.10 -30.14 18.14
N ARG A 173 17.94 -30.15 16.81
CA ARG A 173 19.03 -29.96 15.88
C ARG A 173 19.33 -28.47 15.59
N PHE A 174 18.45 -27.59 16.05
CA PHE A 174 18.69 -26.18 15.78
C PHE A 174 18.39 -25.33 16.99
N PRO A 175 19.04 -25.69 18.11
CA PRO A 175 18.76 -24.94 19.35
C PRO A 175 18.99 -23.44 19.22
N GLU A 176 19.96 -23.01 18.44
CA GLU A 176 20.19 -21.57 18.40
C GLU A 176 18.95 -20.84 17.84
N TRP A 177 18.30 -21.41 16.82
CA TRP A 177 17.13 -20.78 16.18
C TRP A 177 15.76 -21.14 16.85
N PHE A 178 15.67 -22.33 17.42
CA PHE A 178 14.42 -22.87 17.90
C PHE A 178 14.48 -23.64 19.23
N GLY A 179 15.59 -23.60 19.95
CA GLY A 179 15.75 -24.49 21.09
C GLY A 179 14.86 -24.18 22.27
N THR A 180 14.50 -22.91 22.37
CA THR A 180 13.68 -22.37 23.42
C THR A 180 12.50 -21.63 22.78
N LEU A 181 11.37 -21.53 23.47
CA LEU A 181 10.16 -20.92 22.92
C LEU A 181 10.44 -19.49 22.51
N GLY A 182 11.16 -18.76 23.35
CA GLY A 182 11.52 -17.41 23.02
C GLY A 182 12.35 -17.37 21.76
N GLU A 183 13.20 -18.38 21.60
CA GLU A 183 14.04 -18.43 20.45
C GLU A 183 13.19 -18.64 19.19
N SER A 184 12.23 -19.56 19.27
CA SER A 184 11.38 -19.81 18.13
C SER A 184 10.58 -18.56 17.77
N PHE A 185 10.19 -17.81 18.79
CA PHE A 185 9.49 -16.55 18.60
C PHE A 185 10.37 -15.61 17.80
N TYR A 186 11.57 -15.35 18.32
CA TYR A 186 12.54 -14.47 17.66
C TYR A 186 12.75 -14.89 16.21
N THR A 187 13.06 -16.16 16.01
CA THR A 187 13.23 -16.64 14.66
C THR A 187 11.95 -16.42 13.81
N LEU A 188 10.80 -16.83 14.30
CA LEU A 188 9.54 -16.62 13.57
C LEU A 188 9.30 -15.14 13.20
N PHE A 189 9.62 -14.20 14.09
CA PHE A 189 9.57 -12.80 13.69
C PHE A 189 10.52 -12.45 12.51
N GLN A 190 11.79 -12.90 12.57
CA GLN A 190 12.74 -12.69 11.46
C GLN A 190 12.12 -13.17 10.14
N VAL A 191 11.54 -14.37 10.18
CA VAL A 191 10.99 -14.94 8.96
C VAL A 191 9.86 -14.04 8.48
N MET A 192 9.03 -13.55 9.39
CA MET A 192 7.96 -12.66 8.96
C MET A 192 8.51 -11.45 8.25
N THR A 193 9.60 -10.88 8.72
CA THR A 193 10.18 -9.74 8.01
C THR A 193 10.88 -10.17 6.72
N LEU A 194 10.77 -11.45 6.38
CA LEU A 194 11.37 -12.00 5.16
C LEU A 194 12.92 -11.82 5.16
N ASP A 195 13.50 -11.75 6.37
CA ASP A 195 14.87 -11.38 6.51
C ASP A 195 15.81 -12.57 6.48
N ASP A 196 16.45 -12.74 5.32
CA ASP A 196 17.38 -13.83 5.12
C ASP A 196 16.68 -15.12 5.57
N TRP A 197 15.46 -15.36 5.08
CA TRP A 197 14.63 -16.44 5.69
C TRP A 197 14.94 -17.75 4.98
N SER A 198 15.18 -17.71 3.67
CA SER A 198 15.52 -18.97 2.98
C SER A 198 17.01 -19.42 3.06
N ASN A 199 18.00 -18.64 2.62
CA ASN A 199 19.39 -19.15 2.68
C ASN A 199 19.89 -19.18 4.13
N GLY A 200 19.30 -18.38 5.00
CA GLY A 200 19.78 -18.28 6.35
C GLY A 200 19.10 -19.15 7.37
N ILE A 201 17.87 -19.61 7.12
CA ILE A 201 17.19 -20.47 8.09
C ILE A 201 16.57 -21.74 7.50
N VAL A 202 15.82 -21.64 6.41
CA VAL A 202 14.97 -22.75 5.99
C VAL A 202 15.77 -23.74 5.18
N ARG A 203 16.70 -23.26 4.35
CA ARG A 203 17.58 -24.12 3.57
C ARG A 203 18.48 -24.92 4.50
N PRO A 204 19.10 -24.27 5.49
CA PRO A 204 19.75 -25.07 6.51
C PRO A 204 18.81 -26.13 7.10
N LEU A 205 17.66 -25.75 7.64
CA LEU A 205 16.72 -26.73 8.18
C LEU A 205 16.46 -27.91 7.25
N MET A 206 16.20 -27.66 5.99
CA MET A 206 15.86 -28.74 5.06
C MET A 206 17.00 -29.73 4.79
N GLU A 207 18.24 -29.39 5.14
CA GLU A 207 19.33 -30.37 4.95
C GLU A 207 19.12 -31.56 5.95
N VAL A 208 18.48 -31.30 7.10
CA VAL A 208 18.06 -32.32 8.08
C VAL A 208 16.57 -32.71 7.93
N TYR A 209 15.73 -31.72 7.66
CA TYR A 209 14.26 -31.89 7.63
C TYR A 209 13.72 -31.41 6.28
N PRO A 210 13.78 -32.27 5.26
CA PRO A 210 13.36 -31.93 3.90
C PRO A 210 11.95 -31.33 3.76
N TYR A 211 11.00 -31.61 4.64
CA TYR A 211 9.64 -31.05 4.47
C TYR A 211 9.46 -29.77 5.29
N ALA A 212 10.55 -29.15 5.73
CA ALA A 212 10.40 -28.00 6.61
C ALA A 212 9.75 -26.84 5.88
N TRP A 213 9.73 -26.87 4.54
CA TRP A 213 9.08 -25.82 3.75
C TRP A 213 7.54 -25.86 3.90
N VAL A 214 7.01 -27.01 4.30
CA VAL A 214 5.59 -27.19 4.58
C VAL A 214 5.19 -26.42 5.85
N PHE A 215 6.18 -26.09 6.67
CA PHE A 215 5.95 -25.31 7.87
C PHE A 215 6.16 -23.80 7.59
N PHE A 216 7.27 -23.39 7.02
CA PHE A 216 7.54 -21.95 6.96
C PHE A 216 6.84 -21.20 5.83
N ILE A 217 6.59 -21.85 4.71
CA ILE A 217 5.96 -21.13 3.62
C ILE A 217 4.46 -20.85 3.90
N PRO A 218 3.70 -21.80 4.47
CA PRO A 218 2.36 -21.39 4.91
C PRO A 218 2.39 -20.31 5.95
N PHE A 219 3.30 -20.43 6.93
CA PHE A 219 3.50 -19.38 7.92
C PHE A 219 3.69 -17.99 7.26
N ILE A 220 4.46 -17.96 6.16
CA ILE A 220 4.76 -16.70 5.51
C ILE A 220 3.51 -16.21 4.78
N PHE A 221 2.82 -17.13 4.13
CA PHE A 221 1.57 -16.80 3.49
C PHE A 221 0.58 -16.19 4.50
N VAL A 222 0.35 -16.87 5.62
CA VAL A 222 -0.69 -16.40 6.56
C VAL A 222 -0.38 -15.00 7.07
N VAL A 223 0.82 -14.88 7.58
CA VAL A 223 1.36 -13.68 8.18
C VAL A 223 1.45 -12.49 7.21
N THR A 224 1.80 -12.72 5.95
CA THR A 224 1.79 -11.60 5.01
C THR A 224 0.34 -11.19 4.67
N PHE A 225 -0.48 -12.20 4.42
CA PHE A 225 -1.88 -12.00 4.08
C PHE A 225 -2.62 -11.15 5.12
N VAL A 226 -2.39 -11.46 6.41
CA VAL A 226 -3.05 -10.75 7.50
C VAL A 226 -2.63 -9.30 7.51
N MET A 227 -1.33 -9.07 7.44
CA MET A 227 -0.81 -7.70 7.36
C MET A 227 -1.40 -6.84 6.25
N ILE A 228 -1.53 -7.43 5.06
CA ILE A 228 -1.97 -6.70 3.89
C ILE A 228 -3.47 -6.40 4.06
N ASN A 229 -4.20 -7.39 4.55
CA ASN A 229 -5.63 -7.22 4.67
C ASN A 229 -5.93 -6.28 5.83
N LEU A 230 -5.08 -6.24 6.84
CA LEU A 230 -5.31 -5.27 7.90
C LEU A 230 -5.27 -3.87 7.31
N VAL A 231 -4.19 -3.54 6.61
CA VAL A 231 -4.06 -2.25 5.93
C VAL A 231 -5.24 -1.97 4.96
N VAL A 232 -5.55 -2.94 4.12
CA VAL A 232 -6.64 -2.81 3.18
C VAL A 232 -7.91 -2.50 3.95
N ALA A 233 -8.18 -3.30 4.99
CA ALA A 233 -9.40 -3.11 5.76
C ALA A 233 -9.45 -1.76 6.45
N ILE A 234 -8.29 -1.20 6.82
CA ILE A 234 -8.28 0.14 7.40
C ILE A 234 -8.70 1.19 6.36
N ILE A 235 -8.07 1.15 5.19
CA ILE A 235 -8.30 2.13 4.15
C ILE A 235 -9.75 2.09 3.66
N VAL A 236 -10.26 0.90 3.37
CA VAL A 236 -11.63 0.75 2.86
C VAL A 236 -12.67 1.23 3.89
N ASP A 237 -12.54 0.80 5.15
CA ASP A 237 -13.53 1.18 6.16
C ASP A 237 -13.41 2.66 6.56
N ALA A 238 -12.22 3.26 6.44
CA ALA A 238 -12.11 4.71 6.70
C ALA A 238 -12.97 5.46 5.67
N MET A 239 -12.77 5.12 4.40
CA MET A 239 -13.55 5.65 3.30
C MET A 239 -15.07 5.52 3.50
N ALA A 240 -15.49 4.35 3.98
CA ALA A 240 -16.88 4.03 4.25
C ALA A 240 -17.54 5.10 5.12
N ILE A 241 -16.89 5.49 6.23
CA ILE A 241 -17.48 6.50 7.08
C ILE A 241 -17.28 7.90 6.50
N LEU A 242 -16.23 8.11 5.70
CA LEU A 242 -16.08 9.39 5.00
C LEU A 242 -17.28 9.59 4.09
N ASN A 243 -17.73 8.48 3.51
CA ASN A 243 -18.87 8.47 2.63
C ASN A 243 -20.21 8.55 3.37
N GLN A 244 -20.28 8.03 4.59
CA GLN A 244 -21.51 8.05 5.36
C GLN A 244 -21.83 9.47 5.75
N LYS A 245 -20.82 10.23 6.13
CA LYS A 245 -21.09 11.57 6.60
C LYS A 245 -21.30 12.54 5.43
N GLU A 246 -20.68 12.28 4.28
CA GLU A 246 -20.95 13.11 3.10
C GLU A 246 -22.24 12.69 2.41
N GLU A 247 -22.72 11.51 2.76
CA GLU A 247 -24.03 11.07 2.33
C GLU A 247 -25.04 11.91 3.10
N GLN A 248 -24.78 12.11 4.39
CA GLN A 248 -25.70 12.81 5.26
C GLN A 248 -25.64 14.34 5.08
N HIS A 249 -24.50 14.89 4.67
CA HIS A 249 -24.40 16.32 4.38
C HIS A 249 -25.18 16.69 3.11
N ILE A 250 -24.98 15.91 2.05
CA ILE A 250 -25.71 16.09 0.81
C ILE A 250 -27.22 15.87 1.00
N ILE A 251 -27.58 14.78 1.67
CA ILE A 251 -28.97 14.40 1.87
C ILE A 251 -29.70 15.41 2.76
N ASP A 252 -28.99 16.00 3.71
CA ASP A 252 -29.59 17.01 4.59
C ASP A 252 -29.80 18.34 3.88
N GLU A 253 -29.10 18.55 2.77
CA GLU A 253 -29.21 19.81 2.04
C GLU A 253 -30.28 19.77 0.96
N VAL A 254 -30.57 18.58 0.42
CA VAL A 254 -31.61 18.48 -0.59
C VAL A 254 -32.96 18.48 0.08
N GLN A 255 -32.98 18.15 1.36
CA GLN A 255 -34.22 18.14 2.12
C GLN A 255 -34.28 19.39 2.99
N SER A 256 -33.30 20.25 2.83
CA SER A 256 -33.35 21.62 3.37
C SER A 256 -33.78 22.59 2.26
N HIS A 257 -33.18 22.41 1.09
CA HIS A 257 -33.52 23.22 -0.08
C HIS A 257 -34.99 23.07 -0.48
N GLU A 258 -35.55 21.88 -0.24
CA GLU A 258 -36.95 21.62 -0.57
C GLU A 258 -37.87 22.45 0.28
N ASP A 259 -37.41 22.74 1.49
CA ASP A 259 -38.21 23.52 2.42
C ASP A 259 -38.14 25.00 2.05
N ASN A 260 -37.08 25.39 1.34
CA ASN A 260 -36.95 26.76 0.87
C ASN A 260 -37.89 27.03 -0.31
N ILE A 261 -38.07 26.04 -1.16
CA ILE A 261 -39.04 26.08 -2.23
C ILE A 261 -40.44 25.95 -1.64
N ASN A 262 -40.56 25.08 -0.64
CA ASN A 262 -41.85 24.83 0.02
C ASN A 262 -42.47 26.05 0.70
N ASN A 263 -41.70 26.82 1.47
CA ASN A 263 -42.36 27.92 2.19
C ASN A 263 -42.72 29.08 1.28
N GLU A 264 -42.09 29.18 0.12
CA GLU A 264 -42.51 30.19 -0.85
C GLU A 264 -43.35 29.50 -1.92
N ILE A 265 -44.09 28.49 -1.48
CA ILE A 265 -45.09 27.81 -2.29
C ILE A 265 -46.37 27.68 -1.43
N ILE A 266 -46.20 27.73 -0.12
CA ILE A 266 -47.33 27.84 0.82
C ILE A 266 -47.87 29.30 0.78
N LYS A 267 -47.17 30.16 0.06
CA LYS A 267 -47.62 31.52 -0.20
C LYS A 267 -48.40 31.60 -1.53
N LEU A 268 -48.44 30.49 -2.27
CA LEU A 268 -49.31 30.37 -3.43
C LEU A 268 -50.54 29.52 -3.08
N ARG A 269 -50.53 28.98 -1.86
CA ARG A 269 -51.69 28.27 -1.33
C ARG A 269 -52.73 29.23 -0.81
N GLU A 270 -52.35 30.09 0.13
CA GLU A 270 -53.27 31.07 0.69
C GLU A 270 -53.81 32.01 -0.39
N GLU A 271 -52.99 32.28 -1.41
CA GLU A 271 -53.33 33.27 -2.44
C GLU A 271 -54.38 32.77 -3.42
N ILE A 272 -54.67 31.47 -3.40
CA ILE A 272 -55.72 30.94 -4.26
C ILE A 272 -56.87 30.31 -3.46
N VAL A 273 -56.67 30.12 -2.16
CA VAL A 273 -57.78 29.70 -1.29
C VAL A 273 -58.49 30.97 -0.80
N GLU A 274 -57.84 32.11 -0.97
CA GLU A 274 -58.44 33.42 -0.72
C GLU A 274 -59.08 33.99 -1.99
N LEU A 275 -58.69 33.44 -3.14
CA LEU A 275 -59.38 33.69 -4.39
C LEU A 275 -60.47 32.64 -4.59
N LYS A 276 -60.47 31.65 -3.70
CA LYS A 276 -61.50 30.61 -3.67
C LYS A 276 -62.71 31.07 -2.87
N GLU A 277 -62.47 31.68 -1.71
CA GLU A 277 -63.54 32.19 -0.87
C GLU A 277 -64.32 33.28 -1.57
N LEU A 278 -63.62 34.09 -2.36
CA LEU A 278 -64.24 35.26 -2.97
C LEU A 278 -64.00 35.37 -4.49
N ILE A 279 -64.68 34.52 -5.24
CA ILE A 279 -64.76 34.65 -6.69
C ILE A 279 -66.15 34.25 -7.19
N LYS A 280 -66.86 33.45 -6.40
CA LYS A 280 -68.26 33.13 -6.72
C LYS A 280 -69.12 34.22 -6.09
N THR A 281 -68.60 34.85 -5.04
CA THR A 281 -69.22 36.04 -4.49
C THR A 281 -69.25 37.13 -5.57
N SER A 282 -68.18 37.21 -6.37
CA SER A 282 -68.12 38.19 -7.46
C SER A 282 -69.06 37.78 -8.59
N LEU A 283 -69.52 36.53 -8.56
CA LEU A 283 -70.47 36.04 -9.55
C LEU A 283 -71.75 36.16 -8.70
N LYS A 284 -72.49 37.27 -8.79
CA LYS A 284 -73.77 37.36 -8.06
C LYS A 284 -75.03 36.62 -8.54
N ASN A 285 -75.73 37.12 -9.55
CA ASN A 285 -77.04 36.56 -9.89
C ASN A 285 -76.90 35.33 -10.77
N MET B 19 -17.20 -23.74 -48.09
CA MET B 19 -16.28 -24.36 -47.14
C MET B 19 -16.30 -23.61 -45.80
N TYR B 20 -16.51 -22.30 -45.87
CA TYR B 20 -16.45 -21.44 -44.71
C TYR B 20 -17.33 -21.80 -43.51
N LEU B 21 -18.64 -21.76 -43.65
CA LEU B 21 -19.50 -21.90 -42.48
C LEU B 21 -19.17 -23.22 -41.81
N ARG B 22 -18.90 -24.22 -42.63
CA ARG B 22 -18.59 -25.57 -42.19
C ARG B 22 -17.36 -25.61 -41.31
N ILE B 23 -16.33 -24.92 -41.77
CA ILE B 23 -15.14 -24.66 -40.97
C ILE B 23 -15.56 -23.80 -39.77
N THR B 24 -16.32 -22.73 -40.02
CA THR B 24 -16.78 -21.84 -38.96
C THR B 24 -17.57 -22.56 -37.88
N ASN B 25 -18.39 -23.54 -38.26
CA ASN B 25 -19.19 -24.24 -37.26
C ASN B 25 -18.29 -25.09 -36.37
N ILE B 26 -17.12 -25.42 -36.91
CA ILE B 26 -16.13 -26.20 -36.17
C ILE B 26 -15.37 -25.34 -35.13
N VAL B 27 -14.76 -24.24 -35.57
CA VAL B 27 -13.93 -23.46 -34.64
C VAL B 27 -14.77 -22.62 -33.67
N GLU B 28 -16.07 -22.44 -33.96
CA GLU B 28 -16.90 -21.67 -33.03
C GLU B 28 -17.60 -22.56 -32.02
N SER B 29 -17.46 -23.88 -32.17
CA SER B 29 -18.14 -24.81 -31.29
C SER B 29 -17.55 -24.91 -29.91
N SER B 30 -18.40 -25.17 -28.93
CA SER B 30 -17.90 -25.37 -27.59
C SER B 30 -16.97 -26.61 -27.55
N PHE B 31 -17.16 -27.55 -28.49
CA PHE B 31 -16.30 -28.73 -28.55
C PHE B 31 -14.86 -28.36 -28.93
N PHE B 32 -14.70 -27.41 -29.85
CA PHE B 32 -13.38 -27.07 -30.35
C PHE B 32 -12.49 -26.52 -29.25
N THR B 33 -12.95 -25.44 -28.63
CA THR B 33 -12.22 -24.77 -27.58
C THR B 33 -11.91 -25.73 -26.44
N LYS B 34 -12.94 -26.42 -25.94
CA LYS B 34 -12.76 -27.35 -24.83
C LYS B 34 -11.68 -28.37 -25.15
N PHE B 35 -11.67 -28.84 -26.39
CA PHE B 35 -10.73 -29.84 -26.83
C PHE B 35 -9.29 -29.33 -26.71
N ILE B 36 -9.03 -28.16 -27.28
CA ILE B 36 -7.67 -27.68 -27.28
C ILE B 36 -7.28 -27.17 -25.88
N ILE B 37 -8.24 -26.78 -25.06
CA ILE B 37 -7.91 -26.46 -23.67
C ILE B 37 -7.42 -27.70 -22.95
N TYR B 38 -8.07 -28.83 -23.23
CA TYR B 38 -7.69 -30.10 -22.65
C TYR B 38 -6.30 -30.53 -23.15
N LEU B 39 -5.97 -30.17 -24.39
CA LEU B 39 -4.66 -30.49 -24.96
C LEU B 39 -3.57 -29.60 -24.36
N ILE B 40 -3.93 -28.37 -24.02
CA ILE B 40 -3.02 -27.48 -23.33
C ILE B 40 -2.69 -28.04 -21.94
N VAL B 41 -3.72 -28.33 -21.17
CA VAL B 41 -3.55 -28.89 -19.83
C VAL B 41 -2.80 -30.21 -19.88
N LEU B 42 -3.12 -31.05 -20.85
CA LEU B 42 -2.44 -32.33 -21.00
C LEU B 42 -0.96 -32.14 -21.33
N ASN B 43 -0.67 -31.31 -22.33
CA ASN B 43 0.69 -30.99 -22.69
C ASN B 43 1.41 -30.33 -21.52
N GLY B 44 0.68 -29.53 -20.77
CA GLY B 44 1.22 -28.86 -19.59
C GLY B 44 1.71 -29.87 -18.58
N ILE B 45 0.94 -30.93 -18.37
CA ILE B 45 1.34 -32.01 -17.46
C ILE B 45 2.55 -32.80 -17.99
N THR B 46 2.51 -33.17 -19.27
CA THR B 46 3.59 -33.99 -19.80
C THR B 46 4.90 -33.20 -19.76
N MET B 47 4.81 -31.88 -19.89
CA MET B 47 6.00 -31.03 -19.87
C MET B 47 6.65 -30.98 -18.48
N GLY B 48 5.83 -31.00 -17.43
CA GLY B 48 6.31 -31.16 -16.08
C GLY B 48 7.02 -32.49 -15.96
N LEU B 49 6.44 -33.55 -16.51
CA LEU B 49 7.03 -34.88 -16.40
C LEU B 49 8.37 -34.97 -17.11
N GLU B 50 8.55 -34.18 -18.17
CA GLU B 50 9.77 -34.24 -18.98
C GLU B 50 10.94 -33.63 -18.24
N THR B 51 10.65 -33.12 -17.06
CA THR B 51 11.59 -32.49 -16.17
C THR B 51 12.36 -33.54 -15.40
N SER B 52 11.72 -34.69 -15.21
CA SER B 52 12.31 -35.84 -14.55
C SER B 52 13.23 -36.66 -15.48
N LYS B 53 14.46 -36.93 -15.04
CA LYS B 53 15.37 -37.76 -15.84
C LYS B 53 14.92 -39.22 -15.75
N THR B 54 14.52 -39.64 -14.56
CA THR B 54 13.94 -40.97 -14.37
C THR B 54 12.83 -41.18 -15.39
N PHE B 55 11.76 -40.38 -15.30
CA PHE B 55 10.64 -40.45 -16.24
C PHE B 55 11.07 -40.42 -17.71
N MET B 56 11.91 -39.45 -18.08
CA MET B 56 12.27 -39.31 -19.49
C MET B 56 12.92 -40.56 -20.04
N GLN B 57 13.60 -41.30 -19.17
CA GLN B 57 14.32 -42.50 -19.57
C GLN B 57 13.39 -43.59 -20.07
N SER B 58 12.35 -43.89 -19.30
CA SER B 58 11.46 -44.99 -19.65
C SER B 58 10.08 -44.56 -20.19
N PHE B 59 9.92 -43.29 -20.58
CA PHE B 59 8.65 -42.81 -21.15
C PHE B 59 8.83 -41.66 -22.12
N GLY B 60 10.07 -41.35 -22.47
CA GLY B 60 10.37 -40.16 -23.23
C GLY B 60 9.82 -40.12 -24.64
N VAL B 61 9.89 -41.24 -25.35
CA VAL B 61 9.46 -41.25 -26.73
C VAL B 61 7.93 -41.16 -26.77
N TYR B 62 7.30 -41.64 -25.70
CA TYR B 62 5.86 -41.54 -25.51
C TYR B 62 5.38 -40.07 -25.42
N THR B 63 6.24 -39.19 -24.91
CA THR B 63 5.81 -37.81 -24.67
C THR B 63 6.44 -36.83 -25.66
N THR B 64 7.53 -37.24 -26.31
CA THR B 64 8.11 -36.42 -27.36
C THR B 64 7.20 -36.44 -28.58
N LEU B 65 6.49 -37.54 -28.77
CA LEU B 65 5.52 -37.65 -29.85
C LEU B 65 4.27 -36.85 -29.55
N PHE B 66 3.77 -36.99 -28.32
CA PHE B 66 2.60 -36.24 -27.88
C PHE B 66 2.88 -34.78 -28.11
N ASN B 67 4.10 -34.35 -27.85
CA ASN B 67 4.46 -32.97 -28.11
C ASN B 67 4.37 -32.65 -29.59
N GLN B 68 4.83 -33.57 -30.42
CA GLN B 68 4.75 -33.36 -31.86
C GLN B 68 3.30 -33.34 -32.34
N ILE B 69 2.49 -34.24 -31.78
CA ILE B 69 1.07 -34.32 -32.05
C ILE B 69 0.37 -33.01 -31.71
N VAL B 70 0.54 -32.54 -30.47
CA VAL B 70 -0.10 -31.31 -30.04
C VAL B 70 0.28 -30.11 -30.93
N ILE B 71 1.55 -29.98 -31.27
CA ILE B 71 2.00 -28.84 -32.09
C ILE B 71 1.29 -28.80 -33.46
N THR B 72 1.10 -29.96 -34.07
CA THR B 72 0.43 -30.03 -35.35
C THR B 72 -1.03 -29.56 -35.21
N ILE B 73 -1.73 -30.15 -34.24
CA ILE B 73 -3.10 -29.81 -33.94
C ILE B 73 -3.26 -28.31 -33.67
N PHE B 74 -2.38 -27.71 -32.87
CA PHE B 74 -2.46 -26.26 -32.64
C PHE B 74 -2.24 -25.50 -33.94
N THR B 75 -1.42 -26.07 -34.82
CA THR B 75 -1.13 -25.40 -36.08
C THR B 75 -2.33 -25.41 -37.03
N ILE B 76 -2.99 -26.57 -37.17
CA ILE B 76 -4.17 -26.63 -38.04
C ILE B 76 -5.23 -25.71 -37.40
N GLU B 77 -5.29 -25.71 -36.07
CA GLU B 77 -6.23 -24.88 -35.33
C GLU B 77 -5.99 -23.40 -35.63
N ILE B 78 -4.73 -23.00 -35.67
CA ILE B 78 -4.40 -21.61 -35.97
C ILE B 78 -4.79 -21.29 -37.40
N ILE B 79 -4.55 -22.23 -38.30
CA ILE B 79 -4.93 -22.05 -39.70
C ILE B 79 -6.46 -21.90 -39.88
N LEU B 80 -7.22 -22.82 -39.30
CA LEU B 80 -8.68 -22.74 -39.36
C LEU B 80 -9.20 -21.42 -38.83
N ARG B 81 -8.73 -21.04 -37.63
CA ARG B 81 -9.21 -19.82 -36.96
C ARG B 81 -8.93 -18.60 -37.82
N ILE B 82 -7.87 -18.68 -38.62
CA ILE B 82 -7.52 -17.64 -39.57
C ILE B 82 -8.54 -17.57 -40.73
N TYR B 83 -8.89 -18.71 -41.33
CA TYR B 83 -9.85 -18.68 -42.45
C TYR B 83 -11.20 -18.18 -41.98
N VAL B 84 -11.58 -18.54 -40.75
CA VAL B 84 -12.78 -18.01 -40.13
C VAL B 84 -12.71 -16.52 -39.79
N HIS B 85 -11.57 -16.04 -39.30
CA HIS B 85 -11.52 -14.64 -38.86
C HIS B 85 -10.77 -13.71 -39.79
N ARG B 86 -9.79 -14.24 -40.52
CA ARG B 86 -8.96 -13.49 -41.47
C ARG B 86 -8.42 -12.20 -40.86
N ILE B 87 -8.67 -11.06 -41.50
CA ILE B 87 -7.96 -9.84 -41.16
C ILE B 87 -8.09 -9.52 -39.68
N SER B 88 -9.28 -9.78 -39.11
CA SER B 88 -9.51 -9.51 -37.71
C SER B 88 -8.54 -10.34 -36.83
N PHE B 89 -8.16 -11.54 -37.29
CA PHE B 89 -7.34 -12.44 -36.48
C PHE B 89 -6.02 -11.77 -36.12
N PHE B 90 -5.46 -11.04 -37.09
CA PHE B 90 -4.11 -10.55 -36.94
C PHE B 90 -4.13 -9.18 -36.29
N LYS B 91 -5.31 -8.74 -35.87
CA LYS B 91 -5.36 -7.53 -35.05
C LYS B 91 -5.96 -7.90 -33.68
N ASP B 92 -5.96 -9.20 -33.39
CA ASP B 92 -6.40 -9.72 -32.10
C ASP B 92 -5.15 -10.13 -31.28
N PRO B 93 -4.92 -9.44 -30.15
CA PRO B 93 -3.70 -9.64 -29.36
C PRO B 93 -3.58 -11.07 -28.87
N TRP B 94 -4.72 -11.66 -28.53
CA TRP B 94 -4.73 -13.01 -27.99
C TRP B 94 -4.42 -14.02 -29.07
N SER B 95 -4.80 -13.69 -30.28
CA SER B 95 -4.57 -14.61 -31.36
C SER B 95 -3.16 -14.41 -31.85
N LEU B 96 -2.71 -13.16 -31.80
CA LEU B 96 -1.31 -12.87 -32.07
C LEU B 96 -0.38 -13.62 -31.09
N PHE B 97 -0.70 -13.56 -29.81
CA PHE B 97 0.05 -14.34 -28.85
C PHE B 97 0.02 -15.81 -29.23
N ASP B 98 -1.19 -16.34 -29.40
CA ASP B 98 -1.41 -17.73 -29.79
C ASP B 98 -0.57 -18.10 -30.99
N PHE B 99 -0.68 -17.26 -32.03
CA PHE B 99 0.10 -17.43 -33.23
C PHE B 99 1.60 -17.62 -32.90
N PHE B 100 2.17 -16.66 -32.18
CA PHE B 100 3.60 -16.62 -31.99
C PHE B 100 4.18 -17.71 -31.09
N VAL B 101 3.50 -18.11 -30.04
CA VAL B 101 4.05 -19.19 -29.20
C VAL B 101 3.85 -20.53 -29.86
N VAL B 102 3.05 -20.59 -30.90
CA VAL B 102 2.96 -21.83 -31.64
C VAL B 102 4.11 -21.83 -32.64
N ALA B 103 4.34 -20.67 -33.24
CA ALA B 103 5.44 -20.50 -34.17
C ALA B 103 6.78 -20.92 -33.54
N ILE B 104 7.09 -20.40 -32.36
CA ILE B 104 8.30 -20.75 -31.63
C ILE B 104 8.50 -22.28 -31.53
N SER B 105 7.44 -23.00 -31.21
CA SER B 105 7.48 -24.46 -31.05
C SER B 105 7.68 -25.13 -32.41
N LEU B 106 7.63 -24.36 -33.48
CA LEU B 106 7.71 -24.90 -34.83
C LEU B 106 9.10 -24.77 -35.40
N VAL B 107 9.96 -24.10 -34.66
CA VAL B 107 11.36 -24.00 -35.03
C VAL B 107 12.06 -25.28 -34.57
N PRO B 108 12.95 -25.83 -35.42
CA PRO B 108 13.69 -27.08 -35.15
C PRO B 108 14.70 -26.96 -34.01
N THR B 109 14.70 -27.98 -33.13
CA THR B 109 15.55 -28.04 -31.94
C THR B 109 17.04 -28.06 -32.27
N SER B 110 17.41 -28.74 -33.36
CA SER B 110 18.80 -28.88 -33.75
C SER B 110 19.43 -27.54 -34.13
N SER B 111 20.36 -27.06 -33.30
CA SER B 111 21.05 -25.78 -33.51
C SER B 111 22.09 -25.48 -32.44
N GLY B 112 22.81 -24.37 -32.60
CA GLY B 112 23.66 -23.85 -31.56
C GLY B 112 22.79 -23.18 -30.50
N PHE B 113 21.83 -22.38 -30.96
CA PHE B 113 20.86 -21.69 -30.08
C PHE B 113 19.73 -22.62 -29.62
N GLU B 114 19.94 -23.27 -28.48
CA GLU B 114 18.96 -24.19 -27.91
C GLU B 114 18.11 -23.49 -26.87
N ILE B 115 18.12 -22.16 -26.91
CA ILE B 115 17.28 -21.37 -26.03
C ILE B 115 15.82 -21.58 -26.41
N LEU B 116 15.58 -21.96 -27.66
CA LEU B 116 14.23 -22.10 -28.17
C LEU B 116 13.53 -23.36 -27.66
N ARG B 117 14.26 -24.44 -27.44
CA ARG B 117 13.67 -25.67 -26.91
C ARG B 117 13.03 -25.43 -25.53
N VAL B 118 13.58 -24.46 -24.81
CA VAL B 118 13.08 -24.09 -23.49
C VAL B 118 11.91 -23.15 -23.63
N LEU B 119 11.98 -22.28 -24.62
CA LEU B 119 10.90 -21.35 -24.87
C LEU B 119 9.58 -22.03 -25.32
N ARG B 120 9.67 -23.29 -25.71
CA ARG B 120 8.51 -24.08 -26.07
C ARG B 120 7.42 -24.03 -25.01
N VAL B 121 7.80 -24.16 -23.75
CA VAL B 121 6.80 -24.24 -22.68
C VAL B 121 6.02 -22.93 -22.51
N LEU B 122 6.40 -21.89 -23.26
CA LEU B 122 5.61 -20.67 -23.34
C LEU B 122 4.21 -20.94 -23.91
N ARG B 123 4.06 -22.02 -24.65
CA ARG B 123 2.80 -22.30 -25.30
C ARG B 123 1.73 -22.66 -24.26
N LEU B 124 2.17 -22.86 -23.03
CA LEU B 124 1.28 -23.18 -21.93
C LEU B 124 0.56 -21.94 -21.45
N PHE B 125 1.03 -20.77 -21.90
CA PHE B 125 0.31 -19.56 -21.59
C PHE B 125 -0.96 -19.49 -22.41
N ARG B 126 -1.09 -20.37 -23.39
CA ARG B 126 -2.33 -20.45 -24.15
C ARG B 126 -3.51 -20.74 -23.24
N LEU B 127 -3.27 -21.37 -22.10
CA LEU B 127 -4.32 -21.49 -21.11
C LEU B 127 -4.79 -20.10 -20.67
N VAL B 128 -3.92 -19.11 -20.73
CA VAL B 128 -4.38 -17.76 -20.44
C VAL B 128 -5.30 -17.23 -21.56
N THR B 129 -4.93 -17.46 -22.81
CA THR B 129 -5.70 -16.93 -23.93
C THR B 129 -7.01 -17.67 -24.14
N ALA B 130 -7.09 -18.92 -23.67
CA ALA B 130 -8.23 -19.77 -23.97
C ALA B 130 -9.30 -19.76 -22.88
N VAL B 131 -8.99 -19.22 -21.71
CA VAL B 131 -9.93 -19.25 -20.61
C VAL B 131 -10.31 -17.85 -20.17
N PRO B 132 -11.55 -17.42 -20.45
CA PRO B 132 -11.98 -16.03 -20.32
C PRO B 132 -11.71 -15.36 -18.99
N GLN B 133 -11.81 -16.05 -17.86
CA GLN B 133 -11.49 -15.39 -16.58
C GLN B 133 -10.01 -15.07 -16.51
N MET B 134 -9.17 -15.90 -17.12
CA MET B 134 -7.75 -15.60 -17.31
C MET B 134 -7.50 -14.32 -18.11
N ARG B 135 -8.02 -14.26 -19.33
CA ARG B 135 -7.91 -13.10 -20.19
C ARG B 135 -8.29 -11.85 -19.42
N LYS B 136 -9.32 -12.00 -18.61
CA LYS B 136 -9.92 -10.84 -17.99
C LYS B 136 -8.91 -10.29 -17.04
N ILE B 137 -8.25 -11.17 -16.29
CA ILE B 137 -7.23 -10.72 -15.34
C ILE B 137 -6.00 -10.13 -16.03
N VAL B 138 -5.49 -10.81 -17.04
CA VAL B 138 -4.34 -10.28 -17.74
C VAL B 138 -4.71 -8.93 -18.30
N SER B 139 -5.89 -8.86 -18.88
CA SER B 139 -6.37 -7.60 -19.43
C SER B 139 -6.49 -6.50 -18.40
N ALA B 140 -7.01 -6.83 -17.23
CA ALA B 140 -7.09 -5.85 -16.17
C ALA B 140 -5.67 -5.35 -15.80
N LEU B 141 -4.72 -6.29 -15.62
CA LEU B 141 -3.34 -5.95 -15.30
C LEU B 141 -2.67 -5.01 -16.30
N ILE B 142 -2.86 -5.28 -17.58
CA ILE B 142 -2.24 -4.47 -18.61
C ILE B 142 -2.69 -3.01 -18.63
N SER B 143 -3.99 -2.78 -18.43
CA SER B 143 -4.60 -1.46 -18.53
C SER B 143 -3.96 -0.45 -17.59
N VAL B 144 -3.44 -0.95 -16.48
CA VAL B 144 -2.57 -0.16 -15.59
C VAL B 144 -1.32 0.39 -16.30
N ILE B 145 -0.77 -0.34 -17.25
CA ILE B 145 0.54 0.03 -17.74
C ILE B 145 0.63 1.33 -18.54
N PRO B 146 -0.20 1.54 -19.56
CA PRO B 146 0.00 2.78 -20.35
C PRO B 146 0.02 4.07 -19.53
N GLY B 147 -0.85 4.18 -18.55
CA GLY B 147 -0.83 5.30 -17.64
C GLY B 147 0.48 5.56 -16.94
N MET B 148 1.22 4.49 -16.61
CA MET B 148 2.43 4.68 -15.81
C MET B 148 3.74 4.72 -16.62
N LEU B 149 3.67 4.57 -17.94
CA LEU B 149 4.87 4.63 -18.78
C LEU B 149 5.71 5.89 -18.61
N SER B 150 5.10 6.99 -18.21
CA SER B 150 5.87 8.20 -18.01
C SER B 150 6.70 8.09 -16.74
N VAL B 151 6.15 7.44 -15.72
CA VAL B 151 6.84 7.25 -14.46
C VAL B 151 8.02 6.33 -14.73
N ILE B 152 7.76 5.29 -15.51
CA ILE B 152 8.76 4.35 -15.96
C ILE B 152 9.91 5.03 -16.73
N ALA B 153 9.59 6.07 -17.51
CA ALA B 153 10.64 6.76 -18.28
C ALA B 153 11.49 7.56 -17.32
N LEU B 154 10.83 8.21 -16.38
CA LEU B 154 11.51 8.96 -15.35
C LEU B 154 12.49 8.09 -14.54
N MET B 155 12.02 6.95 -14.09
CA MET B 155 12.78 6.00 -13.33
C MET B 155 13.97 5.42 -14.11
N THR B 156 13.73 5.06 -15.37
CA THR B 156 14.77 4.57 -16.23
C THR B 156 15.83 5.62 -16.43
N LEU B 157 15.43 6.88 -16.44
CA LEU B 157 16.38 7.95 -16.64
C LEU B 157 17.26 8.08 -15.42
N PHE B 158 16.61 8.09 -14.28
CA PHE B 158 17.25 8.17 -12.99
C PHE B 158 18.31 7.04 -12.79
N PHE B 159 17.94 5.81 -13.14
CA PHE B 159 18.87 4.71 -13.08
C PHE B 159 20.07 4.98 -13.97
N TYR B 160 19.83 5.41 -15.19
CA TYR B 160 20.87 5.63 -16.18
C TYR B 160 21.90 6.65 -15.66
N ILE B 161 21.40 7.77 -15.14
CA ILE B 161 22.28 8.79 -14.64
C ILE B 161 23.08 8.21 -13.46
N PHE B 162 22.38 7.59 -12.50
CA PHE B 162 23.07 7.01 -11.38
C PHE B 162 23.97 5.84 -11.75
N ALA B 163 23.57 5.07 -12.76
CA ALA B 163 24.40 3.99 -13.24
C ALA B 163 25.75 4.55 -13.74
N ILE B 164 25.67 5.66 -14.47
CA ILE B 164 26.84 6.31 -15.04
C ILE B 164 27.73 6.77 -13.91
N MET B 165 27.15 7.50 -12.96
CA MET B 165 27.93 8.00 -11.85
C MET B 165 28.59 6.80 -11.09
N ALA B 166 27.79 5.78 -10.82
CA ALA B 166 28.30 4.58 -10.14
C ALA B 166 29.55 3.96 -10.82
N THR B 167 29.48 3.75 -12.12
CA THR B 167 30.56 3.14 -12.88
C THR B 167 31.85 3.94 -12.77
N GLN B 168 31.73 5.26 -12.79
CA GLN B 168 32.90 6.12 -12.76
C GLN B 168 33.42 6.28 -11.36
N LEU B 169 32.53 6.22 -10.39
CA LEU B 169 32.91 6.36 -9.00
C LEU B 169 33.48 5.06 -8.41
N PHE B 170 32.95 3.90 -8.80
CA PHE B 170 33.29 2.69 -8.08
C PHE B 170 33.80 1.59 -9.01
N GLY B 171 33.73 1.80 -10.30
CA GLY B 171 34.03 0.73 -11.22
C GLY B 171 35.41 0.14 -11.15
N GLU B 172 36.43 0.96 -10.97
CA GLU B 172 37.78 0.41 -11.00
C GLU B 172 38.08 -0.44 -9.80
N ARG B 173 37.59 -0.06 -8.62
CA ARG B 173 37.86 -0.82 -7.40
C ARG B 173 36.81 -1.89 -7.22
N PHE B 174 35.68 -1.76 -7.90
CA PHE B 174 34.69 -2.81 -7.74
C PHE B 174 34.10 -3.23 -9.06
N PRO B 175 34.94 -3.82 -9.91
CA PRO B 175 34.50 -4.18 -11.25
C PRO B 175 33.32 -5.17 -11.27
N GLU B 176 33.24 -6.14 -10.35
CA GLU B 176 32.11 -7.07 -10.39
C GLU B 176 30.76 -6.32 -10.34
N TRP B 177 30.64 -5.34 -9.44
CA TRP B 177 29.39 -4.61 -9.14
C TRP B 177 29.19 -3.38 -10.02
N PHE B 178 30.29 -2.77 -10.45
CA PHE B 178 30.24 -1.46 -11.07
C PHE B 178 31.15 -1.25 -12.29
N GLY B 179 31.80 -2.33 -12.75
CA GLY B 179 32.86 -2.22 -13.76
C GLY B 179 32.39 -1.65 -15.06
N THR B 180 31.08 -1.71 -15.22
CA THR B 180 30.45 -1.51 -16.49
C THR B 180 29.09 -0.89 -16.28
N LEU B 181 28.62 -0.12 -17.25
CA LEU B 181 27.29 0.52 -17.17
C LEU B 181 26.21 -0.51 -16.87
N GLY B 182 26.25 -1.61 -17.62
CA GLY B 182 25.30 -2.68 -17.44
C GLY B 182 25.41 -3.33 -16.08
N GLU B 183 26.61 -3.34 -15.53
CA GLU B 183 26.79 -3.99 -14.26
C GLU B 183 26.23 -3.15 -13.16
N SER B 184 26.41 -1.83 -13.26
CA SER B 184 25.87 -0.90 -12.27
C SER B 184 24.35 -0.90 -12.26
N PHE B 185 23.76 -0.92 -13.46
CA PHE B 185 22.32 -1.08 -13.62
C PHE B 185 21.84 -2.27 -12.82
N TYR B 186 22.51 -3.39 -13.04
CA TYR B 186 22.20 -4.60 -12.28
C TYR B 186 22.35 -4.35 -10.76
N THR B 187 23.50 -3.86 -10.32
CA THR B 187 23.68 -3.64 -8.90
C THR B 187 22.65 -2.64 -8.36
N LEU B 188 22.47 -1.51 -9.03
CA LEU B 188 21.43 -0.57 -8.61
C LEU B 188 20.03 -1.20 -8.55
N PHE B 189 19.65 -2.07 -9.48
CA PHE B 189 18.37 -2.75 -9.32
C PHE B 189 18.32 -3.59 -8.03
N GLN B 190 19.40 -4.32 -7.73
CA GLN B 190 19.52 -5.08 -6.48
C GLN B 190 19.32 -4.19 -5.28
N VAL B 191 19.95 -3.01 -5.30
CA VAL B 191 19.81 -2.04 -4.20
C VAL B 191 18.39 -1.51 -4.06
N MET B 192 17.70 -1.35 -5.18
CA MET B 192 16.31 -0.90 -5.14
C MET B 192 15.37 -1.94 -4.52
N THR B 193 15.62 -3.23 -4.73
CA THR B 193 14.80 -4.25 -4.09
C THR B 193 15.21 -4.43 -2.61
N LEU B 194 16.07 -3.53 -2.14
CA LEU B 194 16.61 -3.58 -0.78
C LEU B 194 17.32 -4.94 -0.48
N ASP B 195 17.84 -5.55 -1.53
CA ASP B 195 18.38 -6.89 -1.41
C ASP B 195 19.81 -6.81 -0.94
N ASP B 196 20.03 -7.28 0.27
CA ASP B 196 21.38 -7.42 0.82
C ASP B 196 22.20 -6.16 0.45
N TRP B 197 21.58 -4.98 0.52
CA TRP B 197 22.22 -3.78 -0.04
C TRP B 197 23.33 -3.25 0.88
N SER B 198 23.15 -3.32 2.21
CA SER B 198 24.17 -2.76 3.11
C SER B 198 25.43 -3.69 3.44
N ASN B 199 25.26 -4.81 4.14
CA ASN B 199 26.43 -5.71 4.37
C ASN B 199 26.97 -6.23 3.05
N GLY B 200 26.13 -6.33 2.03
CA GLY B 200 26.55 -6.94 0.78
C GLY B 200 27.19 -6.02 -0.23
N ILE B 201 26.80 -4.75 -0.26
CA ILE B 201 27.34 -3.85 -1.27
C ILE B 201 27.89 -2.57 -0.63
N VAL B 202 27.09 -1.83 0.12
CA VAL B 202 27.50 -0.49 0.54
C VAL B 202 28.57 -0.49 1.61
N ARG B 203 28.43 -1.34 2.62
CA ARG B 203 29.48 -1.50 3.64
C ARG B 203 30.84 -1.87 2.99
N PRO B 204 30.90 -2.92 2.15
CA PRO B 204 32.19 -3.18 1.50
C PRO B 204 32.71 -1.92 0.80
N LEU B 205 31.88 -1.26 0.00
CA LEU B 205 32.26 -0.02 -0.66
C LEU B 205 32.81 1.05 0.29
N MET B 206 32.22 1.20 1.48
CA MET B 206 32.69 2.24 2.38
C MET B 206 34.11 1.96 2.97
N GLU B 207 34.57 0.71 2.87
CA GLU B 207 35.92 0.39 3.33
C GLU B 207 36.95 1.16 2.44
N VAL B 208 36.69 1.32 1.14
CA VAL B 208 37.55 2.08 0.22
C VAL B 208 37.08 3.52 0.03
N TYR B 209 35.77 3.71 0.12
CA TYR B 209 35.12 4.99 -0.16
C TYR B 209 34.15 5.36 0.95
N PRO B 210 34.67 5.96 2.04
CA PRO B 210 33.89 6.27 3.24
C PRO B 210 32.58 7.08 2.96
N TYR B 211 32.47 7.78 1.84
CA TYR B 211 31.26 8.61 1.63
C TYR B 211 30.23 7.94 0.71
N ALA B 212 30.38 6.65 0.48
CA ALA B 212 29.58 5.98 -0.52
C ALA B 212 28.08 6.05 -0.15
N TRP B 213 27.78 6.23 1.13
CA TRP B 213 26.41 6.33 1.61
C TRP B 213 25.69 7.59 1.15
N VAL B 214 26.45 8.56 0.65
CA VAL B 214 25.93 9.85 0.24
C VAL B 214 25.35 9.64 -1.15
N PHE B 215 25.79 8.56 -1.78
CA PHE B 215 25.28 8.13 -3.07
C PHE B 215 24.10 7.14 -2.91
N PHE B 216 24.26 6.10 -2.10
CA PHE B 216 23.25 5.04 -2.07
C PHE B 216 22.04 5.31 -1.16
N ILE B 217 22.20 6.13 -0.13
CA ILE B 217 21.05 6.34 0.70
C ILE B 217 20.07 7.32 -0.01
N PRO B 218 20.58 8.40 -0.62
CA PRO B 218 19.67 9.12 -1.49
C PRO B 218 19.04 8.26 -2.59
N PHE B 219 19.81 7.39 -3.24
CA PHE B 219 19.25 6.47 -4.22
C PHE B 219 18.09 5.65 -3.65
N ILE B 220 18.26 5.11 -2.44
CA ILE B 220 17.23 4.25 -1.86
C ILE B 220 15.95 5.08 -1.59
N PHE B 221 16.13 6.23 -0.95
CA PHE B 221 15.04 7.15 -0.65
C PHE B 221 14.24 7.53 -1.90
N VAL B 222 14.92 7.82 -3.01
CA VAL B 222 14.19 8.27 -4.18
C VAL B 222 13.42 7.13 -4.82
N VAL B 223 14.06 5.98 -5.00
CA VAL B 223 13.38 4.87 -5.67
C VAL B 223 12.24 4.32 -4.79
N THR B 224 12.40 4.34 -3.48
CA THR B 224 11.34 3.90 -2.60
C THR B 224 10.17 4.85 -2.64
N PHE B 225 10.48 6.14 -2.46
CA PHE B 225 9.52 7.22 -2.51
C PHE B 225 8.67 7.14 -3.76
N VAL B 226 9.32 6.97 -4.92
CA VAL B 226 8.61 6.96 -6.16
C VAL B 226 7.71 5.72 -6.28
N MET B 227 8.21 4.55 -5.89
CA MET B 227 7.37 3.35 -5.88
C MET B 227 6.09 3.56 -5.07
N ILE B 228 6.23 3.86 -3.78
CA ILE B 228 5.11 4.07 -2.89
C ILE B 228 4.12 5.08 -3.47
N ASN B 229 4.61 6.26 -3.83
CA ASN B 229 3.77 7.32 -4.37
C ASN B 229 3.07 6.95 -5.67
N LEU B 230 3.72 6.20 -6.52
CA LEU B 230 3.04 5.74 -7.71
C LEU B 230 1.80 4.96 -7.32
N VAL B 231 1.98 3.97 -6.45
CA VAL B 231 0.88 3.18 -5.92
C VAL B 231 -0.20 4.10 -5.30
N VAL B 232 0.19 4.96 -4.38
CA VAL B 232 -0.75 5.89 -3.77
C VAL B 232 -1.50 6.71 -4.83
N ALA B 233 -0.77 7.12 -5.87
CA ALA B 233 -1.38 7.87 -6.96
C ALA B 233 -2.44 7.02 -7.72
N ILE B 234 -2.13 5.76 -8.07
CA ILE B 234 -3.12 4.93 -8.79
C ILE B 234 -4.40 4.86 -7.99
N ILE B 235 -4.28 4.41 -6.75
CA ILE B 235 -5.41 4.37 -5.85
C ILE B 235 -6.21 5.69 -5.79
N VAL B 236 -5.55 6.82 -5.50
CA VAL B 236 -6.26 8.05 -5.20
C VAL B 236 -6.90 8.55 -6.48
N ASP B 237 -6.19 8.39 -7.60
CA ASP B 237 -6.74 8.86 -8.85
C ASP B 237 -7.82 7.96 -9.44
N ALA B 238 -7.80 6.65 -9.14
CA ALA B 238 -8.90 5.81 -9.59
C ALA B 238 -10.18 6.20 -8.83
N MET B 239 -10.03 6.46 -7.55
CA MET B 239 -11.17 6.88 -6.74
C MET B 239 -11.63 8.31 -7.12
N ALA B 240 -10.71 9.18 -7.56
CA ALA B 240 -11.10 10.53 -8.01
C ALA B 240 -12.08 10.43 -9.18
N ILE B 241 -11.77 9.51 -10.09
CA ILE B 241 -12.58 9.25 -11.26
C ILE B 241 -13.94 8.67 -10.89
N LEU B 242 -13.98 7.68 -10.01
CA LEU B 242 -15.25 7.08 -9.55
C LEU B 242 -16.16 8.15 -8.97
N ASN B 243 -15.55 9.12 -8.30
CA ASN B 243 -16.29 10.18 -7.66
C ASN B 243 -16.77 11.20 -8.68
N GLN B 244 -16.15 11.20 -9.86
CA GLN B 244 -16.59 12.09 -10.91
C GLN B 244 -17.84 11.53 -11.56
N LYS B 245 -17.82 10.25 -11.96
CA LYS B 245 -19.00 9.59 -12.52
C LYS B 245 -20.18 9.69 -11.54
N GLU B 246 -19.88 9.53 -10.27
CA GLU B 246 -20.89 9.56 -9.22
C GLU B 246 -21.50 10.95 -9.10
N GLU B 247 -20.65 11.97 -9.20
CA GLU B 247 -21.06 13.36 -9.11
C GLU B 247 -21.95 13.76 -10.30
N GLN B 248 -21.58 13.31 -11.49
CA GLN B 248 -22.33 13.64 -12.69
C GLN B 248 -23.72 13.03 -12.60
N HIS B 249 -23.77 11.73 -12.33
CA HIS B 249 -25.04 11.01 -12.23
C HIS B 249 -25.99 11.65 -11.23
N ILE B 250 -25.43 12.13 -10.13
CA ILE B 250 -26.19 12.80 -9.09
C ILE B 250 -26.56 14.21 -9.52
N ILE B 251 -25.63 14.93 -10.14
CA ILE B 251 -25.93 16.26 -10.61
C ILE B 251 -26.88 16.19 -11.83
N ASP B 252 -26.83 15.06 -12.55
CA ASP B 252 -27.75 14.81 -13.65
C ASP B 252 -29.20 14.65 -13.17
N GLU B 253 -29.34 14.14 -11.95
CA GLU B 253 -30.64 13.92 -11.35
C GLU B 253 -31.20 15.26 -10.91
N VAL B 254 -30.33 16.08 -10.33
CA VAL B 254 -30.72 17.42 -9.95
C VAL B 254 -30.93 18.25 -11.23
N GLN B 255 -30.31 17.81 -12.32
CA GLN B 255 -30.48 18.44 -13.64
C GLN B 255 -31.86 18.19 -14.25
N SER B 256 -32.35 16.95 -14.16
CA SER B 256 -33.65 16.58 -14.72
C SER B 256 -34.80 17.17 -13.93
N HIS B 257 -34.63 17.22 -12.62
CA HIS B 257 -35.72 17.53 -11.71
C HIS B 257 -35.88 19.02 -11.45
N GLU B 258 -34.81 19.78 -11.63
CA GLU B 258 -34.93 21.22 -11.44
C GLU B 258 -35.13 21.93 -12.79
N ASP B 259 -35.56 21.15 -13.78
CA ASP B 259 -36.08 21.68 -15.05
C ASP B 259 -37.58 21.39 -15.15
N ASN B 260 -37.97 20.19 -14.72
CA ASN B 260 -39.37 19.79 -14.68
C ASN B 260 -40.13 20.43 -13.52
N ILE B 261 -39.47 21.30 -12.77
CA ILE B 261 -40.16 22.13 -11.80
C ILE B 261 -40.07 23.60 -12.25
N ASN B 262 -39.48 23.80 -13.42
CA ASN B 262 -39.49 25.10 -14.08
C ASN B 262 -40.31 24.98 -15.37
N ASN B 263 -40.62 23.74 -15.74
CA ASN B 263 -41.60 23.45 -16.79
C ASN B 263 -43.00 23.50 -16.21
N GLU B 264 -43.09 23.15 -14.93
CA GLU B 264 -44.34 23.26 -14.19
C GLU B 264 -44.55 24.69 -13.72
N ILE B 265 -43.51 25.51 -13.78
CA ILE B 265 -43.68 26.93 -13.50
C ILE B 265 -44.23 27.60 -14.75
N ILE B 266 -43.50 27.52 -15.87
CA ILE B 266 -43.99 28.04 -17.16
C ILE B 266 -45.44 27.61 -17.48
N LYS B 267 -45.76 26.36 -17.14
CA LYS B 267 -47.10 25.82 -17.30
C LYS B 267 -48.07 26.43 -16.28
N LEU B 268 -47.52 26.89 -15.15
CA LEU B 268 -48.32 27.58 -14.13
C LEU B 268 -48.58 29.01 -14.57
N ARG B 269 -47.64 29.60 -15.31
CA ARG B 269 -47.79 30.97 -15.80
C ARG B 269 -48.73 30.98 -17.01
N GLU B 270 -48.64 29.93 -17.82
CA GLU B 270 -49.43 29.80 -19.04
C GLU B 270 -50.92 29.58 -18.67
N GLU B 271 -51.16 29.10 -17.45
CA GLU B 271 -52.51 28.93 -16.93
C GLU B 271 -52.87 30.06 -15.97
N ILE B 272 -51.90 30.89 -15.61
CA ILE B 272 -52.19 32.11 -14.84
C ILE B 272 -52.41 33.27 -15.80
N VAL B 273 -51.87 33.16 -17.01
CA VAL B 273 -52.21 34.14 -18.06
C VAL B 273 -53.59 33.82 -18.66
N GLU B 274 -54.43 33.17 -17.85
CA GLU B 274 -55.85 33.07 -18.13
C GLU B 274 -56.61 33.77 -17.00
N LEU B 275 -55.87 34.18 -15.96
CA LEU B 275 -56.48 34.85 -14.81
C LEU B 275 -56.34 36.38 -14.88
N LYS B 276 -56.23 36.91 -16.09
CA LYS B 276 -56.27 38.36 -16.32
C LYS B 276 -57.21 38.72 -17.47
N GLU B 277 -57.54 37.72 -18.28
CA GLU B 277 -58.46 37.92 -19.40
C GLU B 277 -59.80 37.22 -19.13
N LEU B 278 -59.80 36.34 -18.12
CA LEU B 278 -61.04 35.75 -17.62
C LEU B 278 -61.49 36.51 -16.39
N ILE B 279 -60.74 37.56 -16.05
CA ILE B 279 -61.19 38.51 -15.05
C ILE B 279 -62.02 39.57 -15.80
N LYS B 280 -61.99 39.47 -17.13
CA LYS B 280 -62.69 40.38 -18.04
C LYS B 280 -64.22 40.10 -17.99
N THR B 281 -64.64 39.17 -17.14
CA THR B 281 -66.06 38.79 -16.92
C THR B 281 -66.71 39.62 -15.77
N SER B 282 -65.89 40.49 -15.18
CA SER B 282 -66.28 41.47 -14.15
C SER B 282 -66.67 42.65 -15.01
N LEU B 283 -66.82 43.83 -14.40
CA LEU B 283 -67.22 45.03 -15.14
C LEU B 283 -68.72 45.11 -15.41
N LYS B 284 -69.50 44.20 -14.85
CA LYS B 284 -70.98 44.25 -15.03
C LYS B 284 -71.72 45.34 -14.21
N ASN B 285 -71.33 45.52 -12.95
CA ASN B 285 -71.99 46.46 -12.03
C ASN B 285 -71.18 47.73 -11.73
N MET C 19 13.67 44.35 -30.36
CA MET C 19 14.93 43.67 -30.01
C MET C 19 14.66 42.58 -28.97
N TYR C 20 14.12 43.00 -27.83
CA TYR C 20 13.65 42.07 -26.82
C TYR C 20 12.69 41.03 -27.41
N LEU C 21 11.70 41.48 -28.19
CA LEU C 21 10.74 40.56 -28.78
C LEU C 21 11.37 39.67 -29.86
N ARG C 22 12.37 40.18 -30.57
CA ARG C 22 12.97 39.40 -31.64
C ARG C 22 13.66 38.20 -31.01
N ILE C 23 14.44 38.44 -29.96
CA ILE C 23 15.03 37.37 -29.15
C ILE C 23 13.95 36.48 -28.54
N THR C 24 13.03 37.09 -27.81
CA THR C 24 11.93 36.40 -27.14
C THR C 24 11.22 35.42 -28.07
N ASN C 25 11.06 35.80 -29.33
CA ASN C 25 10.33 34.94 -30.23
C ASN C 25 11.20 33.76 -30.66
N ILE C 26 12.52 33.91 -30.62
CA ILE C 26 13.43 32.78 -30.84
C ILE C 26 13.37 31.78 -29.67
N VAL C 27 13.72 32.28 -28.49
CA VAL C 27 13.74 31.52 -27.24
C VAL C 27 12.42 30.77 -26.95
N GLU C 28 11.29 31.37 -27.32
CA GLU C 28 9.97 30.79 -27.08
C GLU C 28 9.51 29.83 -28.17
N SER C 29 10.30 29.66 -29.22
CA SER C 29 9.84 28.85 -30.33
C SER C 29 9.91 27.37 -30.03
N SER C 30 9.08 26.60 -30.70
CA SER C 30 9.12 25.17 -30.53
C SER C 30 10.41 24.60 -31.14
N PHE C 31 11.23 25.45 -31.75
CA PHE C 31 12.50 24.99 -32.32
C PHE C 31 13.64 25.12 -31.32
N PHE C 32 13.61 26.16 -30.51
CA PHE C 32 14.60 26.38 -29.46
C PHE C 32 14.60 25.21 -28.50
N THR C 33 13.43 24.92 -27.93
CA THR C 33 13.22 23.82 -27.01
C THR C 33 13.49 22.45 -27.64
N LYS C 34 13.10 22.25 -28.89
CA LYS C 34 13.37 20.98 -29.57
C LYS C 34 14.86 20.80 -29.76
N PHE C 35 15.53 21.91 -30.01
CA PHE C 35 16.95 21.87 -30.24
C PHE C 35 17.62 21.45 -28.94
N ILE C 36 17.27 22.12 -27.85
CA ILE C 36 17.88 21.85 -26.57
C ILE C 36 17.59 20.43 -26.10
N ILE C 37 16.35 19.98 -26.25
CA ILE C 37 16.00 18.62 -25.86
C ILE C 37 16.83 17.63 -26.67
N TYR C 38 16.99 17.91 -27.95
CA TYR C 38 17.78 17.08 -28.85
C TYR C 38 19.24 17.01 -28.37
N LEU C 39 19.80 18.16 -28.04
CA LEU C 39 21.17 18.21 -27.57
C LEU C 39 21.33 17.43 -26.27
N ILE C 40 20.27 17.41 -25.46
CA ILE C 40 20.28 16.75 -24.18
C ILE C 40 20.31 15.25 -24.39
N VAL C 41 19.51 14.75 -25.31
CA VAL C 41 19.50 13.31 -25.58
C VAL C 41 20.83 12.84 -26.21
N LEU C 42 21.43 13.68 -27.03
CA LEU C 42 22.69 13.32 -27.65
C LEU C 42 23.77 13.34 -26.60
N ASN C 43 23.76 14.36 -25.75
CA ASN C 43 24.77 14.47 -24.73
C ASN C 43 24.70 13.25 -23.81
N GLY C 44 23.46 12.85 -23.51
CA GLY C 44 23.17 11.73 -22.65
C GLY C 44 23.58 10.43 -23.29
N ILE C 45 23.45 10.30 -24.61
CA ILE C 45 23.96 9.11 -25.26
C ILE C 45 25.50 9.06 -25.24
N THR C 46 26.18 10.18 -25.42
CA THR C 46 27.63 10.15 -25.40
C THR C 46 28.21 9.90 -23.99
N MET C 47 27.52 10.35 -22.96
CA MET C 47 28.03 10.19 -21.60
C MET C 47 28.03 8.72 -21.13
N GLY C 48 27.05 7.96 -21.62
CA GLY C 48 27.09 6.52 -21.49
C GLY C 48 28.33 5.93 -22.18
N LEU C 49 28.49 6.21 -23.48
CA LEU C 49 29.66 5.78 -24.24
C LEU C 49 31.00 6.10 -23.54
N GLU C 50 31.08 7.25 -22.88
CA GLU C 50 32.30 7.63 -22.19
C GLU C 50 32.68 6.68 -21.03
N THR C 51 31.77 5.81 -20.60
CA THR C 51 32.03 4.89 -19.52
C THR C 51 32.88 3.74 -20.02
N SER C 52 32.79 3.49 -21.32
CA SER C 52 33.62 2.48 -21.98
C SER C 52 35.05 2.96 -22.30
N LYS C 53 36.06 2.32 -21.71
CA LYS C 53 37.45 2.72 -21.98
C LYS C 53 37.88 2.26 -23.36
N THR C 54 37.28 1.19 -23.87
CA THR C 54 37.48 0.84 -25.27
C THR C 54 37.13 2.03 -26.16
N PHE C 55 35.82 2.34 -26.22
CA PHE C 55 35.31 3.49 -26.95
C PHE C 55 36.11 4.75 -26.66
N MET C 56 36.49 4.93 -25.41
CA MET C 56 37.12 6.17 -25.02
C MET C 56 38.50 6.41 -25.68
N GLN C 57 39.37 5.39 -25.70
CA GLN C 57 40.71 5.60 -26.27
C GLN C 57 40.61 5.89 -27.79
N SER C 58 40.21 4.90 -28.58
CA SER C 58 40.01 5.13 -30.01
C SER C 58 38.77 6.00 -30.24
N PHE C 59 38.94 7.10 -30.96
CA PHE C 59 37.85 8.07 -31.23
C PHE C 59 36.92 8.37 -30.03
N GLY C 60 37.53 8.86 -28.96
CA GLY C 60 36.82 9.32 -27.79
C GLY C 60 37.32 10.71 -27.47
N VAL C 61 38.15 11.26 -28.36
CA VAL C 61 38.54 12.66 -28.23
C VAL C 61 37.48 13.52 -28.92
N TYR C 62 36.78 12.90 -29.87
CA TYR C 62 35.59 13.46 -30.48
C TYR C 62 34.56 13.82 -29.41
N THR C 63 34.42 12.95 -28.41
CA THR C 63 33.36 13.14 -27.42
C THR C 63 33.69 14.22 -26.41
N THR C 64 34.96 14.35 -26.06
CA THR C 64 35.37 15.32 -25.05
C THR C 64 35.10 16.74 -25.53
N LEU C 65 35.19 16.95 -26.84
CA LEU C 65 34.93 18.27 -27.40
C LEU C 65 33.42 18.50 -27.61
N PHE C 66 32.71 17.46 -28.03
CA PHE C 66 31.25 17.52 -28.12
C PHE C 66 30.69 18.02 -26.80
N ASN C 67 31.21 17.49 -25.71
CA ASN C 67 30.84 17.94 -24.37
C ASN C 67 31.00 19.44 -24.21
N GLN C 68 32.12 19.98 -24.68
CA GLN C 68 32.38 21.41 -24.46
C GLN C 68 31.55 22.24 -25.42
N ILE C 69 31.14 21.65 -26.53
CA ILE C 69 30.24 22.35 -27.45
C ILE C 69 28.84 22.51 -26.83
N VAL C 70 28.35 21.42 -26.25
CA VAL C 70 27.08 21.41 -25.54
C VAL C 70 27.10 22.32 -24.31
N ILE C 71 28.25 22.45 -23.65
CA ILE C 71 28.27 23.21 -22.41
C ILE C 71 28.17 24.70 -22.70
N THR C 72 28.67 25.11 -23.86
CA THR C 72 28.59 26.50 -24.27
C THR C 72 27.18 26.83 -24.75
N ILE C 73 26.69 26.03 -25.70
CA ILE C 73 25.32 26.16 -26.15
C ILE C 73 24.33 26.27 -25.00
N PHE C 74 24.51 25.49 -23.94
CA PHE C 74 23.58 25.57 -22.81
C PHE C 74 23.78 26.89 -22.08
N THR C 75 25.01 27.36 -22.05
CA THR C 75 25.30 28.59 -21.32
C THR C 75 24.64 29.73 -22.08
N ILE C 76 24.69 29.65 -23.41
CA ILE C 76 24.00 30.61 -24.25
C ILE C 76 22.51 30.54 -24.03
N GLU C 77 21.96 29.33 -24.09
CA GLU C 77 20.55 29.09 -23.78
C GLU C 77 20.18 29.76 -22.47
N ILE C 78 21.03 29.64 -21.46
CA ILE C 78 20.70 30.18 -20.15
C ILE C 78 20.69 31.71 -20.15
N ILE C 79 21.67 32.33 -20.81
CA ILE C 79 21.77 33.81 -20.88
C ILE C 79 20.53 34.42 -21.55
N LEU C 80 20.26 33.93 -22.77
CA LEU C 80 19.07 34.31 -23.52
C LEU C 80 17.83 34.16 -22.69
N ARG C 81 17.72 33.03 -22.01
CA ARG C 81 16.55 32.75 -21.20
C ARG C 81 16.46 33.74 -20.03
N ILE C 82 17.61 34.22 -19.58
CA ILE C 82 17.64 35.20 -18.49
C ILE C 82 17.29 36.59 -19.03
N TYR C 83 17.64 36.82 -20.29
CA TYR C 83 17.25 38.03 -21.00
C TYR C 83 15.73 38.08 -21.22
N VAL C 84 15.17 36.98 -21.69
CA VAL C 84 13.75 36.90 -21.96
C VAL C 84 12.87 36.93 -20.70
N HIS C 85 13.22 36.13 -19.70
CA HIS C 85 12.35 36.00 -18.53
C HIS C 85 12.72 36.99 -17.45
N ARG C 86 13.93 37.54 -17.53
CA ARG C 86 14.38 38.54 -16.58
C ARG C 86 14.23 38.03 -15.14
N ILE C 87 13.70 38.82 -14.25
CA ILE C 87 13.75 38.45 -12.84
C ILE C 87 12.90 37.23 -12.50
N SER C 88 11.89 36.93 -13.32
CA SER C 88 10.99 35.83 -12.98
C SER C 88 11.64 34.45 -13.27
N PHE C 89 12.78 34.49 -13.97
CA PHE C 89 13.60 33.30 -14.23
C PHE C 89 14.04 32.65 -12.93
N PHE C 90 14.47 33.48 -11.98
CA PHE C 90 15.06 33.00 -10.74
C PHE C 90 14.02 32.73 -9.67
N LYS C 91 12.74 32.84 -10.03
CA LYS C 91 11.68 32.42 -9.13
C LYS C 91 11.09 31.12 -9.66
N ASP C 92 11.72 30.62 -10.73
CA ASP C 92 11.34 29.35 -11.34
C ASP C 92 12.27 28.22 -10.91
N PRO C 93 11.76 27.27 -10.10
CA PRO C 93 12.56 26.14 -9.59
C PRO C 93 13.17 25.33 -10.73
N TRP C 94 12.46 25.23 -11.85
CA TRP C 94 12.96 24.51 -13.02
C TRP C 94 14.12 25.22 -13.66
N SER C 95 14.10 26.54 -13.58
CA SER C 95 15.11 27.32 -14.28
C SER C 95 16.33 27.40 -13.40
N LEU C 96 16.09 27.58 -12.12
CA LEU C 96 17.13 27.47 -11.12
C LEU C 96 17.86 26.14 -11.25
N PHE C 97 17.10 25.05 -11.35
CA PHE C 97 17.73 23.76 -11.51
C PHE C 97 18.62 23.77 -12.75
N ASP C 98 18.08 24.27 -13.84
CA ASP C 98 18.81 24.36 -15.10
C ASP C 98 20.10 25.13 -14.95
N PHE C 99 20.01 26.27 -14.27
CA PHE C 99 21.13 27.13 -14.04
C PHE C 99 22.26 26.37 -13.29
N PHE C 100 21.96 25.91 -12.08
CA PHE C 100 22.96 25.29 -11.23
C PHE C 100 23.55 24.01 -11.80
N VAL C 101 22.75 23.28 -12.57
CA VAL C 101 23.24 22.07 -13.20
C VAL C 101 24.20 22.41 -14.34
N VAL C 102 23.98 23.52 -15.04
CA VAL C 102 24.88 23.90 -16.11
C VAL C 102 26.10 24.57 -15.48
N ALA C 103 25.86 25.20 -14.33
CA ALA C 103 26.92 25.85 -13.56
C ALA C 103 28.08 24.89 -13.20
N ILE C 104 27.80 23.82 -12.45
CA ILE C 104 28.84 22.92 -11.98
C ILE C 104 29.59 22.29 -13.15
N SER C 105 28.95 22.25 -14.33
CA SER C 105 29.60 21.69 -15.50
C SER C 105 30.52 22.71 -16.14
N LEU C 106 30.47 23.93 -15.60
CA LEU C 106 31.33 25.02 -16.08
C LEU C 106 32.66 25.10 -15.32
N VAL C 107 32.68 24.66 -14.06
CA VAL C 107 33.92 24.70 -13.29
C VAL C 107 34.91 23.73 -13.91
N PRO C 108 36.19 24.12 -13.97
CA PRO C 108 37.17 23.36 -14.73
C PRO C 108 37.52 22.05 -14.07
N THR C 109 38.18 21.15 -14.79
CA THR C 109 38.39 19.81 -14.26
C THR C 109 39.54 19.93 -13.26
N SER C 110 39.25 20.62 -12.16
CA SER C 110 40.26 20.93 -11.14
C SER C 110 40.79 19.63 -10.54
N SER C 111 42.12 19.53 -10.42
CA SER C 111 42.74 18.29 -9.96
C SER C 111 42.49 18.10 -8.47
N GLY C 112 42.06 16.89 -8.10
CA GLY C 112 41.72 16.60 -6.72
C GLY C 112 40.30 17.06 -6.40
N PHE C 113 39.61 17.62 -7.39
CA PHE C 113 38.16 17.82 -7.34
C PHE C 113 37.46 16.87 -8.31
N GLU C 114 38.00 15.65 -8.38
CA GLU C 114 37.49 14.58 -9.22
C GLU C 114 35.97 14.38 -9.11
N ILE C 115 35.38 14.85 -8.01
CA ILE C 115 33.95 14.67 -7.78
C ILE C 115 33.10 15.47 -8.76
N LEU C 116 33.55 16.67 -9.08
CA LEU C 116 32.76 17.53 -9.91
C LEU C 116 32.68 17.00 -11.34
N ARG C 117 33.68 16.22 -11.74
CA ARG C 117 33.64 15.62 -13.07
C ARG C 117 32.43 14.71 -13.23
N VAL C 118 32.06 13.98 -12.17
CA VAL C 118 30.95 13.04 -12.32
C VAL C 118 29.62 13.74 -11.99
N LEU C 119 29.66 14.78 -11.18
CA LEU C 119 28.48 15.60 -10.93
C LEU C 119 27.94 16.20 -12.24
N ARG C 120 28.82 16.47 -13.20
CA ARG C 120 28.44 16.95 -14.51
C ARG C 120 27.30 16.15 -15.12
N VAL C 121 27.26 14.85 -14.81
CA VAL C 121 26.27 13.94 -15.36
C VAL C 121 24.89 14.36 -14.89
N LEU C 122 24.81 15.06 -13.77
CA LEU C 122 23.51 15.53 -13.28
C LEU C 122 22.78 16.38 -14.31
N ARG C 123 23.48 16.79 -15.36
CA ARG C 123 22.82 17.67 -16.31
C ARG C 123 21.87 16.95 -17.24
N LEU C 124 21.83 15.62 -17.17
CA LEU C 124 20.86 14.89 -17.97
C LEU C 124 19.49 15.02 -17.29
N PHE C 125 19.46 15.50 -16.05
CA PHE C 125 18.16 15.71 -15.41
C PHE C 125 17.40 16.88 -16.06
N ARG C 126 18.02 17.50 -17.06
CA ARG C 126 17.37 18.53 -17.84
C ARG C 126 16.28 17.96 -18.75
N LEU C 127 16.47 16.75 -19.26
CA LEU C 127 15.41 16.07 -19.99
C LEU C 127 14.13 16.05 -19.13
N VAL C 128 14.30 15.97 -17.82
CA VAL C 128 13.16 16.09 -16.93
C VAL C 128 12.65 17.52 -16.91
N THR C 129 13.59 18.45 -16.86
CA THR C 129 13.32 19.86 -16.73
C THR C 129 12.59 20.42 -17.96
N ALA C 130 12.73 19.73 -19.08
CA ALA C 130 12.42 20.29 -20.39
C ALA C 130 11.26 19.58 -21.09
N VAL C 131 10.91 18.40 -20.59
CA VAL C 131 9.74 17.70 -21.08
C VAL C 131 8.58 17.91 -20.11
N PRO C 132 7.50 18.55 -20.57
CA PRO C 132 6.37 18.88 -19.69
C PRO C 132 5.78 17.66 -18.99
N GLN C 133 5.78 16.51 -19.66
CA GLN C 133 5.28 15.28 -19.05
C GLN C 133 6.12 14.87 -17.85
N MET C 134 7.44 14.96 -18.00
CA MET C 134 8.36 14.65 -16.90
C MET C 134 8.22 15.62 -15.75
N ARG C 135 8.13 16.88 -16.10
CA ARG C 135 8.00 17.96 -15.15
C ARG C 135 6.79 17.77 -14.23
N LYS C 136 5.76 17.14 -14.76
CA LYS C 136 4.51 16.99 -14.06
C LYS C 136 4.51 15.87 -13.04
N ILE C 137 5.08 14.72 -13.41
CA ILE C 137 5.29 13.64 -12.45
C ILE C 137 6.17 14.10 -11.27
N VAL C 138 7.26 14.76 -11.61
CA VAL C 138 8.19 15.22 -10.61
C VAL C 138 7.49 16.15 -9.67
N SER C 139 6.80 17.11 -10.25
CA SER C 139 6.01 18.08 -9.50
C SER C 139 5.00 17.39 -8.57
N ALA C 140 4.24 16.45 -9.11
CA ALA C 140 3.30 15.71 -8.30
C ALA C 140 3.99 15.01 -7.12
N LEU C 141 5.16 14.39 -7.41
CA LEU C 141 5.93 13.72 -6.38
C LEU C 141 6.36 14.68 -5.29
N ILE C 142 6.90 15.84 -5.66
CA ILE C 142 7.28 16.89 -4.70
C ILE C 142 6.12 17.34 -3.82
N SER C 143 4.93 17.43 -4.41
CA SER C 143 3.77 17.97 -3.69
C SER C 143 3.29 17.09 -2.54
N VAL C 144 3.69 15.83 -2.51
CA VAL C 144 3.40 14.97 -1.36
C VAL C 144 4.17 15.42 -0.13
N ILE C 145 5.32 16.05 -0.34
CA ILE C 145 6.26 16.24 0.75
C ILE C 145 5.93 17.27 1.83
N PRO C 146 5.44 18.50 1.49
CA PRO C 146 5.19 19.52 2.51
C PRO C 146 4.31 19.11 3.68
N GLY C 147 3.35 18.22 3.48
CA GLY C 147 2.56 17.77 4.60
C GLY C 147 3.33 16.79 5.47
N MET C 148 4.28 16.08 4.86
CA MET C 148 4.98 15.03 5.57
C MET C 148 6.04 15.56 6.52
N LEU C 149 6.50 16.78 6.29
CA LEU C 149 7.59 17.36 7.07
C LEU C 149 7.46 17.26 8.59
N SER C 150 6.30 16.89 9.10
CA SER C 150 6.16 16.75 10.55
C SER C 150 6.49 15.32 10.93
N VAL C 151 5.90 14.38 10.20
CA VAL C 151 6.23 12.99 10.35
C VAL C 151 7.72 12.75 10.01
N ILE C 152 8.27 13.48 9.04
CA ILE C 152 9.68 13.38 8.77
C ILE C 152 10.48 13.82 10.00
N ALA C 153 10.21 15.02 10.51
CA ALA C 153 10.83 15.52 11.74
C ALA C 153 10.70 14.57 12.92
N LEU C 154 9.49 14.05 13.12
CA LEU C 154 9.28 13.11 14.20
C LEU C 154 10.15 11.84 14.07
N MET C 155 10.23 11.32 12.86
CA MET C 155 10.96 10.10 12.65
C MET C 155 12.49 10.33 12.77
N THR C 156 12.96 11.46 12.25
CA THR C 156 14.33 11.88 12.42
C THR C 156 14.76 11.99 13.89
N LEU C 157 13.92 12.59 14.71
CA LEU C 157 14.18 12.74 16.13
C LEU C 157 14.26 11.37 16.77
N PHE C 158 13.36 10.51 16.33
CA PHE C 158 13.28 9.16 16.81
C PHE C 158 14.61 8.36 16.53
N PHE C 159 15.14 8.48 15.33
CA PHE C 159 16.40 7.91 14.95
C PHE C 159 17.51 8.44 15.81
N TYR C 160 17.50 9.75 16.03
CA TYR C 160 18.53 10.43 16.82
C TYR C 160 18.58 9.91 18.24
N ILE C 161 17.41 9.76 18.85
CA ILE C 161 17.35 9.23 20.20
C ILE C 161 17.82 7.79 20.21
N PHE C 162 17.49 7.03 19.18
CA PHE C 162 17.87 5.64 19.21
C PHE C 162 19.35 5.46 18.84
N ALA C 163 19.84 6.32 17.96
CA ALA C 163 21.22 6.24 17.57
C ALA C 163 22.12 6.62 18.74
N ILE C 164 21.70 7.59 19.54
CA ILE C 164 22.46 7.92 20.76
C ILE C 164 22.43 6.73 21.71
N MET C 165 21.26 6.16 21.98
CA MET C 165 21.22 4.98 22.86
C MET C 165 22.06 3.81 22.34
N ALA C 166 22.08 3.62 21.02
CA ALA C 166 22.74 2.47 20.45
C ALA C 166 24.26 2.59 20.54
N THR C 167 24.77 3.78 20.22
CA THR C 167 26.18 4.11 20.38
C THR C 167 26.63 3.80 21.79
N GLN C 168 25.83 4.22 22.75
CA GLN C 168 26.11 4.05 24.16
C GLN C 168 26.03 2.61 24.61
N LEU C 169 25.10 1.85 24.05
CA LEU C 169 24.90 0.46 24.44
C LEU C 169 25.78 -0.54 23.69
N PHE C 170 26.24 -0.20 22.49
CA PHE C 170 26.80 -1.21 21.61
C PHE C 170 28.07 -0.80 20.93
N GLY C 171 28.46 0.46 21.05
CA GLY C 171 29.65 0.94 20.34
C GLY C 171 31.05 0.57 20.85
N GLU C 172 31.20 0.15 22.09
CA GLU C 172 32.56 -0.21 22.47
C GLU C 172 32.85 -1.61 21.91
N ARG C 173 31.82 -2.46 21.80
CA ARG C 173 32.00 -3.84 21.38
C ARG C 173 31.65 -4.07 19.93
N PHE C 174 30.92 -3.12 19.36
CA PHE C 174 30.62 -3.23 17.95
C PHE C 174 30.85 -1.91 17.25
N PRO C 175 32.11 -1.43 17.28
CA PRO C 175 32.40 -0.12 16.70
C PRO C 175 32.09 0.02 15.21
N GLU C 176 32.24 -0.99 14.36
CA GLU C 176 31.88 -0.79 12.96
C GLU C 176 30.39 -0.33 12.77
N TRP C 177 29.49 -0.90 13.58
CA TRP C 177 28.06 -0.71 13.47
C TRP C 177 27.54 0.46 14.25
N PHE C 178 28.19 0.72 15.37
CA PHE C 178 27.66 1.55 16.42
C PHE C 178 28.68 2.39 17.15
N GLY C 179 29.88 2.53 16.59
CA GLY C 179 30.98 3.15 17.33
C GLY C 179 30.74 4.63 17.44
N THR C 180 29.80 5.11 16.67
CA THR C 180 29.70 6.52 16.44
C THR C 180 28.25 6.86 16.11
N LEU C 181 27.83 8.08 16.47
CA LEU C 181 26.49 8.56 16.16
C LEU C 181 26.18 8.30 14.70
N GLY C 182 27.11 8.70 13.85
CA GLY C 182 26.98 8.48 12.43
C GLY C 182 26.78 7.02 12.08
N GLU C 183 27.65 6.17 12.60
CA GLU C 183 27.59 4.77 12.29
C GLU C 183 26.28 4.17 12.77
N SER C 184 25.84 4.63 13.93
CA SER C 184 24.58 4.20 14.45
C SER C 184 23.39 4.62 13.57
N PHE C 185 23.43 5.83 13.00
CA PHE C 185 22.36 6.27 12.12
C PHE C 185 22.31 5.35 10.93
N TYR C 186 23.47 5.10 10.36
CA TYR C 186 23.59 4.22 9.21
C TYR C 186 23.06 2.81 9.52
N THR C 187 23.47 2.25 10.65
CA THR C 187 23.01 0.92 10.97
C THR C 187 21.49 0.89 11.23
N LEU C 188 20.96 1.91 11.89
CA LEU C 188 19.52 1.91 12.21
C LEU C 188 18.68 2.04 10.93
N PHE C 189 19.20 2.80 9.97
CA PHE C 189 18.65 2.81 8.63
C PHE C 189 18.67 1.44 7.95
N GLN C 190 19.79 0.71 8.06
CA GLN C 190 19.90 -0.64 7.48
C GLN C 190 18.78 -1.49 8.06
N VAL C 191 18.62 -1.38 9.38
CA VAL C 191 17.64 -2.17 10.09
C VAL C 191 16.24 -1.77 9.67
N MET C 192 15.99 -0.47 9.59
CA MET C 192 14.69 0.01 9.11
C MET C 192 14.32 -0.63 7.76
N THR C 193 15.26 -0.72 6.82
CA THR C 193 14.94 -1.35 5.55
C THR C 193 14.85 -2.86 5.64
N LEU C 194 14.91 -3.39 6.86
CA LEU C 194 14.92 -4.83 7.13
C LEU C 194 16.08 -5.58 6.35
N ASP C 195 17.18 -4.85 6.11
CA ASP C 195 18.26 -5.37 5.29
C ASP C 195 19.29 -6.16 6.09
N ASP C 196 19.11 -7.48 6.06
CA ASP C 196 19.99 -8.34 6.75
C ASP C 196 20.06 -7.94 8.25
N TRP C 197 18.90 -7.70 8.87
CA TRP C 197 18.89 -7.12 10.23
C TRP C 197 19.14 -8.14 11.34
N SER C 198 18.61 -9.35 11.19
CA SER C 198 18.78 -10.36 12.24
C SER C 198 20.13 -11.22 12.15
N ASN C 199 20.33 -12.09 11.16
CA ASN C 199 21.65 -12.79 11.07
C ASN C 199 22.82 -11.80 10.93
N GLY C 200 22.59 -10.62 10.40
CA GLY C 200 23.68 -9.75 10.10
C GLY C 200 24.01 -8.71 11.15
N ILE C 201 23.04 -8.35 12.02
CA ILE C 201 23.31 -7.37 13.05
C ILE C 201 22.93 -7.81 14.44
N VAL C 202 21.70 -8.28 14.60
CA VAL C 202 21.12 -8.42 15.93
C VAL C 202 21.44 -9.74 16.58
N ARG C 203 21.49 -10.82 15.80
CA ARG C 203 21.97 -12.13 16.30
C ARG C 203 23.43 -11.99 16.80
N PRO C 204 24.35 -11.39 15.99
CA PRO C 204 25.69 -11.20 16.55
C PRO C 204 25.68 -10.34 17.83
N LEU C 205 25.05 -9.19 17.81
CA LEU C 205 24.87 -8.40 19.04
C LEU C 205 24.41 -9.25 20.24
N MET C 206 23.46 -10.16 20.02
CA MET C 206 22.89 -10.88 21.14
C MET C 206 23.87 -11.87 21.74
N GLU C 207 24.98 -12.06 21.09
CA GLU C 207 25.90 -13.05 21.61
C GLU C 207 26.75 -12.48 22.75
N VAL C 208 27.03 -11.19 22.70
CA VAL C 208 27.46 -10.41 23.83
C VAL C 208 26.31 -9.91 24.73
N TYR C 209 25.25 -9.35 24.10
CA TYR C 209 24.13 -8.74 24.85
C TYR C 209 22.82 -9.42 24.58
N PRO C 210 22.52 -10.48 25.35
CA PRO C 210 21.32 -11.30 25.14
C PRO C 210 19.99 -10.50 25.04
N TYR C 211 19.91 -9.31 25.63
CA TYR C 211 18.66 -8.55 25.61
C TYR C 211 18.63 -7.50 24.53
N ALA C 212 19.50 -7.59 23.55
CA ALA C 212 19.54 -6.59 22.49
C ALA C 212 18.24 -6.55 21.65
N TRP C 213 17.45 -7.63 21.70
CA TRP C 213 16.20 -7.74 20.93
C TRP C 213 15.13 -6.84 21.53
N VAL C 214 15.33 -6.43 22.79
CA VAL C 214 14.41 -5.50 23.45
C VAL C 214 14.60 -4.09 22.87
N PHE C 215 15.73 -3.87 22.20
CA PHE C 215 15.98 -2.60 21.54
C PHE C 215 15.57 -2.63 20.06
N PHE C 216 15.88 -3.69 19.33
CA PHE C 216 15.70 -3.59 17.88
C PHE C 216 14.32 -3.97 17.41
N ILE C 217 13.68 -4.86 18.15
CA ILE C 217 12.38 -5.28 17.72
C ILE C 217 11.32 -4.19 17.95
N PRO C 218 11.31 -3.54 19.13
CA PRO C 218 10.47 -2.35 19.22
C PRO C 218 10.79 -1.32 18.15
N PHE C 219 12.07 -1.05 17.93
CA PHE C 219 12.48 -0.09 16.88
C PHE C 219 11.86 -0.44 15.53
N ILE C 220 11.81 -1.72 15.22
CA ILE C 220 11.37 -2.17 13.93
C ILE C 220 9.87 -2.01 13.85
N PHE C 221 9.17 -2.39 14.90
CA PHE C 221 7.72 -2.12 15.00
C PHE C 221 7.37 -0.62 14.79
N VAL C 222 7.90 0.27 15.61
CA VAL C 222 7.58 1.68 15.47
C VAL C 222 7.86 2.18 14.08
N VAL C 223 9.06 1.95 13.61
CA VAL C 223 9.50 2.48 12.34
C VAL C 223 8.67 1.93 11.17
N THR C 224 8.20 0.71 11.27
CA THR C 224 7.46 0.15 10.18
C THR C 224 5.98 0.57 10.32
N PHE C 225 5.49 0.61 11.57
CA PHE C 225 4.15 1.11 11.87
C PHE C 225 3.96 2.53 11.38
N VAL C 226 4.92 3.41 11.65
CA VAL C 226 4.81 4.83 11.26
C VAL C 226 4.76 4.97 9.74
N MET C 227 5.49 4.11 9.04
CA MET C 227 5.58 4.19 7.60
C MET C 227 4.27 3.76 6.94
N ILE C 228 3.75 2.62 7.38
CA ILE C 228 2.53 2.10 6.80
C ILE C 228 1.44 3.13 7.02
N ASN C 229 1.30 3.63 8.24
CA ASN C 229 0.24 4.60 8.54
C ASN C 229 0.41 5.93 7.81
N LEU C 230 1.62 6.31 7.49
CA LEU C 230 1.84 7.51 6.72
C LEU C 230 1.26 7.34 5.32
N VAL C 231 1.38 6.16 4.77
CA VAL C 231 0.84 5.85 3.45
C VAL C 231 -0.67 5.77 3.53
N VAL C 232 -1.15 5.12 4.59
CA VAL C 232 -2.56 4.99 4.86
C VAL C 232 -3.25 6.37 4.95
N ALA C 233 -2.68 7.25 5.78
CA ALA C 233 -3.27 8.56 6.03
C ALA C 233 -3.20 9.47 4.80
N ILE C 234 -2.18 9.28 3.95
CA ILE C 234 -2.17 10.05 2.69
C ILE C 234 -3.38 9.68 1.82
N ILE C 235 -3.48 8.40 1.49
CA ILE C 235 -4.60 7.88 0.71
C ILE C 235 -5.94 8.37 1.29
N VAL C 236 -6.20 8.10 2.57
CA VAL C 236 -7.50 8.36 3.19
C VAL C 236 -7.81 9.83 3.26
N ASP C 237 -6.85 10.65 3.70
CA ASP C 237 -7.15 12.08 3.77
C ASP C 237 -7.30 12.72 2.37
N ALA C 238 -6.73 12.10 1.35
CA ALA C 238 -6.92 12.57 0.00
C ALA C 238 -8.37 12.33 -0.41
N MET C 239 -8.89 11.15 -0.04
CA MET C 239 -10.25 10.79 -0.41
C MET C 239 -11.24 11.68 0.34
N ALA C 240 -10.91 12.06 1.59
CA ALA C 240 -11.74 13.00 2.34
C ALA C 240 -11.87 14.34 1.58
N ILE C 241 -10.74 14.90 1.17
CA ILE C 241 -10.71 16.10 0.35
C ILE C 241 -11.46 15.88 -0.97
N LEU C 242 -11.28 14.72 -1.60
CA LEU C 242 -11.99 14.41 -2.82
C LEU C 242 -13.52 14.40 -2.60
N ASN C 243 -13.92 13.94 -1.43
CA ASN C 243 -15.32 13.92 -1.03
C ASN C 243 -15.84 15.32 -0.67
N GLN C 244 -14.96 16.15 -0.10
CA GLN C 244 -15.35 17.50 0.28
C GLN C 244 -15.67 18.31 -0.96
N LYS C 245 -14.94 18.04 -2.04
CA LYS C 245 -15.12 18.77 -3.27
C LYS C 245 -16.40 18.36 -4.00
N GLU C 246 -16.69 17.06 -4.03
CA GLU C 246 -17.84 16.60 -4.79
C GLU C 246 -19.13 16.86 -4.02
N GLU C 247 -19.04 17.00 -2.71
CA GLU C 247 -20.23 17.31 -1.91
C GLU C 247 -20.50 18.83 -1.96
N GLN C 248 -19.49 19.58 -2.37
CA GLN C 248 -19.65 21.00 -2.62
C GLN C 248 -20.36 21.24 -3.94
N HIS C 249 -19.88 20.60 -5.02
CA HIS C 249 -20.48 20.75 -6.34
C HIS C 249 -21.96 20.34 -6.35
N ILE C 250 -22.29 19.34 -5.54
CA ILE C 250 -23.65 18.85 -5.44
C ILE C 250 -24.50 19.91 -4.73
N ILE C 251 -24.04 20.36 -3.57
CA ILE C 251 -24.72 21.39 -2.77
C ILE C 251 -24.87 22.68 -3.58
N ASP C 252 -23.87 23.02 -4.38
CA ASP C 252 -23.91 24.25 -5.16
C ASP C 252 -24.83 24.14 -6.40
N GLU C 253 -25.07 22.91 -6.86
CA GLU C 253 -25.96 22.67 -8.00
C GLU C 253 -27.37 22.40 -7.50
N VAL C 254 -27.51 22.35 -6.17
CA VAL C 254 -28.79 22.19 -5.51
C VAL C 254 -29.31 23.57 -5.11
N GLN C 255 -28.41 24.41 -4.62
CA GLN C 255 -28.73 25.80 -4.32
C GLN C 255 -28.66 26.63 -5.59
N SER C 256 -28.30 25.99 -6.70
CA SER C 256 -28.10 26.66 -7.98
C SER C 256 -29.37 27.26 -8.56
N HIS C 257 -30.39 26.43 -8.72
CA HIS C 257 -31.63 26.88 -9.31
C HIS C 257 -32.63 27.30 -8.23
N GLU C 258 -32.27 27.09 -6.96
CA GLU C 258 -33.12 27.48 -5.85
C GLU C 258 -33.30 29.00 -5.82
N ASP C 259 -32.31 29.71 -6.35
CA ASP C 259 -32.38 31.16 -6.44
C ASP C 259 -33.46 31.58 -7.44
N ASN C 260 -33.33 31.14 -8.70
CA ASN C 260 -34.23 31.58 -9.76
C ASN C 260 -35.55 30.82 -9.80
N ILE C 261 -35.75 29.92 -8.85
CA ILE C 261 -37.06 29.28 -8.68
C ILE C 261 -37.83 30.05 -7.61
N ASN C 262 -37.16 30.43 -6.53
CA ASN C 262 -37.78 31.24 -5.48
C ASN C 262 -37.99 32.69 -5.92
N ASN C 263 -37.30 33.09 -6.97
CA ASN C 263 -37.42 34.45 -7.49
C ASN C 263 -38.56 34.56 -8.50
N GLU C 264 -38.78 33.49 -9.27
CA GLU C 264 -39.81 33.48 -10.30
C GLU C 264 -41.20 33.12 -9.75
N ILE C 265 -41.29 32.62 -8.52
CA ILE C 265 -42.59 32.33 -7.94
C ILE C 265 -42.91 33.20 -6.71
N ILE C 266 -42.15 34.28 -6.51
CA ILE C 266 -42.58 35.36 -5.58
C ILE C 266 -43.19 36.42 -6.44
N LYS C 267 -42.96 36.33 -7.75
CA LYS C 267 -43.63 37.20 -8.73
C LYS C 267 -44.84 36.47 -9.30
N LEU C 268 -44.85 35.15 -9.11
CA LEU C 268 -46.03 34.36 -9.43
C LEU C 268 -47.03 34.45 -8.27
N ARG C 269 -46.57 35.03 -7.16
CA ARG C 269 -47.42 35.37 -6.03
C ARG C 269 -47.92 36.80 -6.21
N GLU C 270 -47.27 37.51 -7.13
CA GLU C 270 -47.62 38.90 -7.42
C GLU C 270 -48.56 39.01 -8.61
N GLU C 271 -48.86 37.88 -9.25
CA GLU C 271 -49.92 37.85 -10.24
C GLU C 271 -51.24 37.83 -9.50
N ILE C 272 -51.20 37.27 -8.29
CA ILE C 272 -52.34 37.27 -7.38
C ILE C 272 -52.37 38.50 -6.46
N VAL C 273 -51.22 38.93 -5.97
CA VAL C 273 -51.15 40.13 -5.14
C VAL C 273 -51.68 41.43 -5.78
N GLU C 274 -51.59 41.56 -7.09
CA GLU C 274 -52.16 42.72 -7.78
C GLU C 274 -53.67 42.82 -7.62
N LEU C 275 -54.38 41.69 -7.64
CA LEU C 275 -55.83 41.76 -7.70
C LEU C 275 -56.43 42.02 -6.33
N LYS C 276 -55.57 42.33 -5.38
CA LYS C 276 -56.02 42.88 -4.12
C LYS C 276 -56.69 44.22 -4.47
N GLU C 277 -56.31 44.80 -5.60
CA GLU C 277 -56.86 46.11 -6.01
C GLU C 277 -57.61 45.99 -7.36
N LEU C 278 -57.42 44.89 -8.08
CA LEU C 278 -58.01 44.73 -9.41
C LEU C 278 -59.48 44.31 -9.36
N ILE C 279 -59.86 43.59 -8.30
CA ILE C 279 -61.25 43.18 -8.14
C ILE C 279 -61.92 43.89 -6.95
N LYS C 280 -61.11 44.34 -5.98
CA LYS C 280 -61.66 45.03 -4.81
C LYS C 280 -62.06 46.48 -5.13
N THR C 281 -61.48 47.03 -6.18
CA THR C 281 -61.82 48.38 -6.65
C THR C 281 -63.02 48.27 -7.61
N SER C 282 -63.29 47.05 -8.07
CA SER C 282 -64.46 46.79 -8.90
C SER C 282 -65.72 46.81 -8.03
N LEU C 283 -65.55 46.51 -6.74
CA LEU C 283 -66.62 46.66 -5.76
C LEU C 283 -66.98 48.14 -5.61
N LYS C 284 -65.98 48.99 -5.77
CA LYS C 284 -66.18 50.44 -5.80
C LYS C 284 -66.52 50.92 -7.22
N ASN C 285 -67.74 50.62 -7.66
CA ASN C 285 -68.21 51.00 -8.99
C ASN C 285 -68.63 52.46 -9.06
N MET D 19 -33.15 -37.30 26.99
CA MET D 19 -31.76 -36.98 27.20
C MET D 19 -31.48 -35.69 26.45
N TYR D 20 -31.98 -35.62 25.22
CA TYR D 20 -31.64 -34.56 24.29
C TYR D 20 -31.69 -33.16 24.88
N LEU D 21 -32.87 -32.74 25.32
CA LEU D 21 -33.06 -31.41 25.85
C LEU D 21 -32.26 -31.20 27.11
N ARG D 22 -32.07 -32.26 27.88
CA ARG D 22 -31.25 -32.14 29.07
C ARG D 22 -29.82 -31.81 28.65
N ILE D 23 -29.32 -32.53 27.64
CA ILE D 23 -28.00 -32.28 27.05
C ILE D 23 -27.96 -30.93 26.35
N THR D 24 -28.95 -30.71 25.48
CA THR D 24 -29.00 -29.53 24.65
C THR D 24 -28.92 -28.28 25.51
N ASN D 25 -29.47 -28.36 26.70
CA ASN D 25 -29.49 -27.18 27.54
C ASN D 25 -28.17 -27.03 28.31
N ILE D 26 -27.40 -28.10 28.48
CA ILE D 26 -26.08 -27.89 29.05
C ILE D 26 -25.11 -27.40 27.97
N VAL D 27 -25.18 -28.00 26.78
CA VAL D 27 -24.28 -27.61 25.71
C VAL D 27 -24.49 -26.15 25.29
N GLU D 28 -25.75 -25.72 25.26
CA GLU D 28 -26.10 -24.38 24.82
C GLU D 28 -25.88 -23.31 25.89
N SER D 29 -25.42 -23.72 27.07
CA SER D 29 -25.39 -22.79 28.17
C SER D 29 -24.19 -21.84 28.14
N SER D 30 -24.31 -20.73 28.85
CA SER D 30 -23.21 -19.78 28.98
C SER D 30 -22.08 -20.36 29.84
N PHE D 31 -22.41 -21.35 30.67
CA PHE D 31 -21.39 -22.01 31.48
C PHE D 31 -20.52 -22.95 30.66
N PHE D 32 -21.14 -23.71 29.75
CA PHE D 32 -20.41 -24.70 28.95
C PHE D 32 -19.24 -24.12 28.15
N THR D 33 -19.55 -23.22 27.21
CA THR D 33 -18.54 -22.68 26.31
C THR D 33 -17.48 -21.91 27.11
N LYS D 34 -17.91 -21.29 28.19
CA LYS D 34 -17.00 -20.57 29.07
C LYS D 34 -16.00 -21.54 29.70
N PHE D 35 -16.51 -22.71 30.08
CA PHE D 35 -15.71 -23.73 30.70
C PHE D 35 -14.65 -24.23 29.70
N ILE D 36 -15.08 -24.43 28.46
CA ILE D 36 -14.20 -24.95 27.42
C ILE D 36 -13.09 -23.96 27.12
N ILE D 37 -13.48 -22.69 26.96
CA ILE D 37 -12.51 -21.64 26.72
C ILE D 37 -11.45 -21.63 27.79
N TYR D 38 -11.90 -21.63 29.04
CA TYR D 38 -11.03 -21.68 30.20
C TYR D 38 -10.06 -22.87 30.13
N LEU D 39 -10.56 -24.03 29.70
CA LEU D 39 -9.72 -25.21 29.56
C LEU D 39 -8.67 -25.02 28.47
N ILE D 40 -9.11 -24.41 27.37
CA ILE D 40 -8.27 -24.14 26.22
C ILE D 40 -7.10 -23.24 26.61
N VAL D 41 -7.41 -22.19 27.37
CA VAL D 41 -6.40 -21.24 27.80
C VAL D 41 -5.40 -21.87 28.78
N LEU D 42 -5.91 -22.72 29.66
CA LEU D 42 -5.05 -23.41 30.62
C LEU D 42 -4.16 -24.41 29.90
N ASN D 43 -4.79 -25.19 29.02
CA ASN D 43 -4.09 -26.17 28.21
C ASN D 43 -3.05 -25.53 27.30
N GLY D 44 -3.24 -24.24 27.00
CA GLY D 44 -2.33 -23.50 26.16
C GLY D 44 -1.14 -23.02 26.96
N ILE D 45 -1.39 -22.60 28.19
CA ILE D 45 -0.32 -22.22 29.10
C ILE D 45 0.47 -23.47 29.41
N THR D 46 -0.25 -24.58 29.51
CA THR D 46 0.37 -25.82 29.88
C THR D 46 1.28 -26.32 28.76
N MET D 47 0.93 -26.00 27.52
CA MET D 47 1.71 -26.50 26.39
C MET D 47 3.00 -25.72 26.21
N GLY D 48 3.00 -24.48 26.66
CA GLY D 48 4.20 -23.68 26.63
C GLY D 48 5.18 -24.16 27.68
N LEU D 49 4.68 -24.64 28.81
CA LEU D 49 5.55 -25.10 29.87
C LEU D 49 6.24 -26.42 29.47
N GLU D 50 5.57 -27.23 28.66
CA GLU D 50 6.16 -28.48 28.19
C GLU D 50 7.28 -28.28 27.18
N THR D 51 7.64 -27.02 26.98
CA THR D 51 8.64 -26.62 26.02
C THR D 51 9.98 -26.59 26.72
N SER D 52 9.89 -26.41 28.03
CA SER D 52 11.03 -26.42 28.91
C SER D 52 11.29 -27.76 29.56
N LYS D 53 12.26 -28.49 29.02
CA LYS D 53 12.69 -29.78 29.58
C LYS D 53 13.04 -29.67 31.08
N THR D 54 13.57 -28.53 31.50
CA THR D 54 13.71 -28.25 32.91
C THR D 54 12.38 -28.46 33.66
N PHE D 55 11.34 -27.77 33.21
CA PHE D 55 9.99 -27.91 33.78
C PHE D 55 9.49 -29.36 33.73
N MET D 56 9.79 -30.05 32.64
CA MET D 56 9.24 -31.38 32.44
C MET D 56 9.80 -32.45 33.38
N GLN D 57 11.04 -32.28 33.81
CA GLN D 57 11.65 -33.24 34.71
C GLN D 57 11.23 -32.96 36.16
N SER D 58 10.59 -31.81 36.37
CA SER D 58 10.20 -31.38 37.70
C SER D 58 8.70 -31.30 37.91
N PHE D 59 7.93 -31.33 36.82
CA PHE D 59 6.48 -31.19 36.90
C PHE D 59 5.78 -31.89 35.74
N GLY D 60 6.56 -32.51 34.85
CA GLY D 60 6.03 -33.13 33.65
C GLY D 60 4.87 -34.11 33.80
N VAL D 61 4.84 -34.82 34.94
CA VAL D 61 3.80 -35.82 35.19
C VAL D 61 2.43 -35.18 35.50
N TYR D 62 2.47 -34.02 36.16
CA TYR D 62 1.28 -33.21 36.41
C TYR D 62 0.63 -32.73 35.09
N THR D 63 1.45 -32.35 34.13
CA THR D 63 0.93 -31.77 32.90
C THR D 63 0.75 -32.82 31.81
N THR D 64 1.37 -33.98 31.96
CA THR D 64 1.18 -35.02 30.94
C THR D 64 -0.20 -35.64 31.04
N LEU D 65 -0.82 -35.57 32.21
CA LEU D 65 -2.17 -36.07 32.37
C LEU D 65 -3.19 -34.94 32.41
N PHE D 66 -2.76 -33.73 32.78
CA PHE D 66 -3.62 -32.56 32.60
C PHE D 66 -4.00 -32.53 31.15
N ASN D 67 -2.99 -32.74 30.32
CA ASN D 67 -3.20 -32.94 28.90
C ASN D 67 -4.24 -34.00 28.62
N GLN D 68 -3.99 -35.21 29.14
CA GLN D 68 -4.80 -36.38 28.78
C GLN D 68 -6.27 -36.24 29.17
N ILE D 69 -6.57 -35.54 30.27
CA ILE D 69 -7.96 -35.35 30.70
C ILE D 69 -8.64 -34.14 30.05
N VAL D 70 -7.85 -33.20 29.54
CA VAL D 70 -8.41 -32.07 28.80
C VAL D 70 -8.92 -32.62 27.47
N ILE D 71 -8.15 -33.51 26.86
CA ILE D 71 -8.58 -34.06 25.58
C ILE D 71 -9.77 -34.98 25.80
N THR D 72 -9.90 -35.49 27.02
CA THR D 72 -11.06 -36.30 27.34
C THR D 72 -12.30 -35.42 27.36
N ILE D 73 -12.20 -34.31 28.09
CA ILE D 73 -13.29 -33.37 28.17
C ILE D 73 -13.68 -32.84 26.78
N PHE D 74 -12.69 -32.53 25.96
CA PHE D 74 -12.95 -32.06 24.61
C PHE D 74 -13.62 -33.13 23.76
N THR D 75 -13.25 -34.38 23.98
CA THR D 75 -13.84 -35.48 23.21
C THR D 75 -15.33 -35.59 23.55
N ILE D 76 -15.62 -35.51 24.84
CA ILE D 76 -16.98 -35.58 25.33
C ILE D 76 -17.77 -34.40 24.78
N GLU D 77 -17.25 -33.19 24.96
CA GLU D 77 -17.87 -32.00 24.40
C GLU D 77 -18.18 -32.15 22.93
N ILE D 78 -17.25 -32.72 22.17
CA ILE D 78 -17.46 -32.88 20.75
C ILE D 78 -18.66 -33.79 20.50
N ILE D 79 -18.73 -34.86 21.27
CA ILE D 79 -19.79 -35.87 21.16
C ILE D 79 -21.19 -35.31 21.45
N LEU D 80 -21.32 -34.61 22.57
CA LEU D 80 -22.57 -33.96 22.94
C LEU D 80 -23.03 -33.03 21.85
N ARG D 81 -22.12 -32.16 21.41
CA ARG D 81 -22.42 -31.17 20.38
C ARG D 81 -22.90 -31.80 19.06
N ILE D 82 -22.42 -33.00 18.77
CA ILE D 82 -22.89 -33.72 17.60
C ILE D 82 -24.35 -34.16 17.82
N TYR D 83 -24.66 -34.65 19.02
CA TYR D 83 -26.05 -35.02 19.35
C TYR D 83 -27.00 -33.81 19.33
N VAL D 84 -26.59 -32.74 20.00
CA VAL D 84 -27.34 -31.50 20.00
C VAL D 84 -27.54 -30.89 18.59
N HIS D 85 -26.58 -31.05 17.69
CA HIS D 85 -26.70 -30.38 16.37
C HIS D 85 -26.90 -31.34 15.21
N ARG D 86 -26.66 -32.62 15.46
CA ARG D 86 -26.82 -33.66 14.46
C ARG D 86 -26.17 -33.26 13.14
N ILE D 87 -26.82 -33.51 12.02
CA ILE D 87 -26.17 -33.29 10.74
C ILE D 87 -25.72 -31.83 10.49
N SER D 88 -26.27 -30.87 11.22
CA SER D 88 -25.87 -29.49 10.96
C SER D 88 -24.47 -29.18 11.54
N PHE D 89 -23.95 -30.10 12.34
CA PHE D 89 -22.59 -30.01 12.92
C PHE D 89 -21.52 -30.13 11.84
N PHE D 90 -21.68 -31.12 10.97
CA PHE D 90 -20.71 -31.37 9.91
C PHE D 90 -20.91 -30.50 8.66
N LYS D 91 -21.78 -29.50 8.76
CA LYS D 91 -21.89 -28.47 7.71
C LYS D 91 -21.37 -27.17 8.27
N ASP D 92 -20.83 -27.24 9.48
CA ASP D 92 -20.27 -26.08 10.18
C ASP D 92 -18.74 -26.09 10.05
N PRO D 93 -18.17 -25.08 9.38
CA PRO D 93 -16.72 -25.05 9.22
C PRO D 93 -16.02 -25.03 10.58
N TRP D 94 -16.57 -24.30 11.53
CA TRP D 94 -15.94 -24.18 12.82
C TRP D 94 -16.01 -25.47 13.63
N SER D 95 -17.07 -26.23 13.43
CA SER D 95 -17.28 -27.41 14.25
C SER D 95 -16.46 -28.50 13.66
N LEU D 96 -16.44 -28.52 12.33
CA LEU D 96 -15.59 -29.41 11.57
C LEU D 96 -14.14 -29.30 12.02
N PHE D 97 -13.68 -28.06 12.18
CA PHE D 97 -12.32 -27.84 12.63
C PHE D 97 -12.10 -28.44 14.01
N ASP D 98 -12.96 -28.08 14.96
CA ASP D 98 -12.89 -28.63 16.31
C ASP D 98 -12.84 -30.14 16.26
N PHE D 99 -13.68 -30.70 15.41
CA PHE D 99 -13.72 -32.13 15.22
C PHE D 99 -12.30 -32.64 14.86
N PHE D 100 -11.75 -32.15 13.77
CA PHE D 100 -10.50 -32.71 13.26
C PHE D 100 -9.32 -32.40 14.16
N VAL D 101 -9.32 -31.21 14.74
CA VAL D 101 -8.25 -30.79 15.63
C VAL D 101 -8.28 -31.56 16.96
N VAL D 102 -9.40 -32.20 17.26
CA VAL D 102 -9.51 -32.97 18.48
C VAL D 102 -9.16 -34.41 18.11
N ALA D 103 -9.74 -34.85 17.00
CA ALA D 103 -9.51 -36.19 16.47
C ALA D 103 -8.02 -36.48 16.39
N ILE D 104 -7.25 -35.50 15.89
CA ILE D 104 -5.80 -35.56 15.80
C ILE D 104 -5.17 -35.92 17.14
N SER D 105 -5.55 -35.20 18.21
CA SER D 105 -5.02 -35.46 19.57
C SER D 105 -5.42 -36.83 20.12
N LEU D 106 -6.26 -37.56 19.39
CA LEU D 106 -6.68 -38.86 19.84
C LEU D 106 -5.78 -39.94 19.22
N VAL D 107 -5.10 -39.62 18.12
CA VAL D 107 -4.09 -40.51 17.58
C VAL D 107 -3.04 -40.75 18.66
N PRO D 108 -2.75 -42.02 18.97
CA PRO D 108 -1.91 -42.49 20.06
C PRO D 108 -0.57 -41.73 20.26
N THR D 109 -0.33 -41.28 21.51
CA THR D 109 0.79 -40.41 21.83
C THR D 109 2.14 -41.05 21.55
N SER D 110 2.11 -42.32 21.16
CA SER D 110 3.27 -43.08 20.72
C SER D 110 2.95 -43.81 19.41
N SER D 111 3.41 -43.27 18.28
CA SER D 111 3.08 -43.82 16.96
C SER D 111 4.31 -43.82 16.02
N GLY D 112 4.16 -44.42 14.83
CA GLY D 112 5.22 -44.44 13.82
C GLY D 112 5.34 -43.10 13.13
N PHE D 113 4.18 -42.49 12.84
CA PHE D 113 4.10 -41.09 12.39
C PHE D 113 4.02 -40.20 13.65
N GLU D 114 5.10 -39.44 13.90
CA GLU D 114 5.31 -38.76 15.19
C GLU D 114 5.14 -37.23 15.06
N ILE D 115 4.83 -36.80 13.86
CA ILE D 115 4.50 -35.42 13.58
C ILE D 115 3.16 -35.08 14.23
N LEU D 116 2.27 -36.07 14.27
CA LEU D 116 0.92 -35.90 14.78
C LEU D 116 0.93 -35.43 16.23
N ARG D 117 1.98 -35.77 16.96
CA ARG D 117 2.17 -35.30 18.33
C ARG D 117 2.31 -33.77 18.38
N VAL D 118 2.97 -33.21 17.37
CA VAL D 118 3.15 -31.76 17.26
C VAL D 118 1.88 -31.13 16.69
N LEU D 119 1.21 -31.86 15.82
CA LEU D 119 -0.05 -31.42 15.27
C LEU D 119 -1.10 -31.29 16.37
N ARG D 120 -0.81 -31.84 17.54
CA ARG D 120 -1.69 -31.68 18.67
C ARG D 120 -1.84 -30.23 19.14
N VAL D 121 -0.85 -29.39 18.86
CA VAL D 121 -0.83 -28.00 19.34
C VAL D 121 -1.93 -27.16 18.66
N LEU D 122 -2.36 -27.63 17.49
CA LEU D 122 -3.42 -26.95 16.74
C LEU D 122 -4.73 -26.82 17.56
N ARG D 123 -4.88 -27.59 18.63
CA ARG D 123 -6.08 -27.49 19.43
C ARG D 123 -6.18 -26.11 20.09
N LEU D 124 -5.07 -25.37 20.13
CA LEU D 124 -5.11 -24.04 20.74
C LEU D 124 -5.82 -23.10 19.82
N PHE D 125 -6.04 -23.53 18.59
CA PHE D 125 -6.81 -22.72 17.67
C PHE D 125 -8.31 -22.76 18.01
N ARG D 126 -8.71 -23.58 18.98
CA ARG D 126 -10.07 -23.59 19.45
C ARG D 126 -10.37 -22.27 20.14
N LEU D 127 -9.32 -21.60 20.59
CA LEU D 127 -9.49 -20.24 21.11
C LEU D 127 -10.11 -19.38 20.02
N VAL D 128 -9.70 -19.57 18.77
CA VAL D 128 -10.29 -18.83 17.69
C VAL D 128 -11.71 -19.30 17.49
N THR D 129 -11.91 -20.60 17.42
CA THR D 129 -13.22 -21.19 17.17
C THR D 129 -14.32 -20.71 18.14
N ALA D 130 -13.97 -20.58 19.40
CA ALA D 130 -14.96 -20.43 20.42
C ALA D 130 -15.10 -18.98 20.83
N VAL D 131 -14.29 -18.12 20.25
CA VAL D 131 -14.44 -16.71 20.58
C VAL D 131 -14.91 -15.94 19.35
N PRO D 132 -16.08 -15.29 19.47
CA PRO D 132 -16.79 -14.70 18.34
C PRO D 132 -16.10 -13.46 17.77
N GLN D 133 -15.29 -12.76 18.55
CA GLN D 133 -14.54 -11.64 18.02
C GLN D 133 -13.51 -12.19 17.03
N MET D 134 -12.87 -13.29 17.44
CA MET D 134 -11.91 -14.01 16.61
C MET D 134 -12.53 -14.58 15.34
N ARG D 135 -13.67 -15.29 15.47
CA ARG D 135 -14.40 -15.81 14.29
C ARG D 135 -14.68 -14.69 13.32
N LYS D 136 -14.99 -13.53 13.89
CA LYS D 136 -15.30 -12.34 13.12
C LYS D 136 -14.11 -12.00 12.26
N ILE D 137 -12.96 -11.78 12.91
CA ILE D 137 -11.70 -11.50 12.23
C ILE D 137 -11.36 -12.51 11.11
N VAL D 138 -11.30 -13.76 11.49
CA VAL D 138 -10.90 -14.81 10.57
C VAL D 138 -11.82 -14.82 9.38
N SER D 139 -13.10 -14.83 9.67
CA SER D 139 -14.14 -14.83 8.66
C SER D 139 -14.01 -13.66 7.69
N ALA D 140 -13.76 -12.47 8.21
CA ALA D 140 -13.48 -11.31 7.39
C ALA D 140 -12.29 -11.57 6.44
N LEU D 141 -11.19 -12.08 7.01
CA LEU D 141 -10.04 -12.47 6.22
C LEU D 141 -10.38 -13.43 5.10
N ILE D 142 -11.01 -14.55 5.43
CA ILE D 142 -11.40 -15.53 4.42
C ILE D 142 -12.27 -14.90 3.32
N SER D 143 -13.02 -13.86 3.66
CA SER D 143 -14.04 -13.35 2.74
C SER D 143 -13.39 -12.78 1.47
N VAL D 144 -12.12 -12.40 1.56
CA VAL D 144 -11.48 -11.82 0.38
C VAL D 144 -10.90 -12.88 -0.56
N ILE D 145 -10.83 -14.11 -0.09
CA ILE D 145 -10.12 -15.12 -0.88
C ILE D 145 -10.88 -15.65 -2.12
N PRO D 146 -12.17 -16.04 -1.99
CA PRO D 146 -12.82 -16.56 -3.21
C PRO D 146 -12.65 -15.70 -4.48
N GLY D 147 -12.71 -14.38 -4.34
CA GLY D 147 -12.47 -13.50 -5.47
C GLY D 147 -11.03 -13.41 -5.93
N MET D 148 -10.11 -14.01 -5.17
CA MET D 148 -8.70 -14.02 -5.59
C MET D 148 -8.29 -15.30 -6.33
N LEU D 149 -9.09 -16.36 -6.19
CA LEU D 149 -8.71 -17.66 -6.74
C LEU D 149 -8.23 -17.58 -8.20
N SER D 150 -8.92 -16.84 -9.06
CA SER D 150 -8.46 -16.77 -10.45
C SER D 150 -7.02 -16.17 -10.56
N VAL D 151 -6.73 -15.14 -9.79
CA VAL D 151 -5.41 -14.55 -9.77
C VAL D 151 -4.37 -15.49 -9.08
N ILE D 152 -4.72 -16.13 -7.95
CA ILE D 152 -3.95 -17.26 -7.42
C ILE D 152 -3.60 -18.26 -8.54
N ALA D 153 -4.60 -18.65 -9.31
CA ALA D 153 -4.44 -19.56 -10.44
C ALA D 153 -3.48 -19.03 -11.49
N LEU D 154 -3.70 -17.79 -11.92
CA LEU D 154 -2.83 -17.20 -12.93
C LEU D 154 -1.40 -17.22 -12.44
N MET D 155 -1.22 -16.84 -11.19
CA MET D 155 0.08 -16.82 -10.58
C MET D 155 0.78 -18.21 -10.48
N THR D 156 0.04 -19.24 -10.07
CA THR D 156 0.59 -20.56 -9.90
C THR D 156 1.00 -21.10 -11.26
N LEU D 157 0.21 -20.78 -12.27
CA LEU D 157 0.56 -21.17 -13.63
C LEU D 157 1.83 -20.41 -14.07
N PHE D 158 1.95 -19.17 -13.65
CA PHE D 158 3.15 -18.42 -13.94
C PHE D 158 4.42 -19.06 -13.26
N PHE D 159 4.27 -19.45 -12.00
CA PHE D 159 5.33 -20.06 -11.25
C PHE D 159 5.73 -21.38 -11.93
N TYR D 160 4.73 -22.11 -12.40
CA TYR D 160 4.97 -23.47 -12.93
C TYR D 160 5.69 -23.46 -14.25
N ILE D 161 5.35 -22.49 -15.09
CA ILE D 161 6.01 -22.38 -16.37
C ILE D 161 7.47 -22.01 -16.15
N PHE D 162 7.70 -21.08 -15.22
CA PHE D 162 9.05 -20.63 -14.98
C PHE D 162 9.86 -21.70 -14.21
N ALA D 163 9.19 -22.48 -13.40
CA ALA D 163 9.88 -23.55 -12.70
C ALA D 163 10.37 -24.61 -13.70
N ILE D 164 9.59 -24.85 -14.74
CA ILE D 164 9.97 -25.82 -15.78
C ILE D 164 11.17 -25.27 -16.54
N MET D 165 11.08 -24.01 -16.95
CA MET D 165 12.18 -23.36 -17.67
C MET D 165 13.46 -23.32 -16.82
N ALA D 166 13.33 -22.92 -15.56
CA ALA D 166 14.50 -22.78 -14.72
C ALA D 166 15.22 -24.13 -14.52
N THR D 167 14.43 -25.20 -14.39
CA THR D 167 14.96 -26.55 -14.20
C THR D 167 15.73 -27.01 -15.42
N GLN D 168 15.26 -26.68 -16.62
CA GLN D 168 15.97 -27.08 -17.82
C GLN D 168 17.18 -26.21 -18.04
N LEU D 169 17.13 -24.98 -17.57
CA LEU D 169 18.20 -24.04 -17.86
C LEU D 169 19.34 -24.17 -16.85
N PHE D 170 19.02 -24.42 -15.57
CA PHE D 170 19.96 -24.22 -14.48
C PHE D 170 20.12 -25.45 -13.60
N GLY D 171 19.32 -26.49 -13.78
CA GLY D 171 19.38 -27.63 -12.86
C GLY D 171 20.60 -28.56 -12.94
N GLU D 172 21.28 -28.51 -14.08
CA GLU D 172 22.42 -29.38 -14.30
C GLU D 172 23.60 -28.90 -13.45
N ARG D 173 23.86 -27.60 -13.52
CA ARG D 173 25.01 -27.00 -12.88
C ARG D 173 24.64 -26.48 -11.51
N PHE D 174 23.34 -26.32 -11.28
CA PHE D 174 22.91 -25.89 -9.97
C PHE D 174 21.80 -26.75 -9.39
N PRO D 175 22.11 -28.03 -9.16
CA PRO D 175 21.09 -28.93 -8.63
C PRO D 175 20.44 -28.48 -7.33
N GLU D 176 21.18 -27.87 -6.42
CA GLU D 176 20.57 -27.51 -5.13
C GLU D 176 19.31 -26.60 -5.29
N TRP D 177 19.39 -25.61 -6.19
CA TRP D 177 18.40 -24.54 -6.41
C TRP D 177 17.35 -24.82 -7.49
N PHE D 178 17.73 -25.61 -8.47
CA PHE D 178 16.97 -25.83 -9.68
C PHE D 178 17.03 -27.26 -10.18
N GLY D 179 17.52 -28.19 -9.37
CA GLY D 179 17.73 -29.56 -9.83
C GLY D 179 16.46 -30.27 -10.29
N THR D 180 15.38 -29.84 -9.72
CA THR D 180 14.13 -30.55 -9.74
C THR D 180 13.04 -29.48 -9.81
N LEU D 181 11.90 -29.78 -10.43
CA LEU D 181 10.80 -28.82 -10.51
C LEU D 181 10.44 -28.31 -9.14
N GLY D 182 10.34 -29.22 -8.17
CA GLY D 182 10.02 -28.80 -6.83
C GLY D 182 11.06 -27.85 -6.28
N GLU D 183 12.30 -28.07 -6.66
CA GLU D 183 13.36 -27.22 -6.23
C GLU D 183 13.27 -25.84 -6.87
N SER D 184 13.12 -25.79 -8.19
CA SER D 184 12.93 -24.51 -8.84
C SER D 184 11.67 -23.77 -8.30
N PHE D 185 10.68 -24.54 -7.87
CA PHE D 185 9.49 -23.92 -7.31
C PHE D 185 9.89 -23.19 -6.07
N TYR D 186 10.57 -23.91 -5.18
CA TYR D 186 11.06 -23.34 -3.93
C TYR D 186 11.95 -22.11 -4.16
N THR D 187 12.93 -22.22 -5.05
CA THR D 187 13.78 -21.06 -5.30
C THR D 187 13.00 -19.87 -5.89
N LEU D 188 12.06 -20.12 -6.81
CA LEU D 188 11.31 -19.01 -7.39
C LEU D 188 10.50 -18.29 -6.32
N PHE D 189 9.97 -19.04 -5.35
CA PHE D 189 9.28 -18.38 -4.25
C PHE D 189 10.23 -17.50 -3.47
N GLN D 190 11.44 -18.02 -3.22
CA GLN D 190 12.47 -17.27 -2.49
C GLN D 190 12.72 -15.95 -3.22
N VAL D 191 12.87 -16.05 -4.54
CA VAL D 191 13.17 -14.88 -5.33
C VAL D 191 11.99 -13.92 -5.28
N MET D 192 10.76 -14.45 -5.31
CA MET D 192 9.58 -13.63 -5.15
C MET D 192 9.59 -12.82 -3.86
N THR D 193 9.92 -13.47 -2.73
CA THR D 193 10.02 -12.71 -1.48
C THR D 193 11.25 -11.78 -1.42
N LEU D 194 11.99 -11.68 -2.53
CA LEU D 194 13.12 -10.78 -2.65
C LEU D 194 14.26 -11.13 -1.62
N ASP D 195 14.28 -12.40 -1.21
CA ASP D 195 15.15 -12.91 -0.16
C ASP D 195 16.52 -13.38 -0.64
N ASP D 196 17.54 -12.53 -0.44
CA ASP D 196 18.88 -12.85 -0.87
C ASP D 196 18.89 -13.38 -2.32
N TRP D 197 18.15 -12.72 -3.21
CA TRP D 197 17.99 -13.19 -4.60
C TRP D 197 19.21 -12.85 -5.48
N SER D 198 19.78 -11.65 -5.37
CA SER D 198 20.98 -11.36 -6.17
C SER D 198 22.40 -11.93 -5.66
N ASN D 199 22.97 -11.53 -4.52
CA ASN D 199 24.27 -12.17 -4.09
C ASN D 199 24.06 -13.66 -3.81
N GLY D 200 22.86 -14.04 -3.39
CA GLY D 200 22.60 -15.40 -2.97
C GLY D 200 22.21 -16.40 -4.04
N ILE D 201 21.55 -15.95 -5.11
CA ILE D 201 21.11 -16.85 -6.18
C ILE D 201 21.59 -16.44 -7.56
N VAL D 202 21.22 -15.25 -8.07
CA VAL D 202 21.48 -15.04 -9.52
C VAL D 202 22.88 -14.52 -9.84
N ARG D 203 23.55 -13.81 -8.94
CA ARG D 203 24.98 -13.51 -9.16
C ARG D 203 25.78 -14.81 -9.32
N PRO D 204 25.56 -15.78 -8.40
CA PRO D 204 26.21 -17.09 -8.64
C PRO D 204 25.79 -17.75 -9.96
N LEU D 205 24.52 -17.70 -10.33
CA LEU D 205 24.14 -18.25 -11.63
C LEU D 205 24.87 -17.58 -12.79
N MET D 206 25.00 -16.26 -12.74
CA MET D 206 25.58 -15.49 -13.82
C MET D 206 27.06 -15.76 -14.01
N GLU D 207 27.72 -16.34 -13.01
CA GLU D 207 29.12 -16.68 -13.19
C GLU D 207 29.29 -17.82 -14.20
N VAL D 208 28.30 -18.71 -14.29
CA VAL D 208 28.20 -19.70 -15.36
C VAL D 208 27.27 -19.23 -16.49
N TYR D 209 26.17 -18.58 -16.15
CA TYR D 209 25.19 -18.16 -17.17
C TYR D 209 25.00 -16.68 -17.17
N PRO D 210 25.83 -15.96 -17.94
CA PRO D 210 25.78 -14.49 -17.86
C PRO D 210 24.42 -13.88 -18.19
N TYR D 211 23.51 -14.57 -18.87
CA TYR D 211 22.21 -13.93 -19.14
C TYR D 211 21.12 -14.33 -18.17
N ALA D 212 21.48 -15.02 -17.09
CA ALA D 212 20.50 -15.46 -16.09
C ALA D 212 19.57 -14.30 -15.63
N TRP D 213 20.09 -13.08 -15.63
CA TRP D 213 19.31 -11.89 -15.25
C TRP D 213 18.14 -11.61 -16.19
N VAL D 214 18.21 -12.09 -17.42
CA VAL D 214 17.11 -11.92 -18.36
C VAL D 214 15.97 -12.87 -18.00
N PHE D 215 16.28 -13.88 -17.19
CA PHE D 215 15.24 -14.75 -16.62
C PHE D 215 14.67 -14.15 -15.32
N PHE D 216 15.52 -13.89 -14.34
CA PHE D 216 14.98 -13.50 -13.02
C PHE D 216 14.48 -12.06 -12.88
N ILE D 217 15.00 -11.11 -13.65
CA ILE D 217 14.50 -9.76 -13.45
C ILE D 217 13.10 -9.55 -14.07
N PRO D 218 12.85 -10.07 -15.28
CA PRO D 218 11.43 -10.06 -15.67
C PRO D 218 10.59 -10.80 -14.65
N PHE D 219 11.03 -11.97 -14.19
CA PHE D 219 10.28 -12.69 -13.17
C PHE D 219 9.93 -11.79 -12.01
N ILE D 220 10.87 -10.96 -11.58
CA ILE D 220 10.66 -10.14 -10.39
C ILE D 220 9.66 -9.01 -10.69
N PHE D 221 9.73 -8.46 -11.90
CA PHE D 221 8.78 -7.45 -12.29
C PHE D 221 7.35 -7.98 -12.31
N VAL D 222 7.14 -9.14 -12.94
CA VAL D 222 5.80 -9.68 -13.04
C VAL D 222 5.24 -9.98 -11.67
N VAL D 223 5.90 -10.81 -10.86
CA VAL D 223 5.30 -11.20 -9.58
C VAL D 223 5.05 -9.97 -8.72
N THR D 224 5.85 -8.94 -8.86
CA THR D 224 5.67 -7.78 -7.99
C THR D 224 4.52 -6.92 -8.50
N PHE D 225 4.45 -6.81 -9.82
CA PHE D 225 3.37 -6.12 -10.47
C PHE D 225 2.01 -6.73 -10.12
N VAL D 226 1.94 -8.05 -10.20
CA VAL D 226 0.69 -8.74 -9.92
C VAL D 226 0.27 -8.53 -8.47
N MET D 227 1.23 -8.61 -7.56
CA MET D 227 0.94 -8.45 -6.15
C MET D 227 0.33 -7.10 -5.84
N ILE D 228 1.10 -6.04 -6.12
CA ILE D 228 0.64 -4.68 -5.90
C ILE D 228 -0.77 -4.44 -6.48
N ASN D 229 -0.95 -4.75 -7.76
CA ASN D 229 -2.21 -4.47 -8.44
C ASN D 229 -3.38 -5.26 -7.88
N LEU D 230 -3.15 -6.46 -7.37
CA LEU D 230 -4.17 -7.18 -6.65
C LEU D 230 -4.66 -6.35 -5.47
N VAL D 231 -3.73 -5.96 -4.59
CA VAL D 231 -4.00 -5.04 -3.48
C VAL D 231 -4.71 -3.76 -3.95
N VAL D 232 -4.16 -3.13 -4.98
CA VAL D 232 -4.77 -1.93 -5.52
C VAL D 232 -6.19 -2.19 -6.01
N ALA D 233 -6.37 -3.31 -6.69
CA ALA D 233 -7.67 -3.61 -7.24
C ALA D 233 -8.70 -3.84 -6.13
N ILE D 234 -8.26 -4.48 -5.04
CA ILE D 234 -9.19 -4.74 -3.93
C ILE D 234 -9.74 -3.43 -3.35
N ILE D 235 -8.82 -2.56 -2.93
CA ILE D 235 -9.14 -1.29 -2.35
C ILE D 235 -10.10 -0.54 -3.25
N VAL D 236 -9.76 -0.42 -4.53
CA VAL D 236 -10.48 0.44 -5.46
C VAL D 236 -11.84 -0.13 -5.78
N ASP D 237 -11.92 -1.45 -5.96
CA ASP D 237 -13.22 -2.03 -6.23
C ASP D 237 -14.12 -2.07 -5.01
N ALA D 238 -13.55 -2.16 -3.81
CA ALA D 238 -14.38 -2.05 -2.60
C ALA D 238 -15.05 -0.67 -2.55
N MET D 239 -14.23 0.36 -2.73
CA MET D 239 -14.69 1.73 -2.65
C MET D 239 -15.63 2.09 -3.82
N ALA D 240 -15.58 1.34 -4.92
CA ALA D 240 -16.49 1.59 -6.06
C ALA D 240 -17.91 1.08 -5.74
N ILE D 241 -17.98 0.05 -4.91
CA ILE D 241 -19.23 -0.46 -4.40
C ILE D 241 -19.74 0.48 -3.31
N LEU D 242 -18.86 0.95 -2.44
CA LEU D 242 -19.30 1.88 -1.41
C LEU D 242 -19.87 3.13 -2.04
N ASN D 243 -19.35 3.48 -3.21
CA ASN D 243 -19.81 4.66 -3.93
C ASN D 243 -21.20 4.47 -4.52
N GLN D 244 -21.39 3.35 -5.21
CA GLN D 244 -22.67 2.96 -5.77
C GLN D 244 -23.81 2.88 -4.75
N LYS D 245 -23.51 2.33 -3.58
CA LYS D 245 -24.50 2.17 -2.55
C LYS D 245 -24.87 3.53 -1.94
N GLU D 246 -23.93 4.46 -1.97
CA GLU D 246 -24.13 5.79 -1.42
C GLU D 246 -24.89 6.64 -2.42
N GLU D 247 -24.53 6.44 -3.67
CA GLU D 247 -25.11 7.13 -4.80
C GLU D 247 -26.64 6.94 -4.88
N GLN D 248 -27.10 5.71 -4.71
CA GLN D 248 -28.52 5.40 -4.79
C GLN D 248 -29.29 6.04 -3.65
N HIS D 249 -28.66 6.12 -2.48
CA HIS D 249 -29.30 6.77 -1.34
C HIS D 249 -29.50 8.24 -1.65
N ILE D 250 -28.44 8.91 -2.06
CA ILE D 250 -28.52 10.31 -2.45
C ILE D 250 -29.55 10.52 -3.56
N ILE D 251 -29.60 9.59 -4.50
CA ILE D 251 -30.45 9.72 -5.68
C ILE D 251 -31.92 9.45 -5.38
N ASP D 252 -32.20 8.50 -4.48
CA ASP D 252 -33.57 8.23 -4.03
C ASP D 252 -34.17 9.43 -3.29
N GLU D 253 -33.31 10.10 -2.53
CA GLU D 253 -33.69 11.24 -1.70
C GLU D 253 -33.89 12.46 -2.59
N VAL D 254 -33.10 12.54 -3.64
CA VAL D 254 -33.26 13.63 -4.57
C VAL D 254 -34.55 13.45 -5.39
N GLN D 255 -34.94 12.21 -5.67
CA GLN D 255 -36.11 11.96 -6.52
C GLN D 255 -37.39 11.58 -5.74
N SER D 256 -37.40 11.84 -4.45
CA SER D 256 -38.63 11.75 -3.67
C SER D 256 -38.91 13.15 -3.15
N HIS D 257 -37.85 13.95 -3.08
CA HIS D 257 -37.97 15.32 -2.64
C HIS D 257 -38.18 16.30 -3.78
N GLU D 258 -37.73 15.97 -4.98
CA GLU D 258 -37.96 16.84 -6.11
C GLU D 258 -39.20 16.34 -6.85
N ASP D 259 -39.70 15.19 -6.41
CA ASP D 259 -41.01 14.70 -6.84
C ASP D 259 -42.15 15.51 -6.20
N ASN D 260 -41.99 15.88 -4.93
CA ASN D 260 -42.99 16.70 -4.21
C ASN D 260 -43.10 18.10 -4.77
N ILE D 261 -41.96 18.77 -4.93
CA ILE D 261 -41.92 20.09 -5.54
C ILE D 261 -42.55 20.06 -6.94
N ASN D 262 -42.49 18.90 -7.58
CA ASN D 262 -43.17 18.70 -8.85
C ASN D 262 -44.66 18.46 -8.64
N ASN D 263 -44.99 17.65 -7.64
CA ASN D 263 -46.38 17.29 -7.36
C ASN D 263 -47.16 18.40 -6.64
N GLU D 264 -46.45 19.34 -6.05
CA GLU D 264 -47.08 20.42 -5.30
C GLU D 264 -47.43 21.57 -6.24
N ILE D 265 -46.61 21.76 -7.26
CA ILE D 265 -46.83 22.80 -8.25
C ILE D 265 -47.94 22.38 -9.22
N ILE D 266 -48.04 21.06 -9.48
CA ILE D 266 -49.14 20.55 -10.30
C ILE D 266 -50.48 20.76 -9.60
N LYS D 267 -50.50 20.68 -8.27
CA LYS D 267 -51.72 20.94 -7.50
C LYS D 267 -52.02 22.44 -7.46
N LEU D 268 -51.10 23.24 -7.97
CA LEU D 268 -51.31 24.68 -8.12
C LEU D 268 -51.62 25.01 -9.58
N ARG D 269 -50.95 24.31 -10.49
CA ARG D 269 -51.29 24.40 -11.90
C ARG D 269 -52.72 23.93 -12.10
N GLU D 270 -53.13 22.96 -11.28
CA GLU D 270 -54.51 22.45 -11.27
C GLU D 270 -55.48 23.41 -10.58
N GLU D 271 -55.04 24.01 -9.47
CA GLU D 271 -55.93 24.84 -8.66
C GLU D 271 -56.25 26.18 -9.31
N ILE D 272 -55.53 26.50 -10.37
CA ILE D 272 -55.80 27.70 -11.13
C ILE D 272 -56.67 27.37 -12.36
N VAL D 273 -56.58 26.15 -12.89
CA VAL D 273 -57.44 25.76 -14.02
C VAL D 273 -58.86 25.53 -13.49
N GLU D 274 -59.00 25.20 -12.21
CA GLU D 274 -60.33 25.01 -11.66
C GLU D 274 -60.87 26.36 -11.19
N LEU D 275 -59.97 27.29 -10.89
CA LEU D 275 -60.37 28.67 -10.69
C LEU D 275 -60.90 29.22 -12.01
N LYS D 276 -60.23 28.88 -13.11
CA LYS D 276 -60.54 29.44 -14.43
C LYS D 276 -61.94 29.00 -14.84
N GLU D 277 -62.26 27.72 -14.66
CA GLU D 277 -63.56 27.20 -15.09
C GLU D 277 -64.68 27.84 -14.26
N LEU D 278 -64.47 27.99 -12.96
CA LEU D 278 -65.48 28.57 -12.06
C LEU D 278 -66.09 29.84 -12.67
N ILE D 279 -65.24 30.55 -13.43
CA ILE D 279 -65.63 31.76 -14.14
C ILE D 279 -66.13 31.40 -15.56
N LYS D 280 -65.59 30.33 -16.15
CA LYS D 280 -66.11 29.78 -17.42
C LYS D 280 -67.55 29.29 -17.34
N THR D 281 -68.08 29.06 -16.15
CA THR D 281 -69.52 28.89 -16.06
C THR D 281 -70.12 30.01 -15.21
N SER D 282 -69.87 31.27 -15.58
CA SER D 282 -70.54 32.39 -14.93
C SER D 282 -71.81 32.93 -15.58
N LEU D 283 -71.75 33.26 -16.87
CA LEU D 283 -72.92 33.87 -17.48
C LEU D 283 -73.71 32.80 -18.27
N LYS D 284 -73.11 32.24 -19.34
CA LYS D 284 -73.57 30.94 -19.87
C LYS D 284 -75.05 31.06 -20.08
N ASN D 285 -75.72 30.72 -18.97
CA ASN D 285 -77.12 30.38 -18.76
C ASN D 285 -78.24 31.34 -19.20
C1 MC3 E . -1.56 9.58 24.86
C2 MC3 E . -0.11 9.76 24.37
C3 MC3 E . 0.96 9.34 25.39
C4 MC3 E . -5.31 8.92 21.57
C11 MC3 E . 3.36 9.46 25.14
C12 MC3 E . 4.30 9.69 23.95
C13 MC3 E . 5.77 9.39 24.32
C14 MC3 E . 6.59 8.76 23.16
C15 MC3 E . 6.89 9.72 21.99
C16 MC3 E . 7.59 9.00 20.79
C17 MC3 E . 6.59 8.22 19.87
C18 MC3 E . 7.32 7.47 18.72
C19 MC3 E . 7.08 8.10 17.31
O2 MC3 E . 0.02 8.97 23.23
O3 MC3 E . 2.12 8.92 24.70
O11 MC3 E . 4.03 8.59 26.01
O1P MC3 E . -4.37 8.96 24.75
O2P MC3 E . -4.81 11.26 23.78
O3P MC3 E . -2.36 10.34 23.96
O4P MC3 E . -4.09 9.32 22.15
P MC3 E . -3.97 9.98 23.70
CA CA F . 20.47 -11.29 3.27
C1 MC3 G . 10.77 -34.99 11.94
C2 MC3 G . 9.62 -34.19 11.33
C3 MC3 G . 10.18 -32.82 10.94
C4 MC3 G . 14.46 -36.73 9.62
C5 MC3 G . 15.09 -37.56 10.77
C6 MC3 G . 17.04 -36.80 11.96
C7 MC3 G . 17.20 -36.90 9.59
C8 MC3 G . 16.99 -39.02 10.64
C11 MC3 G . 9.35 -30.95 9.78
C12 MC3 G . 8.04 -30.17 9.61
C13 MC3 G . 7.00 -30.88 8.71
C14 MC3 G . 5.78 -29.99 8.40
C15 MC3 G . 5.13 -29.35 9.65
C16 MC3 G . 3.63 -29.01 9.37
C17 MC3 G . 2.97 -28.45 10.66
C18 MC3 G . 1.62 -27.72 10.45
C19 MC3 G . 1.76 -26.32 9.78
C20 MC3 G . 0.63 -26.09 8.74
C21 MC3 G . -0.24 -24.83 9.03
C22 MC3 G . -1.32 -25.04 10.14
C23 MC3 G . -2.67 -24.32 9.82
C24 MC3 G . -3.68 -24.26 11.01
C31 MC3 G . 8.34 -34.28 9.26
C32 MC3 G . 7.76 -35.29 8.25
C33 MC3 G . 6.26 -35.02 8.03
C34 MC3 G . 6.02 -34.61 6.57
C35 MC3 G . 4.53 -34.36 6.30
C36 MC3 G . 4.04 -33.05 6.96
C37 MC3 G . 2.68 -32.59 6.40
C38 MC3 G . 1.50 -32.77 7.41
C39 MC3 G . 0.21 -32.07 6.91
C40 MC3 G . -0.30 -31.01 7.93
C41 MC3 G . -1.85 -30.94 8.09
C42 MC3 G . -2.29 -29.69 8.91
C43 MC3 G . -3.61 -29.08 8.37
C44 MC3 G . -4.08 -27.85 9.20
N MC3 G . 16.60 -37.58 10.77
O2 MC3 G . 9.14 -34.93 10.22
O3 MC3 G . 9.13 -31.89 10.76
O11 MC3 G . 9.70 -31.62 8.62
O31 MC3 G . 7.31 -33.66 9.95
O1P MC3 G . 11.36 -35.53 8.68
O2P MC3 G . 11.71 -37.83 9.43
O3P MC3 G . 10.87 -36.21 11.23
O4P MC3 G . 13.39 -36.01 10.21
P MC3 G . 11.81 -36.37 9.84
C1 CPS H . -11.74 12.47 34.11
C2 CPS H . -12.32 13.42 33.74
C3 CPS H . -10.32 14.57 33.46
C4 CPS H . -9.55 15.90 33.49
C5 CPS H . -10.02 16.66 33.23
C6 CPS H . -11.49 16.72 33.77
C7 CPS H . -12.09 18.11 33.28
C8 CPS H . -10.91 18.77 32.74
C9 CPS H . -9.62 17.97 33.37
C10 CPS H . -10.06 16.52 31.64
C11 CPS H . -12.26 13.13 32.18
C12 CPS H . -12.10 11.82 35.35
C13 CPS H . -13.34 12.26 35.98
C14 CPS H . -13.73 13.15 35.64
C15 CPS H . -13.51 13.48 34.06
C16 CPS H . -14.09 14.44 33.81
C17 CPS H . -13.33 15.71 33.89
C18 CPS H . -12.19 15.64 33.67
C19 CPS H . -11.60 14.62 33.97
C20 CPS H . -8.33 18.56 32.65
C21 CPS H . -6.99 18.18 33.28
C22 CPS H . -8.40 20.12 32.52
C23 CPS H . -8.64 21.13 33.73
C24 CPS H . -8.56 20.65 35.22
C25 CPS H . -7.55 20.45 37.51
C26 CPS H . -6.91 21.32 38.66
C27 CPS H . -7.44 20.97 40.12
C28 CPS H . -8.14 23.23 40.01
C29 CPS H . -8.46 21.96 42.14
C30 CPS H . -9.92 21.66 40.30
C31 CPS H . -10.56 20.68 41.35
C32 CPS H . -12.08 20.43 41.23
N1 CPS H . -7.43 20.98 36.13
N2 CPS H . -8.48 21.95 40.66
O1 CPS H . -9.45 20.04 35.71
O2 CPS H . -13.00 12.36 37.69
O3 CPS H . -13.77 16.52 35.33
O4 CPS H . -8.93 16.09 35.13
O2S CPS H . -11.85 20.05 38.74
O3S CPS H . -14.07 21.47 39.58
O1S CPS H . -13.64 18.97 39.86
S CPS H . -12.81 20.41 39.79
C1 CPS I . -3.38 16.20 1.73
C2 CPS I . -2.44 15.49 1.74
C3 CPS I . -2.84 15.08 3.98
C4 CPS I . -2.30 14.89 5.37
C5 CPS I . -1.48 14.47 5.52
C6 CPS I . -0.43 14.80 4.42
C7 CPS I . 0.86 14.02 4.94
C8 CPS I . 0.69 13.94 6.40
C9 CPS I . -0.81 14.53 6.73
C10 CPS I . -1.75 12.91 5.36
C11 CPS I . -3.18 14.13 1.36
C12 CPS I . -3.33 17.47 1.05
C13 CPS I . -2.10 17.77 0.33
C14 CPS I . -1.29 17.18 0.51
C15 CPS I . -1.59 15.62 0.85
C16 CPS I . -0.58 15.08 1.00
C17 CPS I . -0.08 14.94 2.38
C18 CPS I . -0.86 14.79 3.20
C19 CPS I . -1.89 15.42 3.06
C20 CPS I . -1.46 13.80 8.02
C21 CPS I . -2.82 14.33 8.49
C22 CPS I . -0.60 13.89 9.31
C23 CPS I . -1.46 13.60 10.62
C24 CPS I . -1.86 12.09 10.84
C25 CPS I . -3.54 10.10 10.70
C26 CPS I . -4.98 9.58 10.36
C27 CPS I . -5.22 8.19 11.06
C28 CPS I . -6.67 6.21 11.11
C29 CPS I . -6.54 7.78 9.07
C30 CPS I . -7.66 8.30 11.12
C31 CPS I . -8.93 7.48 10.84
C32 CPS I . -10.03 7.89 11.83
N1 CPS I . -3.22 11.55 10.49
N2 CPS I . -6.50 7.57 10.54
O1 CPS I . -1.00 11.36 11.30
O2 CPS I . -1.72 19.39 0.85
O3 CPS I . 0.85 16.33 2.65
O4 CPS I . -2.24 16.51 6.09
O2S CPS I . -10.48 9.79 10.30
O3S CPS I . -12.46 9.09 12.16
O1S CPS I . -11.82 7.69 10.17
S CPS I . -11.16 8.82 11.20
C1 CPS J . -12.93 2.03 11.70
C2 CPS J . -11.80 1.76 11.55
C3 CPS J . -12.40 -0.46 11.19
C4 CPS J . -12.14 -1.93 11.49
C5 CPS J . -11.24 -2.21 11.51
C6 CPS J . -10.31 -1.21 12.24
C7 CPS J . -8.90 -1.91 12.25
C8 CPS J . -9.17 -3.31 12.01
C9 CPS J . -10.80 -3.44 12.01
C10 CPS J . -10.69 -2.20 10.01
C11 CPS J . -11.66 1.99 9.99
C12 CPS J . -13.30 3.29 12.28
C13 CPS J . -12.35 3.84 13.21
C14 CPS J . -11.48 3.31 13.33
C15 CPS J . -10.95 2.56 11.99
C16 CPS J . -9.87 2.19 12.14
C17 CPS J . -9.65 0.76 12.39
C18 CPS J . -10.43 0.03 11.94
C19 CPS J . -11.59 0.40 11.89
C20 CPS J . -11.23 -4.88 11.40
C21 CPS J . -11.31 -5.89 12.53
C22 CPS J . -10.25 -5.53 10.39
C23 CPS J . -10.57 -6.99 9.80
C24 CPS J . -10.89 -7.12 8.24
C25 CPS J . -12.86 -6.19 6.49
C26 CPS J . -12.55 -6.95 5.18
C27 CPS J . -12.52 -5.91 4.00
C28 CPS J . -11.79 -7.78 2.65
C29 CPS J . -12.65 -5.66 1.57
C30 CPS J . -14.02 -7.41 2.74
C31 CPS J . -14.75 -7.44 1.39
C32 CPS J . -16.15 -6.85 1.55
N1 CPS J . -12.14 -6.41 7.78
N2 CPS J . -12.72 -6.65 2.69
O1 CPS J . -10.16 -7.76 7.52
O2 CPS J . -13.17 3.94 14.73
O3 CPS J . -9.48 0.67 14.07
O4 CPS J . -12.70 -1.91 13.17
O2S CPS J . -15.22 -4.74 2.52
O3S CPS J . -17.91 -4.76 1.91
O1S CPS J . -16.05 -4.69 0.25
S CPS J . -16.36 -5.27 1.77
CA CA K . -18.21 9.41 -2.68
C1 MC3 L . -6.96 -5.68 -25.42
C2 MC3 L . -5.66 -5.42 -24.64
C3 MC3 L . -5.61 -6.58 -23.62
C4 MC3 L . -10.95 -5.56 -22.67
C11 MC3 L . -3.97 -8.15 -24.45
C12 MC3 L . -3.27 -9.37 -23.82
C13 MC3 L . -2.71 -10.37 -24.86
C14 MC3 L . -1.35 -11.01 -24.49
C15 MC3 L . -1.40 -11.96 -23.26
C16 MC3 L . -0.15 -12.88 -23.14
C17 MC3 L . -0.37 -14.16 -22.27
C18 MC3 L . 0.77 -14.54 -21.27
C19 MC3 L . 0.56 -13.98 -19.84
O2 MC3 L . -4.57 -5.32 -25.51
O3 MC3 L . -4.36 -7.22 -23.48
O11 MC3 L . -3.07 -7.48 -25.28
O1P MC3 L . -9.41 -7.90 -25.34
O2P MC3 L . -10.20 -5.56 -25.59
O3P MC3 L . -7.87 -6.08 -24.41
O4P MC3 L . -10.18 -6.64 -23.18
P MC3 L . -9.45 -6.54 -24.69
C1 MC3 M . 11.01 -35.66 -8.97
C2 MC3 M . 10.18 -34.43 -9.35
C3 MC3 M . 9.58 -34.61 -10.77
C4 MC3 M . 13.38 -39.39 -8.76
C11 MC3 M . 7.48 -33.78 -11.47
C12 MC3 M . 5.99 -34.14 -11.63
C13 MC3 M . 5.25 -33.20 -12.61
C14 MC3 M . 3.71 -33.24 -12.42
C15 MC3 M . 2.99 -31.92 -12.82
C16 MC3 M . 1.73 -31.59 -11.98
C17 MC3 M . 0.56 -31.13 -12.90
C18 MC3 M . 0.35 -29.59 -12.93
C19 MC3 M . -0.79 -29.13 -13.87
C20 MC3 M . -0.28 -28.18 -14.99
C21 MC3 M . -1.47 -27.41 -15.65
C22 MC3 M . -1.26 -27.24 -17.17
C23 MC3 M . -1.32 -25.75 -17.65
C24 MC3 M . -0.19 -25.40 -18.64
C31 MC3 M . 8.93 -32.84 -8.15
C32 MC3 M . 7.90 -32.70 -7.03
C33 MC3 M . 6.51 -32.55 -7.67
C34 MC3 M . 6.19 -31.06 -7.99
C35 MC3 M . 4.67 -30.80 -8.20
C36 MC3 M . 4.40 -29.73 -9.30
C37 MC3 M . 3.32 -28.68 -8.90
C38 MC3 M . 2.33 -28.33 -10.03
C39 MC3 M . 1.47 -27.06 -9.71
C40 MC3 M . 0.15 -27.03 -10.52
C41 MC3 M . -0.31 -25.64 -11.04
C42 MC3 M . -0.83 -25.69 -12.50
C43 MC3 M . -1.42 -24.34 -13.01
C44 MC3 M . -2.89 -24.06 -12.57
O2 MC3 M . 9.18 -34.20 -8.41
O3 MC3 M . 8.16 -34.73 -10.70
O11 MC3 M . 8.02 -33.75 -12.75
O31 MC3 M . 10.14 -32.20 -7.85
O1P MC3 M . 12.19 -38.06 -11.31
O2P MC3 M . 14.19 -36.83 -10.57
O3P MC3 M . 11.86 -35.86 -10.07
O4P MC3 M . 12.73 -38.13 -8.79
P MC3 M . 12.77 -37.23 -10.20
C1 MC3 N . 27.05 10.37 9.20
C2 MC3 N . 25.69 10.26 8.52
C3 MC3 N . 25.49 8.88 7.85
C4 MC3 N . 29.10 7.03 7.68
C5 MC3 N . 29.65 5.56 7.78
C6 MC3 N . 31.84 6.59 7.10
C7 MC3 N . 31.62 5.37 9.15
C8 MC3 N . 31.48 4.13 7.04
C11 MC3 N . 23.22 8.25 7.43
C12 MC3 N . 21.85 8.16 8.15
C13 MC3 N . 20.66 7.75 7.25
C14 MC3 N . 19.25 7.83 7.92
C15 MC3 N . 18.60 9.24 7.84
C16 MC3 N . 17.35 9.52 8.73
C17 MC3 N . 16.02 9.02 8.08
C18 MC3 N . 14.70 9.38 8.85
C19 MC3 N . 13.57 9.90 7.87
C20 MC3 N . 12.31 8.97 7.77
C21 MC3 N . 11.48 9.25 6.47
C22 MC3 N . 9.97 8.84 6.52
C31 MC3 N . 24.26 11.70 9.58
C32 MC3 N . 22.77 11.55 9.13
C33 MC3 N . 21.77 12.40 9.93
C34 MC3 N . 20.31 12.02 9.59
C35 MC3 N . 19.81 12.68 8.29
C36 MC3 N . 18.80 13.82 8.57
C37 MC3 N . 17.85 14.11 7.38
C38 MC3 N . 16.50 14.75 7.84
C39 MC3 N . 16.70 16.16 8.47
C40 MC3 N . 15.49 16.60 9.37
C41 MC3 N . 14.23 16.98 8.55
N MC3 N . 31.17 5.42 7.74
O2 MC3 N . 24.83 10.43 9.58
O3 MC3 N . 24.31 8.25 8.32
O11 MC3 N . 23.40 7.14 6.61
O31 MC3 N . 24.37 12.15 10.90
O1P MC3 N . 30.45 10.32 8.55
O2P MC3 N . 29.20 9.51 10.53
O3P MC3 N . 27.96 9.78 8.33
O4P MC3 N . 29.66 7.77 8.76
P MC3 N . 29.38 9.36 9.05
C1 MC3 O . 36.11 9.56 -4.52
C2 MC3 O . 34.62 9.82 -4.42
C3 MC3 O . 33.93 8.46 -4.27
C4 MC3 O . 39.52 7.97 -1.01
C5 MC3 O . 40.49 9.19 -0.93
C6 MC3 O . 42.39 8.90 0.50
C7 MC3 O . 40.18 8.83 1.50
C8 MC3 O . 40.87 10.96 0.64
C11 MC3 O . 31.97 8.24 -2.99
C12 MC3 O . 30.72 9.07 -2.62
C13 MC3 O . 30.32 10.06 -3.73
C14 MC3 O . 28.99 10.79 -3.41
C15 MC3 O . 28.47 11.66 -4.59
C16 MC3 O . 27.00 12.13 -4.42
C17 MC3 O . 26.17 11.89 -5.69
C18 MC3 O . 24.95 12.86 -5.81
C19 MC3 O . 23.61 12.21 -5.33
C20 MC3 O . 22.39 12.83 -6.07
C21 MC3 O . 21.06 12.76 -5.26
C22 MC3 O . 19.80 13.09 -6.15
C23 MC3 O . 18.43 12.85 -5.45
C24 MC3 O . 18.05 13.93 -4.40
C31 MC3 O . 34.31 11.96 -3.51
C32 MC3 O . 33.07 12.52 -2.80
C33 MC3 O . 33.43 13.04 -1.39
C34 MC3 O . 32.24 13.81 -0.76
C35 MC3 O . 31.45 14.60 -1.81
C36 MC3 O . 29.92 14.43 -1.67
C37 MC3 O . 29.11 15.65 -2.20
C38 MC3 O . 27.85 15.24 -3.01
C39 MC3 O . 26.67 16.25 -2.85
C40 MC3 O . 25.48 15.89 -3.80
C41 MC3 O . 25.60 16.51 -5.23
C42 MC3 O . 24.90 17.90 -5.42
C43 MC3 O . 23.35 17.91 -5.25
C44 MC3 O . 22.60 17.12 -6.35
N MC3 O . 41.02 9.49 0.45
O2 MC3 O . 34.37 10.58 -3.29
O3 MC3 O . 32.55 8.74 -4.16
O11 MC3 O . 32.92 8.25 -1.97
O31 MC3 O . 35.41 12.55 -2.91
O1P MC3 O . 37.24 9.93 -1.04
O2P MC3 O . 38.40 10.52 -3.21
O3P MC3 O . 36.40 8.95 -3.29
O4P MC3 O . 38.72 8.11 -2.18
P MC3 O . 37.72 9.43 -2.39
C11 MC3 P . 9.94 -4.15 -0.03
C12 MC3 P . 10.88 -3.77 -1.20
C13 MC3 P . 10.13 -3.47 -2.50
C14 MC3 P . 11.03 -3.38 -3.76
C15 MC3 P . 10.26 -3.66 -5.08
C16 MC3 P . 11.20 -3.75 -6.31
C17 MC3 P . 10.58 -4.50 -7.53
C18 MC3 P . 10.12 -3.53 -8.65
C1 CPS Q . -6.29 6.72 -14.00
C2 CPS Q . -5.40 6.03 -13.62
C3 CPS Q . -4.05 7.84 -13.08
C4 CPS Q . -2.69 8.52 -13.20
C5 CPS Q . -1.92 7.99 -13.05
C6 CPS Q . -2.04 6.57 -13.69
C7 CPS Q . -0.70 5.87 -13.25
C8 CPS Q . 0.23 6.97 -13.05
C9 CPS Q . -0.61 8.34 -13.35
C10 CPS Q . -1.87 7.72 -11.48
C11 CPS Q . -5.71 5.92 -12.06
C12 CPS Q . -6.99 6.41 -15.23
C13 CPS Q . -6.73 5.06 -15.76
C14 CPS Q . -5.82 4.69 -15.54
C15 CPS Q . -5.44 4.85 -13.98
C16 CPS Q . -4.52 4.20 -13.80
C17 CPS Q . -3.22 4.86 -13.92
C18 CPS Q . -3.18 5.97 -13.60
C19 CPS Q . -4.14 6.66 -13.79
C20 CPS Q . 0.11 9.65 -12.74
C21 CPS Q . 1.13 10.19 -13.74
C22 CPS Q . 0.92 9.51 -11.43
C23 CPS Q . 1.26 10.87 -10.68
C24 CPS Q . 1.82 10.81 -9.21
C25 CPS Q . -0.25 12.10 -8.00
C26 CPS Q . -0.36 12.83 -6.62
C27 CPS Q . -1.28 12.13 -5.56
C28 CPS Q . -0.03 13.33 -3.87
C29 CPS Q . -2.39 12.45 -3.37
C30 CPS Q . -1.95 14.36 -4.74
C31 CPS Q . -2.03 15.32 -3.53
C32 CPS Q . -3.25 16.24 -3.77
N1 CPS Q . 1.05 11.39 -8.06
N2 CPS Q . -1.40 13.02 -4.33
O1 CPS Q . 2.89 10.27 -8.95
O2 CPS Q . -6.86 5.09 -17.49
O3 CPS Q . -2.63 4.46 -15.46
O4 CPS Q . -2.67 9.10 -14.88
O2S CPS Q . -4.77 14.20 -4.03
O3S CPS Q . -5.20 16.17 -5.82
O1S CPS Q . -5.52 16.34 -3.23
S CPS Q . -4.60 15.59 -4.38
C1 CPS R . -11.27 -19.11 -50.61
C2 CPS R . -11.34 -18.06 -50.05
C3 CPS R . -13.56 -18.26 -49.33
C4 CPS R . -14.89 -17.54 -49.02
C5 CPS R . -14.86 -16.67 -48.72
C6 CPS R . -13.94 -15.85 -49.67
C7 CPS R . -14.15 -14.33 -49.23
C8 CPS R . -15.52 -14.29 -48.77
C9 CPS R . -16.01 -15.86 -48.55
C10 CPS R . -14.06 -16.66 -47.34
C11 CPS R . -11.14 -18.39 -48.50
C12 CPS R . -9.97 -19.68 -50.88
C13 CPS R . -8.87 -18.74 -50.79
C14 CPS R . -9.15 -17.82 -51.13
C15 CPS R . -10.43 -17.23 -50.33
C16 CPS R . -10.74 -16.24 -50.84
C17 CPS R . -12.01 -15.65 -50.44
C18 CPS R . -12.75 -16.34 -49.88
C19 CPS R . -12.66 -17.54 -50.09
C20 CPS R . -16.96 -15.70 -47.26
C21 CPS R . -16.99 -16.79 -46.23
C22 CPS R . -18.47 -15.48 -47.64
C23 CPS R . -19.56 -16.43 -46.96
C24 CPS R . -19.66 -17.84 -47.67
C25 CPS R . -18.13 -19.32 -49.38
C26 CPS R . -18.29 -20.63 -48.57
C27 CPS R . -19.74 -21.03 -48.94
C28 CPS R . -21.75 -21.94 -48.31
C29 CPS R . -19.60 -22.37 -47.00
C30 CPS R . -20.06 -23.39 -49.30
C31 CPS R . -19.95 -24.90 -48.89
C32 CPS R . -21.13 -25.80 -49.39
N1 CPS R . -18.48 -18.16 -48.54
N2 CPS R . -20.29 -22.27 -48.30
O1 CPS R . -20.59 -18.57 -47.49
O2 CPS R . -7.38 -19.35 -51.49
O3 CPS R . -12.72 -14.92 -51.81
O4 CPS R . -15.64 -17.47 -50.63
O2S CPS R . -22.11 -27.00 -47.32
O3S CPS R . -22.46 -28.24 -49.70
O1S CPS R . -20.29 -28.09 -48.43
S CPS R . -21.67 -27.19 -48.70
C1 MC3 S . 6.34 24.00 -7.66
C2 MC3 S . 6.95 22.81 -6.90
C3 MC3 S . 8.47 22.82 -7.11
C4 MC3 S . 5.08 24.32 -12.69
C11 MC3 S . 9.72 21.30 -8.38
C12 MC3 S . 11.02 21.59 -9.18
C13 MC3 S . 11.97 20.36 -9.24
C14 MC3 S . 13.36 20.59 -9.89
C15 MC3 S . 14.27 19.35 -9.74
C16 MC3 S . 15.00 18.89 -11.04
C17 MC3 S . 14.59 17.47 -11.51
C18 MC3 S . 15.47 16.28 -10.98
C19 MC3 S . 14.69 14.94 -10.95
O2 MC3 S . 6.62 22.91 -5.55
O3 MC3 S . 8.77 22.33 -8.40
O11 MC3 S . 9.09 20.13 -8.83
O1P MC3 S . 6.25 25.82 -10.54
O2P MC3 S . 4.18 25.10 -9.37
O3P MC3 S . 6.34 23.67 -9.04
O4P MC3 S . 5.00 23.71 -11.42
P MC3 S . 5.44 24.61 -10.09
C1 MC3 T . 30.52 -2.73 -22.46
C2 MC3 T . 29.38 -2.01 -21.74
C3 MC3 T . 29.53 -0.47 -21.90
C4 MC3 T . 34.16 -3.94 -24.73
C11 MC3 T . 28.07 1.25 -22.70
C12 MC3 T . 26.80 1.37 -23.55
C13 MC3 T . 26.28 2.83 -23.56
C14 MC3 T . 24.98 2.95 -24.41
C15 MC3 T . 24.30 4.33 -24.29
C16 MC3 T . 22.78 4.22 -24.64
C17 MC3 T . 22.04 5.58 -24.61
C18 MC3 T . 20.71 5.47 -23.80
C19 MC3 T . 19.73 6.64 -24.07
C20 MC3 T . 20.02 7.88 -23.17
C21 MC3 T . 19.21 9.09 -23.68
C22 MC3 T . 18.76 9.99 -22.51
C23 MC3 T . 19.95 10.69 -21.84
C24 MC3 T . 19.53 11.91 -20.98
C31 MC3 T . 27.05 -2.02 -21.37
C32 MC3 T . 25.70 -2.54 -21.93
C33 MC3 T . 24.48 -1.81 -21.32
C34 MC3 T . 24.05 -0.57 -22.12
C35 MC3 T . 23.14 0.38 -21.31
C36 MC3 T . 21.87 0.85 -22.06
C37 MC3 T . 21.15 2.01 -21.31
C38 MC3 T . 19.75 2.30 -21.92
C39 MC3 T . 18.76 3.02 -20.95
C40 MC3 T . 17.96 4.13 -21.71
C41 MC3 T . 17.53 5.34 -20.83
C42 MC3 T . 16.09 5.82 -21.19
C43 MC3 T . 15.85 7.34 -20.92
C44 MC3 T . 14.35 7.70 -20.96
O2 MC3 T . 28.14 -2.47 -22.16
O3 MC3 T . 28.80 0.08 -23.00
O11 MC3 T . 28.82 2.44 -22.89
O31 MC3 T . 27.26 -2.51 -20.10
O1P MC3 T . 33.14 -1.11 -24.26
O2P MC3 T . 34.22 -1.87 -22.22
O3P MC3 T . 31.63 -1.87 -22.31
O4P MC3 T . 33.10 -3.65 -23.83
P MC3 T . 33.05 -2.13 -23.15
C1 MC3 U . 12.25 -13.61 24.92
C2 MC3 U . 11.34 -13.11 23.80
C3 MC3 U . 12.11 -13.03 22.48
C4 MC3 U . 15.95 -14.99 22.96
C5 MC3 U . 17.23 -14.20 22.62
C6 MC3 U . 18.06 -14.39 24.92
C7 MC3 U . 18.37 -16.14 23.36
C8 MC3 U . 19.58 -14.08 22.91
C11 MC3 U . 10.74 -11.93 20.80
C12 MC3 U . 9.85 -12.28 19.62
C13 MC3 U . 9.05 -11.06 19.12
C14 MC3 U . 7.58 -11.49 18.93
C15 MC3 U . 6.94 -11.04 17.59
C16 MC3 U . 5.41 -11.32 17.66
C17 MC3 U . 4.54 -10.49 16.68
C18 MC3 U . 3.03 -10.53 17.06
C19 MC3 U . 2.16 -10.19 15.82
C20 MC3 U . 2.47 -8.80 15.21
C21 MC3 U . 1.16 -8.02 14.91
C31 MC3 U . 9.16 -13.54 24.40
C32 MC3 U . 7.85 -13.97 23.72
C33 MC3 U . 6.82 -12.85 23.83
C34 MC3 U . 6.56 -12.18 22.47
C35 MC3 U . 5.64 -10.96 22.64
C36 MC3 U . 4.15 -11.38 22.75
C37 MC3 U . 3.21 -10.23 22.30
C38 MC3 U . 3.87 -9.35 21.19
C39 MC3 U . 2.80 -8.52 20.41
C40 MC3 U . 3.23 -7.05 20.12
C41 MC3 U . 2.00 -6.10 20.18
N MC3 U . 18.34 -14.67 23.48
O2 MC3 U . 10.27 -13.99 23.68
O3 MC3 U . 11.16 -13.12 21.43
O11 MC3 U . 11.81 -11.29 20.20
O31 MC3 U . 9.20 -14.04 25.71
O1P MC3 U . 14.42 -14.63 26.40
O2P MC3 U . 14.65 -16.63 24.90
O3P MC3 U . 12.78 -14.84 24.48
O4P MC3 U . 15.29 -14.28 23.98
P MC3 U . 14.32 -15.15 24.98
C1 MC3 V . 23.73 -3.83 29.08
C2 MC3 V . 22.36 -3.70 28.44
C3 MC3 V . 22.65 -4.04 26.98
C4 MC3 V . 26.97 -7.73 29.44
C5 MC3 V . 28.34 -7.59 30.18
C6 MC3 V . 29.44 -6.19 28.50
C7 MC3 V . 29.47 -8.58 28.27
C8 MC3 V . 30.71 -7.70 30.12
C11 MC3 V . 20.75 -4.39 25.65
C12 MC3 V . 19.33 -4.07 26.20
C13 MC3 V . 18.79 -2.68 25.77
C14 MC3 V . 17.31 -2.34 26.15
C15 MC3 V . 16.94 -0.86 25.74
C16 MC3 V . 15.44 -0.57 25.66
C17 MC3 V . 15.08 0.91 25.30
C18 MC3 V . 13.89 0.94 24.29
C19 MC3 V . 13.01 2.21 24.43
C20 MC3 V . 11.75 2.12 23.51
C21 MC3 V . 10.69 3.24 23.79
C22 MC3 V . 9.65 3.40 22.64
C23 MC3 V . 9.20 2.02 22.05
C24 MC3 V . 7.73 1.64 22.35
C31 MC3 V . 20.70 -4.29 30.09
C32 MC3 V . 19.76 -5.45 30.48
C33 MC3 V . 18.36 -5.01 30.94
C34 MC3 V . 17.43 -4.52 29.79
C35 MC3 V . 16.05 -3.99 30.27
C36 MC3 V . 15.39 -3.10 29.21
C37 MC3 V . 14.14 -2.32 29.70
C38 MC3 V . 13.91 -1.05 28.84
C39 MC3 V . 12.41 -0.65 28.70
C40 MC3 V . 12.24 0.88 28.42
C41 MC3 V . 10.84 1.47 28.79
C42 MC3 V . 10.67 2.89 28.17
C43 MC3 V . 9.20 3.30 27.91
C44 MC3 V . 8.80 4.60 28.65
N MC3 V . 29.51 -7.48 29.26
O2 MC3 V . 21.50 -4.66 28.99
O3 MC3 V . 21.71 -3.48 26.11
O11 MC3 V . 21.19 -5.67 26.04
O31 MC3 V . 21.50 -3.99 31.21
O1P MC3 V . 23.99 -7.35 29.94
O2P MC3 V . 24.90 -5.22 31.11
O3P MC3 V . 24.17 -5.10 28.68
O4P MC3 V . 26.43 -6.42 29.41
P MC3 V . 24.85 -6.09 29.84
C31 MC3 W . 12.11 5.45 2.79
C32 MC3 W . 13.07 4.36 3.38
C33 MC3 W . 12.92 2.91 2.82
C34 MC3 W . 12.52 1.88 3.93
C35 MC3 W . 11.31 0.99 3.49
C36 MC3 W . 11.44 -0.48 3.91
C37 MC3 W . 10.13 -1.27 3.66
C38 MC3 W . 10.11 -2.67 4.32
C39 MC3 W . 10.58 -3.83 3.40
C31 MC3 X . 4.40 -4.15 11.60
C32 MC3 X . 5.39 -5.03 12.41
C33 MC3 X . 6.60 -5.53 11.54
C34 MC3 X . 6.18 -6.36 10.30
C35 MC3 X . 7.23 -6.27 9.17
C36 MC3 X . 6.63 -6.80 7.86
C37 MC3 X . 7.46 -6.45 6.61
C38 MC3 X . 6.92 -7.09 5.32
C39 MC3 X . 7.83 -6.80 4.11
C1 MC3 Y . 32.16 11.16 16.19
C2 MC3 Y . 30.81 11.75 15.82
C3 MC3 Y . 30.56 12.98 16.69
C4 MC3 Y . 34.76 10.24 18.97
C11 MC3 Y . 28.81 14.34 17.39
C12 MC3 Y . 27.28 14.45 17.52
C13 MC3 Y . 26.67 15.68 16.81
C14 MC3 Y . 25.65 16.37 17.74
C15 MC3 Y . 24.68 17.33 17.01
C16 MC3 Y . 23.19 17.14 17.41
C17 MC3 Y . 22.24 18.11 16.67
C18 MC3 Y . 20.77 17.62 16.69
C19 MC3 Y . 19.87 18.49 17.62
C20 MC3 Y . 18.43 17.91 17.80
C21 MC3 Y . 17.84 18.40 19.15
C22 MC3 Y . 16.59 17.59 19.59
C23 MC3 Y . 16.91 16.55 20.69
C24 MC3 Y . 15.76 16.40 21.73
C31 MC3 Y . 29.56 12.00 13.86
C32 MC3 Y . 29.65 12.37 12.37
C33 MC3 Y . 28.32 12.91 11.83
C34 MC3 Y . 27.14 12.80 12.84
C35 MC3 Y . 26.11 13.94 12.72
C36 MC3 Y . 24.76 13.62 13.43
C37 MC3 Y . 23.70 14.72 13.16
C38 MC3 Y . 22.24 14.23 13.28
C39 MC3 Y . 21.33 15.36 13.88
C40 MC3 Y . 19.89 15.48 13.29
C41 MC3 Y . 18.80 15.32 14.40
C42 MC3 Y . 17.43 15.99 14.06
C43 MC3 Y . 16.39 15.91 15.22
C44 MC3 Y . 15.02 16.57 14.90
O2 MC3 Y . 30.81 12.17 14.48
O3 MC3 Y . 29.18 13.07 16.92
O11 MC3 Y . 29.29 15.29 16.49
O31 MC3 Y . 29.15 10.67 14.01
O1P MC3 Y . 35.73 12.21 16.11
O2P MC3 Y . 34.49 12.95 18.13
O3P MC3 Y . 33.14 12.16 16.05
O4P MC3 Y . 34.48 10.43 17.61
P MC3 Y . 34.50 11.96 16.98
CA CA Z . 16.13 -9.00 2.20
C1 MC3 AA . -17.71 -18.34 6.90
C2 MC3 AA . -16.35 -18.97 6.64
C3 MC3 AA . -15.93 -19.56 8.00
C4 MC3 AA . -22.31 -20.79 6.59
C11 MC3 AA . -13.86 -20.70 8.32
C12 MC3 AA . -13.58 -21.59 9.55
C13 MC3 AA . -12.09 -22.01 9.66
C14 MC3 AA . -11.53 -22.12 11.11
C15 MC3 AA . -9.99 -22.31 11.23
C16 MC3 AA . -9.30 -21.52 12.39
C17 MC3 AA . -7.81 -21.13 12.16
C18 MC3 AA . -7.45 -19.66 12.57
C19 MC3 AA . -6.03 -19.15 12.10
O2 MC3 AA . -16.52 -19.94 5.65
O3 MC3 AA . -15.19 -20.76 7.85
O11 MC3 AA . -13.58 -19.36 8.64
O1P MC3 AA . -20.56 -19.05 8.71
O2P MC3 AA . -20.69 -18.20 6.36
O3P MC3 AA . -18.53 -19.47 7.11
O4P MC3 AA . -20.91 -20.75 6.75
P MC3 AA . -20.19 -19.33 7.25
C1 MC3 BA . 12.85 -21.39 29.55
C2 MC3 BA . 12.11 -20.82 28.33
C3 MC3 BA . 10.72 -21.49 28.25
C4 MC3 BA . 16.55 -23.29 31.86
C11 MC3 BA . 8.47 -20.95 28.53
C12 MC3 BA . 7.43 -20.10 29.28
C13 MC3 BA . 5.99 -20.49 28.90
C14 MC3 BA . 4.97 -19.48 29.46
C15 MC3 BA . 3.55 -19.65 28.88
C16 MC3 BA . 2.86 -18.29 28.57
C17 MC3 BA . 1.33 -18.52 28.36
C18 MC3 BA . 0.62 -17.49 27.42
C19 MC3 BA . -0.42 -18.18 26.49
C20 MC3 BA . -1.82 -17.53 26.57
C21 MC3 BA . -2.95 -18.59 26.49
C22 MC3 BA . -2.82 -19.48 25.23
C23 MC3 BA . -4.20 -20.01 24.77
C24 MC3 BA . -4.10 -20.94 23.54
C31 MC3 BA . 11.19 -18.79 27.46
C32 MC3 BA . 10.95 -17.31 27.84
C33 MC3 BA . 9.80 -16.65 27.05
C34 MC3 BA . 8.42 -17.35 27.03
C35 MC3 BA . 7.44 -16.73 25.98
C36 MC3 BA . 6.01 -16.34 26.47
C37 MC3 BA . 5.14 -15.66 25.37
C38 MC3 BA . 3.58 -15.79 25.54
C39 MC3 BA . 2.73 -14.81 24.66
C40 MC3 BA . 1.41 -15.43 24.06
C41 MC3 BA . 0.10 -14.68 24.44
C42 MC3 BA . -1.17 -15.03 23.56
C43 MC3 BA . -2.18 -13.83 23.36
C44 MC3 BA . -3.65 -14.24 23.12
O2 MC3 BA . 12.07 -19.43 28.37
O3 MC3 BA . 9.76 -20.90 29.13
O11 MC3 BA . 8.02 -22.28 28.47
O31 MC3 BA . 11.68 -18.90 26.17
O1P MC3 BA . 13.29 -23.64 31.39
O2P MC3 BA . 14.84 -24.74 29.74
O3P MC3 BA . 13.59 -22.52 29.15
O4P MC3 BA . 15.61 -22.61 31.03
P MC3 BA . 14.34 -23.41 30.32
C1 MC3 CA . 7.76 -29.96 -3.49
C2 MC3 CA . 7.11 -28.59 -3.56
C3 MC3 CA . 8.10 -27.61 -2.96
C4 MC3 CA . 11.19 -29.23 -1.37
C5 MC3 CA . 12.59 -29.00 -0.77
C6 MC3 CA . 14.22 -30.13 -2.15
C7 MC3 CA . 14.53 -30.15 0.16
C8 MC3 CA . 12.63 -31.40 -0.54
C11 MC3 CA . 7.26 -25.46 -2.61
C12 MC3 CA . 6.35 -24.45 -3.28
C13 MC3 CA . 6.76 -23.05 -2.83
C14 MC3 CA . 6.19 -22.04 -3.83
C15 MC3 CA . 4.77 -21.65 -3.43
C16 MC3 CA . 4.23 -20.48 -4.27
C17 MC3 CA . 3.85 -20.99 -5.68
C18 MC3 CA . 3.07 -19.89 -6.46
C19 MC3 CA . 1.82 -19.39 -5.68
C20 MC3 CA . 1.74 -17.84 -5.74
C21 MC3 CA . 0.33 -17.32 -5.38
C22 MC3 CA . 0.45 -15.97 -4.60
C23 MC3 CA . -0.88 -15.19 -4.49
C24 MC3 CA . -0.92 -14.09 -5.59
C31 MC3 CA . 5.55 -28.32 -5.30
C32 MC3 CA . 4.79 -27.07 -4.83
C33 MC3 CA . 3.75 -26.58 -5.88
C34 MC3 CA . 3.18 -25.18 -5.52
C35 MC3 CA . 1.65 -25.13 -5.36
C36 MC3 CA . 1.14 -23.72 -4.95
C37 MC3 CA . -0.23 -23.73 -4.21
C38 MC3 CA . -0.99 -22.37 -4.31
C39 MC3 CA . -1.12 -21.57 -2.95
C40 MC3 CA . -2.51 -20.85 -2.79
C41 MC3 CA . -3.13 -20.96 -1.36
N MC3 CA . 13.48 -30.21 -0.86
O2 MC3 CA . 6.91 -28.30 -4.90
O3 MC3 CA . 7.80 -26.35 -3.54
O11 MC3 CA . 8.29 -24.79 -1.98
O31 MC3 CA . 5.45 -28.35 -6.71
O1P MC3 CA . 9.66 -31.53 -2.32
O2P MC3 CA . 10.99 -31.46 -4.47
O3P MC3 CA . 9.03 -29.79 -4.07
O4P MC3 CA . 11.34 -29.60 -2.71
P MC3 CA . 10.28 -30.65 -3.39
C1 MC3 DA . 23.06 -5.41 -19.74
C2 MC3 DA . 21.94 -4.95 -18.81
C3 MC3 DA . 22.17 -5.59 -17.45
C4 MC3 DA . 25.41 -7.45 -16.47
C5 MC3 DA . 25.46 -8.89 -15.90
C6 MC3 DA . 26.51 -10.51 -17.33
C7 MC3 DA . 27.81 -8.62 -16.68
C8 MC3 DA . 27.21 -10.14 -14.92
C11 MC3 DA . 20.59 -4.98 -15.86
C12 MC3 DA . 19.25 -5.36 -15.22
C13 MC3 DA . 18.71 -4.15 -14.44
C14 MC3 DA . 17.39 -3.57 -14.97
C15 MC3 DA . 17.04 -2.28 -14.18
C16 MC3 DA . 15.55 -1.88 -14.10
C17 MC3 DA . 15.31 -0.47 -14.74
C18 MC3 DA . 14.53 0.52 -13.82
C19 MC3 DA . 12.99 0.55 -14.17
C20 MC3 DA . 12.11 0.90 -12.93
C21 MC3 DA . 10.59 1.05 -13.27
C22 MC3 DA . 9.65 0.74 -12.07
C23 MC3 DA . 8.26 1.41 -12.29
C31 MC3 DA . 21.32 -2.89 -19.65
C32 MC3 DA . 19.81 -3.01 -19.42
C33 MC3 DA . 19.14 -1.63 -19.28
C34 MC3 DA . 17.73 -1.81 -18.69
C35 MC3 DA . 16.61 -1.01 -19.38
C36 MC3 DA . 15.47 -0.83 -18.37
C37 MC3 DA . 14.06 -1.07 -18.98
C38 MC3 DA . 12.94 -0.65 -17.99
C39 MC3 DA . 11.55 -0.61 -18.67
C40 MC3 DA . 10.55 -1.63 -18.05
C41 MC3 DA . 9.16 -1.46 -18.73
N MC3 DA . 26.76 -9.56 -16.21
O2 MC3 DA . 22.03 -3.57 -18.65
O3 MC3 DA . 20.89 -5.85 -16.90
O11 MC3 DA . 20.46 -3.73 -16.45
O31 MC3 DA . 21.67 -1.52 -19.64
O1P MC3 DA . 25.20 -7.12 -20.22
O2P MC3 DA . 26.72 -5.92 -18.60
O3P MC3 DA . 24.26 -5.14 -19.05
O4P MC3 DA . 24.79 -7.46 -17.74
P MC3 DA . 25.30 -6.40 -18.89
C1 MC3 EA . 22.27 -21.41 -21.37
C2 MC3 EA . 21.11 -20.42 -21.34
C3 MC3 EA . 20.66 -20.24 -19.88
C4 MC3 EA . 26.84 -21.21 -21.29
C5 MC3 EA . 27.29 -22.03 -20.06
C6 MC3 EA . 26.98 -24.37 -20.50
C7 MC3 EA . 28.90 -23.67 -19.26
C8 MC3 EA . 28.94 -23.01 -21.51
C11 MC3 EA . 20.29 -18.00 -19.19
C12 MC3 EA . 19.41 -16.85 -19.69
C13 MC3 EA . 18.05 -17.37 -20.21
C14 MC3 EA . 17.17 -16.25 -20.82
C15 MC3 EA . 15.77 -16.83 -21.13
C16 MC3 EA . 14.64 -15.78 -21.02
C17 MC3 EA . 13.32 -16.47 -20.60
C18 MC3 EA . 12.37 -15.43 -19.92
C19 MC3 EA . 10.98 -15.28 -20.59
C20 MC3 EA . 10.20 -14.18 -19.78
C21 MC3 EA . 8.74 -13.97 -20.27
C22 MC3 EA . 7.91 -13.03 -19.34
C23 MC3 EA . 8.04 -11.53 -19.74
C24 MC3 EA . 6.80 -10.67 -19.41
C31 MC3 EA . 20.85 -18.69 -22.97
C32 MC3 EA . 21.12 -17.18 -23.09
C33 MC3 EA . 21.17 -16.74 -24.56
C34 MC3 EA . 19.80 -16.21 -25.02
C35 MC3 EA . 19.58 -14.74 -24.65
C36 MC3 EA . 18.23 -14.49 -23.98
C37 MC3 EA . 17.08 -15.32 -24.62
C38 MC3 EA . 15.68 -14.71 -24.32
C39 MC3 EA . 15.51 -13.31 -24.96
C40 MC3 EA . 14.05 -12.76 -24.80
C41 MC3 EA . 12.95 -13.87 -24.83
C42 MC3 EA . 11.53 -13.25 -25.03
C43 MC3 EA . 10.39 -14.33 -24.99
C44 MC3 EA . 8.99 -13.71 -24.73
N MC3 EA . 28.01 -23.29 -20.38
O2 MC3 EA . 21.55 -19.20 -21.85
O3 MC3 EA . 19.80 -19.15 -19.81
O11 MC3 EA . 21.61 -17.74 -19.57
O31 MC3 EA . 21.30 -19.30 -24.15
O1P MC3 EA . 24.50 -19.09 -21.79
O2P MC3 EA . 25.06 -20.31 -23.86
O3P MC3 EA . 23.01 -21.13 -22.54
O4P MC3 EA . 25.47 -21.51 -21.55
P MC3 EA . 24.53 -20.47 -22.44
C11 MC3 FA . 8.18 -7.96 -1.22
C12 MC3 FA . 7.92 -9.44 -0.80
C13 MC3 FA . 6.41 -9.82 -0.67
C14 MC3 FA . 6.10 -11.32 -0.98
C15 MC3 FA . 5.47 -12.05 0.22
C16 MC3 FA . 4.92 -13.47 -0.07
C17 MC3 FA . 3.65 -13.47 -0.97
C18 MC3 FA . 2.38 -14.05 -0.27
C1 CPS GA . -14.94 -6.76 -4.77
C2 CPS GA . -13.93 -7.19 -4.35
C3 CPS GA . -12.99 -7.00 -6.47
C4 CPS GA . -12.28 -7.71 -7.62
C5 CPS GA . -11.49 -8.18 -7.41
C6 CPS GA . -11.66 -9.04 -6.12
C7 CPS GA . -10.30 -9.85 -6.04
C8 CPS GA . -9.70 -9.76 -7.37
C9 CPS GA . -10.80 -9.00 -8.31
C10 CPS GA . -10.42 -7.07 -7.05
C11 CPS GA . -13.26 -5.81 -3.96
C12 CPS GA . -16.22 -7.15 -4.26
C13 CPS GA . -16.21 -8.21 -3.27
C14 CPS GA . -15.32 -8.69 -3.11
C15 CPS GA . -13.98 -7.81 -3.28
C16 CPS GA . -13.04 -8.43 -3.00
C17 CPS GA . -12.22 -9.01 -4.09
C18 CPS GA . -12.21 -8.45 -5.10
C19 CPS GA . -13.21 -7.82 -5.40
C20 CPS GA . -10.18 -8.45 -9.70
C21 CPS GA . -10.31 -9.49 -10.81
C22 CPS GA . -8.67 -8.06 -9.73
C23 CPS GA . -8.04 -7.68 -11.15
C24 CPS GA . -7.41 -6.25 -11.45
C25 CPS GA . -8.02 -3.64 -12.04
C26 CPS GA . -8.47 -2.62 -10.93
C27 CPS GA . -8.71 -1.07 -11.14
C28 CPS GA . -6.85 -0.80 -12.86
C29 CPS GA . -7.08 0.71 -10.80
C30 CPS GA . -8.53 0.97 -12.53
C31 CPS GA . -8.55 1.04 -14.09
C32 CPS GA . -9.67 2.01 -14.65
N1 CPS GA . -8.34 -5.08 -11.72
N2 CPS GA . -7.71 -0.12 -11.84
O1 CPS GA . -6.21 -6.10 -11.49
O2 CPS GA . -17.37 -9.29 -3.98
O3 CPS GA . -12.74 -10.61 -4.13
O4 CPS GA . -13.57 -8.84 -8.12
O2S CPS GA . -11.27 1.67 -12.64
O3S CPS GA . -12.04 3.54 -14.45
O1S CPS GA . -10.09 3.79 -12.93
S CPS GA . -10.90 2.57 -13.74
#